data_7AV7
#
_entry.id   7AV7
#
_cell.length_a   78.386
_cell.length_b   143.294
_cell.length_c   206.271
_cell.angle_alpha   90.000
_cell.angle_beta   90.000
_cell.angle_gamma   90.000
#
_symmetry.space_group_name_H-M   'P 21 21 21'
#
loop_
_entity.id
_entity.type
_entity.pdbx_description
1 polymer 'S-(hydroxymethyl)glutathione dehydrogenase'
2 non-polymer 'ZINC ION'
3 non-polymer NICOTINAMIDE-ADENINE-DINUCLEOTIDE
4 non-polymer 'CHLORIDE ION'
5 water water
#
_entity_poly.entity_id   1
_entity_poly.type   'polypeptide(L)'
_entity_poly.pdbx_seq_one_letter_code
;MSETAGKPIECKAAIAWEAKKPLEVRTVTVAPPGPGEVRVQIKATALCQTDAYTLGGLDPEGRFPCILGHEAAGVVESVG
EGVTSVKPGDHVIPCYQAYCGECKFCKHPESNLCVSVRAFTGKGVMKSDGKPRFTVDGKPIYHFMGTSTFSEYTVVHEQS
VAKIDVNAPLDKVCLLGCGVSTGWGAVFNTAKVTAGSTVAVFGLGAVGLAVIEAAKRAGASRIIAVDIDPTKFPTAKEFG
ATD(SNC)INPKDHEKPIQQVIVEMTEWGCDYTFECIGNTAVMRAALECAHRGWGTSVIVGVAAAGQEISTRPFQLVTGR
RWMGTAFGGYKSRVQVPDLVTDYMSGATLLDKYITHNMKFDQINEAFELLHAGECLRCVLTF
;
_entity_poly.pdbx_strand_id   A,B,C,D,E,F
#
loop_
_chem_comp.id
_chem_comp.type
_chem_comp.name
_chem_comp.formula
CL non-polymer 'CHLORIDE ION' 'Cl -1'
NAD non-polymer NICOTINAMIDE-ADENINE-DINUCLEOTIDE 'C21 H27 N7 O14 P2'
ZN non-polymer 'ZINC ION' 'Zn 2'
#
# COMPACT_ATOMS: atom_id res chain seq x y z
N SER A 2 29.19 23.35 -24.51
CA SER A 2 27.82 23.75 -24.15
C SER A 2 27.72 25.14 -23.50
N GLU A 3 26.87 25.99 -24.07
CA GLU A 3 26.69 27.36 -23.59
C GLU A 3 25.79 27.46 -22.36
N THR A 4 25.21 26.36 -21.92
CA THR A 4 24.23 26.37 -20.85
C THR A 4 24.57 25.49 -19.66
N ALA A 5 25.62 24.67 -19.73
CA ALA A 5 26.03 23.85 -18.60
C ALA A 5 26.37 24.72 -17.39
N GLY A 6 25.76 24.40 -16.24
CA GLY A 6 25.96 25.15 -15.03
C GLY A 6 25.16 26.43 -14.89
N LYS A 7 24.66 26.98 -15.97
CA LYS A 7 23.83 28.15 -15.86
C LYS A 7 22.37 27.76 -15.68
N PRO A 8 21.55 28.61 -15.06
CA PRO A 8 20.11 28.48 -15.25
C PRO A 8 19.78 28.60 -16.73
N ILE A 9 18.62 28.06 -17.12
CA ILE A 9 18.14 28.21 -18.50
C ILE A 9 16.77 28.89 -18.48
N GLU A 10 16.57 29.82 -19.41
CA GLU A 10 15.28 30.47 -19.62
C GLU A 10 14.61 29.75 -20.77
N CYS A 11 13.52 29.06 -20.49
CA CYS A 11 12.92 28.27 -21.53
C CYS A 11 11.41 28.49 -21.48
N LYS A 12 10.75 28.03 -22.53
CA LYS A 12 9.30 28.13 -22.65
C LYS A 12 8.67 26.93 -21.95
N ALA A 13 7.57 27.18 -21.25
CA ALA A 13 6.91 26.09 -20.53
C ALA A 13 5.45 26.45 -20.31
N ALA A 14 4.70 25.48 -19.79
CA ALA A 14 3.28 25.62 -19.53
C ALA A 14 3.00 25.37 -18.05
N ILE A 15 2.68 26.44 -17.31
CA ILE A 15 2.58 26.39 -15.85
C ILE A 15 1.13 26.19 -15.41
N ALA A 16 0.93 25.25 -14.49
CA ALA A 16 -0.35 25.07 -13.81
C ALA A 16 -0.29 25.92 -12.54
N TRP A 17 -0.79 27.16 -12.64
CA TRP A 17 -0.81 28.05 -11.48
C TRP A 17 -1.76 27.54 -10.41
N GLU A 18 -2.98 27.16 -10.79
CA GLU A 18 -3.92 26.55 -9.86
C GLU A 18 -4.67 25.43 -10.56
N ALA A 19 -5.40 24.66 -9.77
CA ALA A 19 -6.27 23.66 -10.36
C ALA A 19 -7.40 24.33 -11.13
N LYS A 20 -7.85 23.66 -12.19
CA LYS A 20 -9.05 23.93 -12.98
C LYS A 20 -8.99 25.22 -13.80
N LYS A 21 -7.84 25.88 -13.87
CA LYS A 21 -7.63 27.00 -14.79
C LYS A 21 -6.77 26.56 -15.97
N PRO A 22 -6.72 27.34 -17.04
CA PRO A 22 -5.82 26.99 -18.16
C PRO A 22 -4.36 27.11 -17.75
N LEU A 23 -3.50 26.42 -18.49
CA LEU A 23 -2.08 26.60 -18.25
C LEU A 23 -1.58 27.88 -18.91
N GLU A 24 -0.46 28.39 -18.44
CA GLU A 24 0.10 29.62 -19.00
C GLU A 24 1.39 29.31 -19.72
N VAL A 25 1.44 29.58 -21.03
CA VAL A 25 2.63 29.31 -21.83
C VAL A 25 3.50 30.55 -21.73
N ARG A 26 4.42 30.53 -20.77
CA ARG A 26 5.33 31.62 -20.50
C ARG A 26 6.74 31.07 -20.32
N THR A 27 7.67 31.98 -20.08
CA THR A 27 9.05 31.63 -19.83
C THR A 27 9.22 31.21 -18.38
N VAL A 28 10.10 30.22 -18.15
CA VAL A 28 10.42 29.74 -16.81
C VAL A 28 11.94 29.56 -16.71
N THR A 29 12.44 29.51 -15.47
CA THR A 29 13.86 29.38 -15.16
C THR A 29 14.14 27.98 -14.62
N VAL A 30 14.98 27.23 -15.33
CA VAL A 30 15.31 25.86 -14.94
C VAL A 30 16.75 25.84 -14.46
N ALA A 31 16.93 25.58 -13.15
CA ALA A 31 18.21 25.46 -12.46
C ALA A 31 19.13 24.48 -13.19
N PRO A 32 20.42 24.48 -12.92
CA PRO A 32 21.27 23.41 -13.45
C PRO A 32 21.13 22.16 -12.60
N PRO A 33 21.50 21.00 -13.14
CA PRO A 33 21.29 19.74 -12.40
C PRO A 33 22.18 19.63 -11.17
N GLY A 34 21.55 19.41 -10.02
CA GLY A 34 22.27 19.07 -8.82
C GLY A 34 22.84 17.67 -8.89
N PRO A 35 23.40 17.19 -7.79
CA PRO A 35 24.02 15.86 -7.78
C PRO A 35 23.02 14.77 -8.16
N GLY A 36 23.50 13.80 -8.95
CA GLY A 36 22.66 12.69 -9.39
C GLY A 36 21.50 13.08 -10.28
N GLU A 37 21.41 14.36 -10.63
CA GLU A 37 20.35 14.90 -11.47
C GLU A 37 20.80 15.04 -12.92
N VAL A 38 19.82 15.28 -13.79
CA VAL A 38 19.98 15.27 -15.25
C VAL A 38 19.03 16.28 -15.91
N ARG A 39 19.58 17.22 -16.67
CA ARG A 39 18.77 18.20 -17.38
C ARG A 39 18.65 17.80 -18.85
N VAL A 40 17.42 17.88 -19.37
CA VAL A 40 17.04 17.21 -20.60
C VAL A 40 16.27 18.18 -21.48
N GLN A 41 16.73 18.35 -22.73
CA GLN A 41 16.00 19.13 -23.73
C GLN A 41 14.84 18.30 -24.30
N ILE A 42 13.61 18.77 -24.06
CA ILE A 42 12.46 17.99 -24.51
C ILE A 42 12.19 18.32 -25.97
N LYS A 43 12.24 17.31 -26.83
CA LYS A 43 12.00 17.49 -28.25
C LYS A 43 10.58 17.13 -28.68
N ALA A 44 9.88 16.28 -27.95
CA ALA A 44 8.47 16.03 -28.17
C ALA A 44 7.88 15.59 -26.84
N THR A 45 6.60 15.90 -26.63
CA THR A 45 5.92 15.52 -25.40
C THR A 45 4.45 15.26 -25.73
N ALA A 46 3.84 14.35 -24.97
CA ALA A 46 2.47 13.97 -25.22
C ALA A 46 1.59 14.19 -24.00
N LEU A 47 0.29 14.24 -24.26
CA LEU A 47 -0.73 14.45 -23.22
C LEU A 47 -1.34 13.12 -22.81
N CYS A 48 -1.58 12.98 -21.52
CA CYS A 48 -2.33 11.87 -20.97
C CYS A 48 -3.50 12.40 -20.19
N GLN A 49 -4.51 11.56 -19.97
CA GLN A 49 -5.54 12.02 -19.06
C GLN A 49 -5.05 11.95 -17.61
N THR A 50 -3.94 11.27 -17.35
CA THR A 50 -3.30 11.43 -16.04
C THR A 50 -2.93 12.90 -15.81
N ASP A 51 -2.40 13.58 -16.83
CA ASP A 51 -2.14 15.02 -16.70
C ASP A 51 -3.44 15.81 -16.44
N ALA A 52 -4.52 15.48 -17.17
CA ALA A 52 -5.80 16.19 -17.00
C ALA A 52 -6.35 16.03 -15.59
N TYR A 53 -6.35 14.79 -15.08
CA TYR A 53 -6.92 14.50 -13.76
C TYR A 53 -6.25 15.30 -12.65
N THR A 54 -4.95 15.53 -12.76
CA THR A 54 -4.29 16.39 -11.78
C THR A 54 -4.59 17.86 -12.04
N LEU A 55 -4.56 18.27 -13.31
CA LEU A 55 -4.89 19.65 -13.65
C LEU A 55 -6.33 19.98 -13.27
N GLY A 56 -7.20 18.97 -13.32
CA GLY A 56 -8.60 19.11 -12.96
C GLY A 56 -8.87 19.30 -11.48
N GLY A 57 -7.84 19.19 -10.64
CA GLY A 57 -8.00 19.37 -9.21
C GLY A 57 -8.51 18.16 -8.47
N LEU A 58 -8.40 16.97 -9.07
CA LEU A 58 -8.90 15.74 -8.46
C LEU A 58 -7.81 14.93 -7.77
N ASP A 59 -6.54 15.33 -7.88
CA ASP A 59 -5.42 14.64 -7.22
C ASP A 59 -5.35 15.06 -5.75
N PRO A 60 -5.31 14.11 -4.80
CA PRO A 60 -4.95 14.50 -3.43
C PRO A 60 -3.48 14.86 -3.32
N GLU A 61 -2.64 14.17 -4.09
CA GLU A 61 -1.20 14.37 -4.17
C GLU A 61 -0.82 15.67 -4.91
N GLY A 62 -1.80 16.48 -5.32
CA GLY A 62 -1.51 17.64 -6.15
C GLY A 62 -0.80 18.75 -5.40
N ARG A 63 0.01 19.51 -6.13
CA ARG A 63 0.79 20.60 -5.55
C ARG A 63 0.88 21.72 -6.57
N PHE A 64 0.40 22.90 -6.22
CA PHE A 64 0.47 23.97 -7.21
C PHE A 64 1.28 25.13 -6.67
N PRO A 65 1.94 25.90 -7.54
CA PRO A 65 2.01 25.68 -8.99
C PRO A 65 2.88 24.47 -9.36
N CYS A 66 2.74 23.97 -10.58
CA CYS A 66 3.52 22.82 -11.03
C CYS A 66 3.58 22.84 -12.56
N ILE A 67 4.39 21.92 -13.11
CA ILE A 67 4.57 21.78 -14.55
C ILE A 67 4.28 20.32 -14.87
N LEU A 68 3.10 20.07 -15.42
CA LEU A 68 2.65 18.70 -15.67
C LEU A 68 3.39 18.13 -16.88
N GLY A 69 2.95 16.98 -17.37
CA GLY A 69 3.59 16.30 -18.49
C GLY A 69 4.46 15.15 -18.01
N HIS A 70 4.30 13.98 -18.64
CA HIS A 70 5.08 12.82 -18.20
C HIS A 70 5.35 11.85 -19.34
N GLU A 71 4.87 12.11 -20.54
CA GLU A 71 5.20 11.31 -21.71
C GLU A 71 6.04 12.20 -22.64
N ALA A 72 7.36 12.00 -22.64
CA ALA A 72 8.20 12.81 -23.49
C ALA A 72 9.44 12.03 -23.93
N ALA A 73 10.15 12.58 -24.90
CA ALA A 73 11.45 12.10 -25.31
C ALA A 73 12.31 13.32 -25.59
N GLY A 74 13.62 13.15 -25.45
CA GLY A 74 14.49 14.30 -25.61
C GLY A 74 15.95 13.95 -25.48
N VAL A 75 16.75 14.97 -25.16
CA VAL A 75 18.20 14.96 -25.32
C VAL A 75 18.86 15.54 -24.07
N VAL A 76 19.84 14.82 -23.52
CA VAL A 76 20.57 15.31 -22.36
C VAL A 76 21.34 16.58 -22.73
N GLU A 77 21.05 17.67 -22.02
CA GLU A 77 21.80 18.92 -22.15
C GLU A 77 23.04 18.94 -21.26
N SER A 78 22.88 18.63 -19.97
CA SER A 78 24.00 18.52 -19.04
C SER A 78 23.66 17.46 -18.00
N VAL A 79 24.69 17.01 -17.26
CA VAL A 79 24.46 16.06 -16.18
C VAL A 79 25.09 16.59 -14.90
N GLY A 80 24.48 16.26 -13.76
CA GLY A 80 24.98 16.67 -12.47
C GLY A 80 26.13 15.80 -11.95
N GLU A 81 26.57 16.11 -10.73
CA GLU A 81 27.70 15.40 -10.16
C GLU A 81 27.39 13.92 -9.99
N GLY A 82 28.36 13.06 -10.32
CA GLY A 82 28.24 11.64 -10.15
C GLY A 82 27.61 10.89 -11.31
N VAL A 83 26.90 11.60 -12.19
CA VAL A 83 26.10 10.99 -13.23
C VAL A 83 27.03 10.42 -14.29
N THR A 84 27.03 9.10 -14.42
CA THR A 84 27.79 8.43 -15.47
C THR A 84 26.94 7.66 -16.46
N SER A 85 25.70 7.33 -16.12
CA SER A 85 24.91 6.45 -16.97
C SER A 85 24.54 7.09 -18.30
N VAL A 86 24.50 8.43 -18.37
CA VAL A 86 24.17 9.17 -19.59
C VAL A 86 25.14 10.36 -19.71
N LYS A 87 25.09 11.05 -20.83
CA LYS A 87 26.00 12.17 -21.06
C LYS A 87 25.36 13.14 -22.04
N PRO A 88 25.88 14.36 -22.13
CA PRO A 88 25.30 15.34 -23.07
C PRO A 88 25.23 14.81 -24.50
N GLY A 89 24.07 14.99 -25.14
CA GLY A 89 23.79 14.44 -26.43
C GLY A 89 23.03 13.12 -26.44
N ASP A 90 23.04 12.37 -25.34
CA ASP A 90 22.29 11.12 -25.30
C ASP A 90 20.79 11.37 -25.51
N HIS A 91 20.15 10.51 -26.28
CA HIS A 91 18.70 10.57 -26.41
C HIS A 91 18.05 9.77 -25.28
N VAL A 92 17.01 10.35 -24.69
CA VAL A 92 16.46 9.80 -23.47
C VAL A 92 14.93 9.84 -23.51
N ILE A 93 14.33 8.95 -22.74
CA ILE A 93 12.94 9.04 -22.33
C ILE A 93 12.91 9.17 -20.81
N PRO A 94 12.40 10.27 -20.26
CA PRO A 94 12.21 10.37 -18.81
C PRO A 94 10.95 9.61 -18.39
N CYS A 95 11.11 8.68 -17.48
CA CYS A 95 10.00 7.85 -17.04
C CYS A 95 9.55 8.27 -15.66
N TYR A 96 8.21 8.30 -15.47
CA TYR A 96 7.66 8.59 -14.16
C TYR A 96 7.94 7.46 -13.16
N GLN A 97 8.18 6.24 -13.63
CA GLN A 97 8.57 5.12 -12.78
C GLN A 97 10.07 4.92 -12.88
N ALA A 98 10.76 4.98 -11.74
CA ALA A 98 12.22 4.98 -11.79
C ALA A 98 12.79 3.57 -11.80
N TYR A 99 14.09 3.48 -12.03
CA TYR A 99 14.81 2.22 -11.89
C TYR A 99 16.13 2.56 -11.24
N CYS A 100 16.31 2.15 -9.97
CA CYS A 100 17.59 2.40 -9.35
C CYS A 100 18.56 1.24 -9.43
N GLY A 101 18.08 0.03 -9.70
CA GLY A 101 18.90 -1.12 -9.82
C GLY A 101 19.27 -1.77 -8.50
N GLU A 102 19.02 -1.11 -7.37
CA GLU A 102 19.47 -1.60 -6.09
C GLU A 102 18.38 -1.78 -5.02
N CYS A 103 17.18 -1.22 -5.16
CA CYS A 103 16.25 -1.45 -4.06
C CYS A 103 15.72 -2.88 -4.18
N LYS A 104 14.89 -3.30 -3.21
CA LYS A 104 14.49 -4.69 -3.22
C LYS A 104 13.47 -4.99 -4.30
N PHE A 105 12.92 -3.96 -4.94
CA PHE A 105 11.99 -4.10 -6.07
C PHE A 105 12.69 -4.15 -7.43
N CYS A 106 13.87 -3.53 -7.57
CA CYS A 106 14.64 -3.63 -8.81
C CYS A 106 15.39 -4.95 -8.92
N LYS A 107 15.71 -5.59 -7.80
CA LYS A 107 16.41 -6.87 -7.77
C LYS A 107 15.48 -8.06 -7.83
N HIS A 108 14.18 -7.83 -7.92
CA HIS A 108 13.17 -8.88 -8.02
C HIS A 108 12.66 -9.02 -9.45
N PRO A 109 12.52 -10.25 -9.93
CA PRO A 109 12.04 -10.44 -11.31
C PRO A 109 10.64 -9.90 -11.58
N GLU A 110 9.78 -9.85 -10.57
CA GLU A 110 8.36 -9.58 -10.82
C GLU A 110 7.93 -8.18 -10.41
N SER A 111 8.86 -7.22 -10.38
CA SER A 111 8.44 -5.88 -10.03
C SER A 111 9.31 -4.82 -10.69
N ASN A 112 8.73 -3.64 -10.83
CA ASN A 112 9.44 -2.49 -11.36
C ASN A 112 9.15 -1.25 -10.50
N LEU A 113 8.85 -1.46 -9.22
CA LEU A 113 8.33 -0.42 -8.34
C LEU A 113 9.44 0.16 -7.46
N CYS A 114 10.46 0.65 -8.15
CA CYS A 114 11.57 1.32 -7.49
C CYS A 114 11.10 2.31 -6.43
N VAL A 115 11.78 2.32 -5.29
CA VAL A 115 11.43 3.19 -4.16
C VAL A 115 12.51 4.25 -3.91
N SER A 116 13.38 4.48 -4.90
CA SER A 116 14.58 5.26 -4.64
C SER A 116 14.32 6.75 -4.68
N VAL A 117 13.30 7.20 -5.40
CA VAL A 117 13.06 8.64 -5.56
C VAL A 117 11.58 9.01 -5.41
N ARG A 118 10.71 8.01 -5.23
CA ARG A 118 9.28 8.28 -5.30
C ARG A 118 8.80 9.18 -4.19
N ALA A 119 9.45 9.15 -3.01
CA ALA A 119 9.00 9.99 -1.91
C ALA A 119 9.12 11.47 -2.24
N PHE A 120 10.07 11.81 -3.11
CA PHE A 120 10.35 13.20 -3.46
C PHE A 120 9.64 13.64 -4.74
N THR A 121 9.46 12.73 -5.71
CA THR A 121 8.69 13.09 -6.89
C THR A 121 7.21 13.23 -6.54
N GLY A 122 6.70 12.38 -5.64
CA GLY A 122 5.32 12.47 -5.21
C GLY A 122 4.96 13.84 -4.65
N LYS A 123 5.96 14.55 -4.13
CA LYS A 123 5.79 15.92 -3.64
C LYS A 123 6.44 16.96 -4.55
N GLY A 124 6.74 16.61 -5.80
CA GLY A 124 7.22 17.56 -6.81
C GLY A 124 8.57 18.18 -6.53
N VAL A 125 9.50 17.45 -5.91
CA VAL A 125 10.79 17.98 -5.56
C VAL A 125 11.88 16.99 -5.99
N MET A 126 13.13 17.35 -5.67
CA MET A 126 14.30 16.55 -5.98
C MET A 126 14.78 15.90 -4.70
N LYS A 127 15.23 14.65 -4.81
CA LYS A 127 15.71 13.94 -3.62
C LYS A 127 16.96 14.60 -3.05
N SER A 128 17.76 15.26 -3.89
CA SER A 128 19.07 15.66 -3.42
C SER A 128 19.00 16.78 -2.37
N ASP A 129 17.89 17.56 -2.34
CA ASP A 129 17.78 18.64 -1.35
C ASP A 129 16.34 19.01 -0.98
N GLY A 130 15.33 18.23 -1.35
CA GLY A 130 13.95 18.53 -0.97
C GLY A 130 13.30 19.70 -1.66
N LYS A 131 13.95 20.31 -2.64
CA LYS A 131 13.49 21.52 -3.29
C LYS A 131 13.30 21.29 -4.79
N PRO A 132 12.46 22.08 -5.46
CA PRO A 132 12.30 21.96 -6.92
C PRO A 132 13.40 22.71 -7.67
N ARG A 133 13.31 22.67 -9.01
CA ARG A 133 14.34 23.24 -9.89
C ARG A 133 13.82 24.28 -10.87
N PHE A 134 12.51 24.55 -10.90
CA PHE A 134 11.93 25.62 -11.69
C PHE A 134 11.64 26.82 -10.81
N THR A 135 11.75 27.99 -11.39
CA THR A 135 11.42 29.22 -10.70
C THR A 135 10.78 30.16 -11.70
N VAL A 136 9.84 30.98 -11.23
CA VAL A 136 9.40 32.16 -11.96
C VAL A 136 9.53 33.37 -11.05
N ASP A 137 10.32 34.36 -11.47
CA ASP A 137 10.52 35.60 -10.73
C ASP A 137 11.13 35.36 -9.34
N GLY A 138 11.68 34.17 -9.09
CA GLY A 138 12.22 33.81 -7.80
C GLY A 138 11.37 32.79 -7.05
N LYS A 139 10.04 32.87 -7.19
CA LYS A 139 9.16 31.96 -6.50
C LYS A 139 9.21 30.56 -7.17
N PRO A 140 9.07 29.49 -6.38
CA PRO A 140 9.30 28.13 -6.90
C PRO A 140 8.09 27.44 -7.52
N ILE A 141 8.34 26.79 -8.66
CA ILE A 141 7.36 25.97 -9.37
C ILE A 141 7.73 24.51 -9.16
N TYR A 142 6.77 23.70 -8.73
CA TYR A 142 7.03 22.33 -8.32
C TYR A 142 6.90 21.35 -9.50
N HIS A 143 7.54 20.19 -9.35
CA HIS A 143 7.56 19.22 -10.42
C HIS A 143 6.30 18.35 -10.42
N PHE A 144 6.16 17.54 -11.46
CA PHE A 144 5.06 16.59 -11.57
C PHE A 144 5.60 15.24 -12.02
N MET A 145 5.36 14.23 -11.21
CA MET A 145 5.65 12.82 -11.49
C MET A 145 7.14 12.52 -11.69
N GLY A 146 8.03 13.42 -11.30
CA GLY A 146 9.43 13.24 -11.56
C GLY A 146 9.91 13.77 -12.91
N THR A 147 9.00 14.19 -13.79
CA THR A 147 9.36 14.46 -15.18
C THR A 147 9.13 15.91 -15.57
N SER A 148 7.91 16.43 -15.40
CA SER A 148 7.52 17.80 -15.77
C SER A 148 7.96 18.12 -17.21
N THR A 149 7.27 17.47 -18.14
CA THR A 149 7.71 17.44 -19.53
C THR A 149 7.12 18.57 -20.38
N PHE A 150 6.23 19.40 -19.82
CA PHE A 150 5.67 20.53 -20.56
C PHE A 150 6.62 21.74 -20.53
N SER A 151 7.92 21.50 -20.69
CA SER A 151 8.90 22.57 -20.64
C SER A 151 10.04 22.23 -21.59
N GLU A 152 10.56 23.23 -22.29
CA GLU A 152 11.62 22.96 -23.26
C GLU A 152 12.78 22.24 -22.62
N TYR A 153 12.99 22.50 -21.32
CA TYR A 153 14.05 21.89 -20.54
C TYR A 153 13.46 21.51 -19.20
N THR A 154 13.90 20.36 -18.66
CA THR A 154 13.46 19.88 -17.36
C THR A 154 14.64 19.19 -16.68
N VAL A 155 14.54 19.07 -15.36
CA VAL A 155 15.60 18.46 -14.56
C VAL A 155 15.00 17.25 -13.86
N VAL A 156 15.61 16.08 -14.05
CA VAL A 156 15.04 14.84 -13.54
C VAL A 156 16.13 14.02 -12.84
N HIS A 157 15.68 12.97 -12.11
CA HIS A 157 16.61 12.08 -11.41
C HIS A 157 17.27 11.10 -12.36
N GLU A 158 18.56 10.85 -12.15
CA GLU A 158 19.26 9.84 -12.95
C GLU A 158 18.45 8.56 -13.02
N GLN A 159 17.91 8.10 -11.89
CA GLN A 159 17.14 6.86 -11.85
C GLN A 159 15.91 6.91 -12.75
N SER A 160 15.61 8.04 -13.35
CA SER A 160 14.40 8.24 -14.12
C SER A 160 14.64 8.30 -15.62
N VAL A 161 15.88 8.17 -16.06
CA VAL A 161 16.29 8.54 -17.40
C VAL A 161 16.73 7.28 -18.13
N ALA A 162 15.96 6.88 -19.12
CA ALA A 162 16.29 5.71 -19.92
C ALA A 162 17.03 6.13 -21.18
N LYS A 163 18.14 5.43 -21.49
CA LYS A 163 18.99 5.80 -22.62
C LYS A 163 18.63 4.95 -23.83
N ILE A 164 18.27 5.59 -24.94
CA ILE A 164 17.59 4.91 -26.04
C ILE A 164 18.41 5.06 -27.31
N ASP A 165 17.96 4.35 -28.35
CA ASP A 165 18.61 4.39 -29.65
C ASP A 165 18.70 5.81 -30.18
N VAL A 166 19.87 6.16 -30.71
CA VAL A 166 20.03 7.47 -31.33
C VAL A 166 19.25 7.60 -32.64
N ASN A 167 18.70 6.49 -33.16
CA ASN A 167 17.98 6.53 -34.43
C ASN A 167 16.46 6.55 -34.29
N ALA A 168 15.93 6.43 -33.07
CA ALA A 168 14.47 6.50 -32.89
C ALA A 168 13.95 7.92 -33.11
N PRO A 169 12.81 8.07 -33.79
CA PRO A 169 12.18 9.40 -33.93
C PRO A 169 11.55 9.81 -32.62
N LEU A 170 12.07 10.90 -32.04
CA LEU A 170 11.67 11.33 -30.70
C LEU A 170 10.19 11.70 -30.61
N ASP A 171 9.52 11.93 -31.74
CA ASP A 171 8.12 12.31 -31.71
C ASP A 171 7.17 11.12 -31.73
N LYS A 172 7.68 9.89 -31.64
CA LYS A 172 6.87 8.68 -31.56
C LYS A 172 7.12 7.89 -30.27
N VAL A 173 8.37 7.68 -29.90
CA VAL A 173 8.69 6.93 -28.69
C VAL A 173 8.30 7.63 -27.40
N CYS A 174 7.97 8.92 -27.44
CA CYS A 174 7.50 9.57 -26.22
C CYS A 174 6.30 8.84 -25.66
N LEU A 175 5.51 8.20 -26.53
CA LEU A 175 4.42 7.36 -26.06
C LEU A 175 4.89 6.28 -25.08
N LEU A 176 6.12 5.79 -25.25
CA LEU A 176 6.65 4.69 -24.46
C LEU A 176 6.93 5.05 -23.00
N GLY A 177 6.75 6.29 -22.58
CA GLY A 177 6.93 6.60 -21.17
C GLY A 177 5.72 6.41 -20.28
N CYS A 178 4.58 5.95 -20.83
CA CYS A 178 3.35 5.78 -20.07
C CYS A 178 2.41 4.81 -20.77
N GLY A 179 1.42 5.33 -21.50
CA GLY A 179 0.17 4.59 -21.71
C GLY A 179 0.32 3.33 -22.54
N VAL A 180 1.11 3.41 -23.61
CA VAL A 180 1.26 2.23 -24.48
C VAL A 180 2.03 1.13 -23.77
N SER A 181 3.19 1.47 -23.18
CA SER A 181 3.93 0.48 -22.38
C SER A 181 3.03 -0.21 -21.38
N THR A 182 2.23 0.55 -20.64
CA THR A 182 1.32 -0.04 -19.66
C THR A 182 0.49 -1.16 -20.28
N GLY A 183 -0.24 -0.84 -21.35
CA GLY A 183 -1.06 -1.84 -22.02
C GLY A 183 -0.27 -3.04 -22.51
N TRP A 184 0.81 -2.79 -23.25
CA TRP A 184 1.67 -3.90 -23.63
C TRP A 184 2.10 -4.71 -22.42
N GLY A 185 2.76 -4.05 -21.49
CA GLY A 185 3.32 -4.76 -20.34
C GLY A 185 2.27 -5.51 -19.55
N ALA A 186 1.03 -5.00 -19.57
CA ALA A 186 -0.07 -5.74 -18.95
C ALA A 186 -0.19 -7.12 -19.57
N VAL A 187 0.00 -7.23 -20.89
CA VAL A 187 -0.07 -8.53 -21.54
C VAL A 187 1.24 -9.31 -21.38
N PHE A 188 2.38 -8.71 -21.72
CA PHE A 188 3.57 -9.53 -21.80
C PHE A 188 4.17 -9.86 -20.44
N ASN A 189 4.11 -8.93 -19.48
CA ASN A 189 4.73 -9.07 -18.17
C ASN A 189 3.79 -9.46 -17.05
N THR A 190 2.63 -8.82 -16.94
CA THR A 190 1.78 -9.13 -15.81
C THR A 190 0.92 -10.37 -16.09
N ALA A 191 0.17 -10.40 -17.19
CA ALA A 191 -0.64 -11.59 -17.44
C ALA A 191 0.17 -12.70 -18.14
N LYS A 192 1.11 -12.34 -19.01
CA LYS A 192 1.82 -13.31 -19.85
C LYS A 192 0.83 -14.15 -20.65
N VAL A 193 0.09 -13.48 -21.54
CA VAL A 193 -0.93 -14.18 -22.32
C VAL A 193 -0.28 -15.24 -23.18
N THR A 194 -0.76 -16.49 -23.07
CA THR A 194 -0.25 -17.57 -23.89
C THR A 194 -0.89 -17.55 -25.27
N ALA A 195 -0.17 -18.14 -26.23
CA ALA A 195 -0.71 -18.27 -27.57
C ALA A 195 -1.96 -19.14 -27.54
N GLY A 196 -2.97 -18.73 -28.26
CA GLY A 196 -4.18 -19.50 -28.43
C GLY A 196 -5.33 -19.14 -27.52
N SER A 197 -5.17 -18.15 -26.65
CA SER A 197 -6.08 -17.96 -25.54
C SER A 197 -7.08 -16.84 -25.85
N THR A 198 -7.95 -16.57 -24.87
CA THR A 198 -9.08 -15.67 -25.08
C THR A 198 -8.97 -14.46 -24.16
N VAL A 199 -9.19 -13.28 -24.71
CA VAL A 199 -8.99 -12.04 -23.98
C VAL A 199 -10.23 -11.20 -24.10
N ALA A 200 -10.60 -10.54 -22.99
CA ALA A 200 -11.52 -9.42 -23.00
C ALA A 200 -10.80 -8.17 -22.49
N VAL A 201 -11.03 -7.05 -23.17
CA VAL A 201 -10.46 -5.75 -22.82
C VAL A 201 -11.60 -4.78 -22.53
N PHE A 202 -11.54 -4.10 -21.38
CA PHE A 202 -12.58 -3.19 -20.92
C PHE A 202 -12.04 -1.77 -20.95
N GLY A 203 -12.52 -0.95 -21.90
CA GLY A 203 -11.93 0.36 -22.16
C GLY A 203 -11.06 0.40 -23.42
N LEU A 204 -11.41 1.29 -24.35
CA LEU A 204 -10.77 1.34 -25.66
C LEU A 204 -10.12 2.70 -25.89
N GLY A 205 -9.51 3.23 -24.85
CA GLY A 205 -8.61 4.35 -24.99
C GLY A 205 -7.24 3.83 -25.37
N ALA A 206 -6.23 4.68 -25.18
CA ALA A 206 -4.87 4.29 -25.59
C ALA A 206 -4.44 3.00 -24.92
N VAL A 207 -4.64 2.91 -23.61
CA VAL A 207 -4.21 1.74 -22.85
C VAL A 207 -4.89 0.48 -23.40
N GLY A 208 -6.22 0.49 -23.47
CA GLY A 208 -6.94 -0.69 -23.95
C GLY A 208 -6.51 -1.13 -25.35
N LEU A 209 -6.20 -0.17 -26.23
CA LEU A 209 -5.73 -0.55 -27.55
C LEU A 209 -4.36 -1.21 -27.48
N ALA A 210 -3.47 -0.70 -26.64
CA ALA A 210 -2.21 -1.38 -26.43
C ALA A 210 -2.43 -2.78 -25.89
N VAL A 211 -3.45 -2.98 -25.06
CA VAL A 211 -3.76 -4.32 -24.54
C VAL A 211 -4.18 -5.25 -25.68
N ILE A 212 -5.08 -4.78 -26.53
CA ILE A 212 -5.48 -5.53 -27.71
C ILE A 212 -4.26 -5.83 -28.59
N GLU A 213 -3.47 -4.80 -28.90
CA GLU A 213 -2.36 -5.02 -29.81
C GLU A 213 -1.46 -6.13 -29.29
N ALA A 214 -1.07 -6.03 -28.03
CA ALA A 214 -0.20 -7.02 -27.44
C ALA A 214 -0.87 -8.38 -27.41
N ALA A 215 -2.18 -8.42 -27.12
CA ALA A 215 -2.87 -9.70 -27.06
C ALA A 215 -2.86 -10.41 -28.42
N LYS A 216 -3.08 -9.66 -29.51
CA LYS A 216 -2.96 -10.24 -30.84
C LYS A 216 -1.55 -10.78 -31.09
N ARG A 217 -0.54 -10.01 -30.67
CA ARG A 217 0.84 -10.44 -30.90
C ARG A 217 1.23 -11.61 -30.02
N ALA A 218 0.63 -11.73 -28.83
CA ALA A 218 0.89 -12.91 -28.00
C ALA A 218 0.31 -14.15 -28.65
N GLY A 219 -0.59 -13.96 -29.61
CA GLY A 219 -1.17 -15.06 -30.32
C GLY A 219 -2.54 -15.43 -29.84
N ALA A 220 -3.32 -14.46 -29.36
CA ALA A 220 -4.61 -14.78 -28.78
C ALA A 220 -5.62 -15.14 -29.86
N SER A 221 -6.28 -16.28 -29.70
CA SER A 221 -7.26 -16.72 -30.70
C SER A 221 -8.49 -15.84 -30.72
N ARG A 222 -8.81 -15.12 -29.65
CA ARG A 222 -10.03 -14.33 -29.62
C ARG A 222 -9.86 -13.16 -28.68
N ILE A 223 -10.17 -11.96 -29.15
CA ILE A 223 -9.99 -10.73 -28.36
C ILE A 223 -11.31 -9.97 -28.36
N ILE A 224 -11.95 -9.86 -27.19
CA ILE A 224 -13.25 -9.22 -27.05
C ILE A 224 -13.07 -7.84 -26.46
N ALA A 225 -13.46 -6.81 -27.23
CA ALA A 225 -13.38 -5.42 -26.80
C ALA A 225 -14.72 -5.00 -26.20
N VAL A 226 -14.68 -4.32 -25.06
CA VAL A 226 -15.87 -3.86 -24.36
C VAL A 226 -15.78 -2.37 -24.15
N ASP A 227 -16.83 -1.64 -24.51
CA ASP A 227 -16.88 -0.21 -24.27
C ASP A 227 -18.30 0.29 -24.43
N ILE A 228 -18.67 1.32 -23.64
CA ILE A 228 -20.02 1.90 -23.75
C ILE A 228 -20.11 2.99 -24.82
N ASP A 229 -18.99 3.38 -25.44
CA ASP A 229 -18.98 4.27 -26.59
C ASP A 229 -18.66 3.44 -27.81
N PRO A 230 -19.65 2.98 -28.58
CA PRO A 230 -19.35 2.06 -29.70
C PRO A 230 -18.53 2.70 -30.82
N THR A 231 -18.36 4.02 -30.82
CA THR A 231 -17.57 4.69 -31.87
C THR A 231 -16.08 4.36 -31.77
N LYS A 232 -15.65 3.62 -30.73
CA LYS A 232 -14.26 3.16 -30.60
C LYS A 232 -14.07 1.74 -31.15
N PHE A 233 -15.14 1.09 -31.59
CA PHE A 233 -15.06 -0.28 -32.11
C PHE A 233 -14.28 -0.37 -33.43
N PRO A 234 -14.49 0.54 -34.42
CA PRO A 234 -13.68 0.45 -35.64
C PRO A 234 -12.20 0.40 -35.34
N THR A 235 -11.70 1.42 -34.62
CA THR A 235 -10.27 1.48 -34.40
C THR A 235 -9.80 0.32 -33.54
N ALA A 236 -10.61 -0.10 -32.55
CA ALA A 236 -10.29 -1.29 -31.78
C ALA A 236 -10.15 -2.52 -32.68
N LYS A 237 -11.02 -2.63 -33.68
CA LYS A 237 -10.92 -3.74 -34.63
C LYS A 237 -9.63 -3.66 -35.45
N GLU A 238 -9.22 -2.45 -35.82
CA GLU A 238 -7.97 -2.28 -36.54
C GLU A 238 -6.78 -2.81 -35.75
N PHE A 239 -6.84 -2.76 -34.42
CA PHE A 239 -5.70 -3.13 -33.58
C PHE A 239 -5.64 -4.61 -33.30
N GLY A 240 -6.70 -5.35 -33.63
CA GLY A 240 -6.64 -6.80 -33.59
C GLY A 240 -7.82 -7.43 -32.87
N ALA A 241 -8.87 -6.65 -32.67
CA ALA A 241 -10.04 -7.18 -31.98
C ALA A 241 -10.80 -8.13 -32.90
N THR A 242 -11.57 -9.04 -32.28
CA THR A 242 -12.40 -9.97 -33.01
C THR A 242 -13.89 -9.87 -32.66
N ASP A 243 -14.21 -9.24 -31.55
CA ASP A 243 -15.58 -8.99 -31.15
C ASP A 243 -15.69 -7.58 -30.54
N SNC A 244 -16.91 -7.00 -30.58
CA SNC A 244 -17.18 -5.75 -29.89
CB SNC A 244 -17.19 -4.51 -30.81
SG SNC A 244 -16.31 -4.85 -32.33
ND SNC A 244 -14.78 -4.28 -31.92
OE SNC A 244 -14.52 -4.18 -30.81
C SNC A 244 -18.53 -5.72 -29.16
O SNC A 244 -19.63 -5.85 -29.70
N ILE A 245 -18.43 -5.53 -27.85
CA ILE A 245 -19.58 -5.48 -26.97
C ILE A 245 -19.79 -4.06 -26.42
N ASN A 246 -21.04 -3.64 -26.38
CA ASN A 246 -21.44 -2.43 -25.66
C ASN A 246 -22.37 -2.85 -24.54
N PRO A 247 -21.95 -2.71 -23.27
CA PRO A 247 -22.76 -3.25 -22.16
C PRO A 247 -24.20 -2.73 -22.16
N LYS A 248 -24.43 -1.56 -22.75
CA LYS A 248 -25.76 -0.97 -22.76
C LYS A 248 -26.70 -1.63 -23.77
N ASP A 249 -26.14 -2.35 -24.75
CA ASP A 249 -26.95 -3.15 -25.68
C ASP A 249 -27.55 -4.37 -25.02
N HIS A 250 -27.14 -4.70 -23.80
CA HIS A 250 -27.45 -5.99 -23.21
C HIS A 250 -28.25 -5.79 -21.94
N GLU A 251 -29.15 -6.74 -21.68
CA GLU A 251 -30.09 -6.61 -20.59
C GLU A 251 -29.74 -7.52 -19.42
N LYS A 252 -28.50 -7.98 -19.39
CA LYS A 252 -27.94 -8.69 -18.24
C LYS A 252 -26.55 -8.18 -17.93
N PRO A 253 -26.03 -8.48 -16.72
CA PRO A 253 -24.71 -7.96 -16.34
C PRO A 253 -23.66 -8.28 -17.39
N ILE A 254 -22.76 -7.32 -17.64
CA ILE A 254 -21.82 -7.52 -18.73
C ILE A 254 -20.98 -8.78 -18.49
N GLN A 255 -20.60 -9.06 -17.23
CA GLN A 255 -19.88 -10.31 -16.98
C GLN A 255 -20.71 -11.56 -17.35
N GLN A 256 -22.04 -11.48 -17.40
CA GLN A 256 -22.78 -12.62 -17.93
C GLN A 256 -22.61 -12.72 -19.43
N VAL A 257 -22.61 -11.58 -20.13
CA VAL A 257 -22.47 -11.61 -21.58
C VAL A 257 -21.17 -12.27 -21.98
N ILE A 258 -20.05 -11.84 -21.39
CA ILE A 258 -18.76 -12.43 -21.72
C ILE A 258 -18.74 -13.91 -21.34
N VAL A 259 -19.23 -14.24 -20.15
CA VAL A 259 -19.24 -15.63 -19.72
C VAL A 259 -20.17 -16.48 -20.58
N GLU A 260 -21.08 -15.87 -21.36
CA GLU A 260 -21.95 -16.65 -22.25
C GLU A 260 -21.38 -16.76 -23.67
N MET A 261 -20.65 -15.73 -24.13
CA MET A 261 -19.99 -15.77 -25.45
C MET A 261 -18.85 -16.78 -25.50
N THR A 262 -18.04 -16.82 -24.45
CA THR A 262 -17.17 -17.93 -24.12
C THR A 262 -17.96 -18.85 -23.21
N GLU A 263 -17.55 -20.11 -23.05
CA GLU A 263 -18.39 -20.91 -22.17
C GLU A 263 -18.16 -20.53 -20.70
N TRP A 264 -16.91 -20.27 -20.31
CA TRP A 264 -16.58 -20.07 -18.91
C TRP A 264 -15.88 -18.74 -18.63
N GLY A 265 -15.89 -17.80 -19.57
CA GLY A 265 -15.12 -16.57 -19.45
C GLY A 265 -13.84 -16.62 -20.27
N CYS A 266 -13.17 -15.47 -20.33
CA CYS A 266 -11.93 -15.34 -21.09
C CYS A 266 -10.75 -15.74 -20.22
N ASP A 267 -9.73 -16.35 -20.85
CA ASP A 267 -8.56 -16.77 -20.09
C ASP A 267 -7.87 -15.58 -19.44
N TYR A 268 -7.91 -14.43 -20.09
CA TYR A 268 -7.40 -13.18 -19.53
C TYR A 268 -8.39 -12.05 -19.78
N THR A 269 -8.54 -11.16 -18.79
CA THR A 269 -9.35 -9.97 -18.92
C THR A 269 -8.55 -8.77 -18.45
N PHE A 270 -8.84 -7.61 -19.05
CA PHE A 270 -8.09 -6.40 -18.72
C PHE A 270 -9.06 -5.26 -18.53
N GLU A 271 -8.90 -4.55 -17.41
CA GLU A 271 -9.68 -3.37 -17.09
C GLU A 271 -8.82 -2.15 -17.39
N CYS A 272 -9.29 -1.30 -18.29
CA CYS A 272 -8.46 -0.21 -18.83
C CYS A 272 -9.14 1.13 -18.68
N ILE A 273 -9.99 1.27 -17.67
CA ILE A 273 -10.84 2.43 -17.47
C ILE A 273 -10.50 3.16 -16.18
N GLY A 274 -10.41 2.43 -15.08
CA GLY A 274 -10.30 2.99 -13.76
C GLY A 274 -11.60 3.00 -12.98
N ASN A 275 -12.49 2.06 -13.25
CA ASN A 275 -13.85 2.08 -12.73
C ASN A 275 -14.07 0.79 -11.96
N THR A 276 -14.20 0.91 -10.63
CA THR A 276 -14.16 -0.31 -9.81
C THR A 276 -15.33 -1.24 -10.09
N ALA A 277 -16.43 -0.74 -10.63
CA ALA A 277 -17.49 -1.69 -10.91
C ALA A 277 -17.11 -2.59 -12.07
N VAL A 278 -16.56 -1.98 -13.13
CA VAL A 278 -16.08 -2.77 -14.26
C VAL A 278 -14.96 -3.70 -13.81
N MET A 279 -14.05 -3.19 -12.95
CA MET A 279 -13.00 -4.01 -12.38
C MET A 279 -13.56 -5.34 -11.88
N ARG A 280 -14.65 -5.28 -11.10
CA ARG A 280 -15.32 -6.50 -10.65
C ARG A 280 -15.91 -7.29 -11.83
N ALA A 281 -16.49 -6.60 -12.81
CA ALA A 281 -17.03 -7.33 -13.94
C ALA A 281 -15.92 -8.04 -14.69
N ALA A 282 -14.76 -7.40 -14.82
CA ALA A 282 -13.66 -8.02 -15.55
C ALA A 282 -13.14 -9.23 -14.81
N LEU A 283 -13.13 -9.16 -13.48
CA LEU A 283 -12.73 -10.32 -12.70
C LEU A 283 -13.72 -11.45 -12.86
N GLU A 284 -15.02 -11.14 -12.78
CA GLU A 284 -16.03 -12.18 -12.71
C GLU A 284 -16.26 -12.88 -14.05
N CYS A 285 -15.80 -12.30 -15.16
CA CYS A 285 -15.86 -13.01 -16.42
C CYS A 285 -14.52 -13.60 -16.84
N ALA A 286 -13.53 -13.60 -15.95
CA ALA A 286 -12.34 -14.38 -16.23
C ALA A 286 -12.68 -15.85 -16.10
N HIS A 287 -11.97 -16.67 -16.86
CA HIS A 287 -12.32 -18.07 -16.99
C HIS A 287 -12.35 -18.73 -15.63
N ARG A 288 -13.33 -19.59 -15.44
CA ARG A 288 -13.37 -20.42 -14.25
C ARG A 288 -12.08 -21.24 -14.16
N GLY A 289 -11.65 -21.49 -12.93
CA GLY A 289 -10.55 -22.41 -12.73
C GLY A 289 -9.15 -21.87 -12.91
N TRP A 290 -8.95 -20.97 -13.85
CA TRP A 290 -7.60 -20.46 -14.06
C TRP A 290 -7.53 -19.02 -14.56
N GLY A 291 -8.66 -18.32 -14.72
CA GLY A 291 -8.64 -17.04 -15.39
C GLY A 291 -7.87 -15.99 -14.63
N THR A 292 -7.31 -15.05 -15.38
CA THR A 292 -6.52 -13.95 -14.82
C THR A 292 -7.13 -12.61 -15.19
N SER A 293 -7.31 -11.75 -14.20
CA SER A 293 -7.83 -10.39 -14.41
C SER A 293 -6.77 -9.41 -13.95
N VAL A 294 -6.39 -8.50 -14.85
CA VAL A 294 -5.38 -7.47 -14.59
C VAL A 294 -6.09 -6.13 -14.55
N ILE A 295 -6.05 -5.47 -13.40
CA ILE A 295 -6.44 -4.06 -13.32
C ILE A 295 -5.32 -3.24 -13.94
N VAL A 296 -5.63 -2.56 -15.05
CA VAL A 296 -4.67 -1.65 -15.67
C VAL A 296 -5.03 -0.19 -15.39
N GLY A 297 -6.30 0.11 -15.14
CA GLY A 297 -6.76 1.46 -14.88
C GLY A 297 -6.70 1.82 -13.40
N VAL A 298 -6.60 3.13 -13.14
CA VAL A 298 -6.43 3.64 -11.79
C VAL A 298 -7.77 4.21 -11.33
N ALA A 299 -8.29 3.69 -10.23
CA ALA A 299 -9.61 4.10 -9.77
C ALA A 299 -9.55 5.47 -9.10
N ALA A 300 -10.70 6.15 -9.09
CA ALA A 300 -10.88 7.31 -8.25
C ALA A 300 -10.57 6.98 -6.79
N ALA A 301 -9.78 7.83 -6.15
CA ALA A 301 -9.46 7.64 -4.73
C ALA A 301 -10.74 7.57 -3.90
N GLY A 302 -10.80 6.60 -2.98
CA GLY A 302 -11.97 6.37 -2.17
C GLY A 302 -12.88 5.27 -2.65
N GLN A 303 -12.62 4.69 -3.82
CA GLN A 303 -13.41 3.58 -4.32
C GLN A 303 -12.81 2.27 -3.84
N GLU A 304 -13.60 1.21 -3.94
CA GLU A 304 -13.15 -0.09 -3.46
C GLU A 304 -13.70 -1.18 -4.38
N ILE A 305 -12.82 -2.12 -4.76
CA ILE A 305 -13.19 -3.30 -5.53
C ILE A 305 -13.73 -4.37 -4.60
N SER A 306 -14.75 -5.10 -5.05
CA SER A 306 -15.38 -6.14 -4.26
C SER A 306 -15.73 -7.32 -5.15
N THR A 307 -15.67 -8.52 -4.56
CA THR A 307 -16.25 -9.73 -5.14
C THR A 307 -16.51 -10.70 -4.02
N ARG A 308 -17.22 -11.76 -4.37
CA ARG A 308 -17.40 -12.87 -3.42
C ARG A 308 -16.14 -13.73 -3.38
N PRO A 309 -15.67 -14.12 -2.18
CA PRO A 309 -14.45 -14.96 -2.12
C PRO A 309 -14.56 -16.23 -2.93
N PHE A 310 -15.78 -16.69 -3.21
CA PHE A 310 -15.97 -17.91 -3.99
C PHE A 310 -15.33 -17.79 -5.37
N GLN A 311 -15.47 -16.61 -5.97
CA GLN A 311 -14.89 -16.33 -7.29
C GLN A 311 -13.40 -16.63 -7.35
N LEU A 312 -12.67 -16.33 -6.25
CA LEU A 312 -11.25 -16.62 -6.20
C LEU A 312 -10.99 -18.09 -5.88
N VAL A 313 -11.80 -18.69 -4.99
CA VAL A 313 -11.63 -20.10 -4.67
C VAL A 313 -11.87 -20.96 -5.91
N THR A 314 -12.83 -20.59 -6.71
CA THR A 314 -13.08 -21.37 -7.91
C THR A 314 -12.13 -21.02 -9.05
N GLY A 315 -11.03 -20.33 -8.75
CA GLY A 315 -9.86 -20.38 -9.60
C GLY A 315 -9.48 -19.12 -10.32
N ARG A 316 -10.17 -18.01 -10.06
CA ARG A 316 -9.80 -16.77 -10.71
C ARG A 316 -8.70 -16.07 -9.93
N ARG A 317 -7.84 -15.34 -10.65
CA ARG A 317 -6.76 -14.60 -10.03
C ARG A 317 -6.87 -13.12 -10.33
N TRP A 318 -6.83 -12.32 -9.29
CA TRP A 318 -6.89 -10.87 -9.38
C TRP A 318 -5.50 -10.28 -9.20
N MET A 319 -5.13 -9.39 -10.11
CA MET A 319 -3.83 -8.74 -10.06
C MET A 319 -3.91 -7.46 -10.86
N GLY A 320 -2.81 -6.72 -10.89
CA GLY A 320 -2.82 -5.44 -11.55
C GLY A 320 -1.39 -5.04 -11.83
N THR A 321 -1.23 -3.86 -12.42
CA THR A 321 0.05 -3.53 -13.04
C THR A 321 0.25 -2.02 -13.02
N ALA A 322 1.49 -1.63 -12.83
CA ALA A 322 1.87 -0.23 -12.80
C ALA A 322 2.97 -0.06 -13.83
N PHE A 323 2.67 0.64 -14.92
CA PHE A 323 3.57 0.85 -16.03
C PHE A 323 3.90 -0.47 -16.75
N GLY A 324 2.96 -1.40 -16.76
CA GLY A 324 3.21 -2.69 -17.37
C GLY A 324 4.28 -3.51 -16.70
N GLY A 325 4.69 -3.14 -15.49
CA GLY A 325 5.77 -3.86 -14.85
C GLY A 325 7.06 -3.80 -15.62
N TYR A 326 7.22 -2.79 -16.46
CA TYR A 326 8.45 -2.60 -17.21
C TYR A 326 9.49 -1.94 -16.32
N LYS A 327 10.60 -2.63 -16.07
CA LYS A 327 11.73 -2.02 -15.37
C LYS A 327 12.32 -0.93 -16.26
N SER A 328 11.96 0.33 -15.94
CA SER A 328 11.95 1.41 -16.93
C SER A 328 13.31 1.59 -17.60
N ARG A 329 14.35 1.88 -16.83
CA ARG A 329 15.62 2.19 -17.45
C ARG A 329 16.21 0.97 -18.16
N VAL A 330 15.91 -0.24 -17.69
CA VAL A 330 16.40 -1.43 -18.34
C VAL A 330 15.66 -1.69 -19.64
N GLN A 331 14.34 -1.68 -19.59
CA GLN A 331 13.54 -2.26 -20.66
C GLN A 331 12.92 -1.24 -21.60
N VAL A 332 12.75 0.02 -21.20
CA VAL A 332 12.27 1.03 -22.16
C VAL A 332 13.22 1.09 -23.35
N PRO A 333 14.55 1.03 -23.19
CA PRO A 333 15.39 0.88 -24.39
C PRO A 333 15.05 -0.37 -25.19
N ASP A 334 14.68 -1.47 -24.52
CA ASP A 334 14.28 -2.69 -25.22
C ASP A 334 12.97 -2.52 -26.00
N LEU A 335 12.05 -1.67 -25.52
CA LEU A 335 10.84 -1.41 -26.30
C LEU A 335 11.11 -0.49 -27.48
N VAL A 336 11.95 0.54 -27.29
CA VAL A 336 12.35 1.39 -28.41
C VAL A 336 13.03 0.56 -29.50
N THR A 337 13.78 -0.47 -29.10
CA THR A 337 14.46 -1.29 -30.10
C THR A 337 13.44 -2.15 -30.83
N ASP A 338 12.52 -2.75 -30.10
CA ASP A 338 11.43 -3.49 -30.71
C ASP A 338 10.64 -2.61 -31.67
N TYR A 339 10.36 -1.36 -31.27
CA TYR A 339 9.62 -0.43 -32.14
C TYR A 339 10.27 -0.29 -33.50
N MET A 340 11.60 -0.14 -33.51
CA MET A 340 12.35 0.07 -34.73
C MET A 340 12.59 -1.20 -35.51
N SER A 341 12.45 -2.37 -34.88
CA SER A 341 12.45 -3.58 -35.68
C SER A 341 11.27 -3.61 -36.63
N GLY A 342 10.26 -2.78 -36.38
CA GLY A 342 9.06 -2.77 -37.20
C GLY A 342 7.99 -3.73 -36.76
N ALA A 343 7.87 -4.01 -35.46
CA ALA A 343 6.96 -5.02 -34.96
C ALA A 343 5.73 -4.46 -34.26
N THR A 344 5.60 -3.13 -34.11
CA THR A 344 4.52 -2.56 -33.31
C THR A 344 3.72 -1.56 -34.12
N LEU A 345 2.53 -1.25 -33.62
CA LEU A 345 1.68 -0.22 -34.21
C LEU A 345 1.82 1.12 -33.50
N LEU A 346 3.02 1.44 -32.99
CA LEU A 346 3.17 2.60 -32.11
C LEU A 346 2.78 3.88 -32.83
N ASP A 347 3.18 4.02 -34.11
CA ASP A 347 2.83 5.22 -34.87
C ASP A 347 1.33 5.47 -34.97
N LYS A 348 0.51 4.42 -34.85
CA LYS A 348 -0.93 4.53 -35.06
C LYS A 348 -1.67 5.05 -33.82
N TYR A 349 -1.00 5.24 -32.69
CA TYR A 349 -1.65 5.81 -31.51
C TYR A 349 -1.65 7.33 -31.56
N ILE A 350 -0.81 7.93 -32.39
CA ILE A 350 -0.75 9.38 -32.51
C ILE A 350 -1.82 9.83 -33.48
N THR A 351 -2.72 10.67 -33.00
CA THR A 351 -3.85 11.13 -33.78
C THR A 351 -3.72 12.58 -34.20
N HIS A 352 -2.82 13.35 -33.58
CA HIS A 352 -2.62 14.76 -33.89
C HIS A 352 -1.18 15.14 -33.56
N ASN A 353 -0.69 16.20 -34.19
CA ASN A 353 0.61 16.77 -33.89
C ASN A 353 0.45 18.27 -33.86
N MET A 354 0.61 18.89 -32.70
CA MET A 354 0.36 20.31 -32.55
C MET A 354 1.58 21.02 -31.98
N LYS A 355 1.54 22.34 -32.02
CA LYS A 355 2.61 23.14 -31.45
C LYS A 355 2.41 23.29 -29.94
N PHE A 356 3.51 23.57 -29.24
CA PHE A 356 3.45 23.69 -27.79
C PHE A 356 2.57 24.86 -27.35
N ASP A 357 2.52 25.93 -28.16
CA ASP A 357 1.66 27.05 -27.80
C ASP A 357 0.19 26.66 -27.76
N GLN A 358 -0.20 25.62 -28.49
CA GLN A 358 -1.58 25.18 -28.45
C GLN A 358 -1.84 24.09 -27.41
N ILE A 359 -1.03 24.03 -26.34
CA ILE A 359 -1.23 22.97 -25.34
C ILE A 359 -2.65 22.99 -24.80
N ASN A 360 -3.27 24.16 -24.79
CA ASN A 360 -4.58 24.21 -24.16
C ASN A 360 -5.68 23.68 -25.07
N GLU A 361 -5.56 23.89 -26.39
CA GLU A 361 -6.49 23.27 -27.35
C GLU A 361 -6.25 21.78 -27.42
N ALA A 362 -5.00 21.36 -27.22
CA ALA A 362 -4.71 19.95 -27.08
C ALA A 362 -5.41 19.35 -25.85
N PHE A 363 -5.48 20.12 -24.76
CA PHE A 363 -6.22 19.69 -23.57
C PHE A 363 -7.74 19.75 -23.74
N GLU A 364 -8.27 20.58 -24.65
CA GLU A 364 -9.70 20.53 -24.91
C GLU A 364 -10.04 19.36 -25.81
N LEU A 365 -9.12 18.96 -26.68
CA LEU A 365 -9.33 17.77 -27.48
C LEU A 365 -9.34 16.52 -26.61
N LEU A 366 -8.43 16.45 -25.64
CA LEU A 366 -8.38 15.27 -24.77
C LEU A 366 -9.71 15.08 -24.04
N HIS A 367 -10.34 16.18 -23.63
CA HIS A 367 -11.55 16.09 -22.81
C HIS A 367 -12.72 15.50 -23.57
N ALA A 368 -12.67 15.46 -24.89
CA ALA A 368 -13.82 15.05 -25.68
C ALA A 368 -13.67 13.68 -26.32
N GLY A 369 -12.52 13.02 -26.18
CA GLY A 369 -12.28 11.79 -26.91
C GLY A 369 -11.85 12.01 -28.35
N GLU A 370 -11.54 13.25 -28.72
CA GLU A 370 -11.10 13.64 -30.05
C GLU A 370 -9.70 13.11 -30.37
N CYS A 371 -9.19 12.22 -29.54
CA CYS A 371 -7.75 12.13 -29.39
C CYS A 371 -7.41 10.81 -28.72
N LEU A 372 -6.57 10.01 -29.39
CA LEU A 372 -5.91 8.90 -28.72
C LEU A 372 -4.74 9.45 -27.92
N ARG A 373 -3.70 9.89 -28.64
CA ARG A 373 -2.57 10.61 -28.10
C ARG A 373 -2.29 11.81 -28.99
N CYS A 374 -2.16 12.97 -28.39
CA CYS A 374 -1.80 14.19 -29.10
CA CYS A 374 -1.82 14.20 -29.09
C CYS A 374 -0.37 14.57 -28.73
N VAL A 375 0.46 14.80 -29.74
CA VAL A 375 1.88 15.05 -29.50
C VAL A 375 2.25 16.49 -29.84
N LEU A 376 2.92 17.16 -28.90
CA LEU A 376 3.36 18.54 -29.05
C LEU A 376 4.85 18.60 -29.31
N THR A 377 5.27 19.56 -30.13
CA THR A 377 6.67 19.85 -30.34
C THR A 377 6.88 21.34 -30.09
N PHE A 378 8.14 21.73 -29.95
CA PHE A 378 8.51 23.14 -29.79
C PHE A 378 8.92 23.79 -31.14
N SER B 2 -41.69 -17.61 -17.59
CA SER B 2 -41.94 -17.71 -16.16
C SER B 2 -42.87 -18.89 -15.79
N GLU B 3 -42.62 -19.52 -14.65
CA GLU B 3 -43.59 -20.43 -14.04
C GLU B 3 -44.09 -19.90 -12.70
N THR B 4 -44.01 -18.58 -12.48
CA THR B 4 -44.66 -17.93 -11.36
C THR B 4 -45.68 -16.88 -11.79
N ALA B 5 -45.61 -16.41 -13.04
CA ALA B 5 -46.51 -15.37 -13.53
C ALA B 5 -47.97 -15.74 -13.30
N GLY B 6 -48.79 -14.74 -12.98
CA GLY B 6 -50.23 -14.92 -12.83
C GLY B 6 -50.66 -15.88 -11.73
N LYS B 7 -49.72 -16.33 -10.92
CA LYS B 7 -50.09 -17.21 -9.83
C LYS B 7 -49.60 -16.62 -8.53
N PRO B 8 -50.26 -16.93 -7.41
CA PRO B 8 -49.74 -16.48 -6.11
C PRO B 8 -48.34 -17.02 -5.88
N ILE B 9 -47.61 -16.31 -5.04
CA ILE B 9 -46.26 -16.68 -4.62
C ILE B 9 -46.26 -16.75 -3.11
N GLU B 10 -45.93 -17.91 -2.56
CA GLU B 10 -45.66 -18.02 -1.14
C GLU B 10 -44.20 -17.65 -0.90
N CYS B 11 -43.93 -16.75 0.04
CA CYS B 11 -42.58 -16.25 0.20
C CYS B 11 -42.31 -15.85 1.64
N LYS B 12 -41.03 -15.76 1.99
CA LYS B 12 -40.64 -15.32 3.30
C LYS B 12 -40.83 -13.81 3.45
N ALA B 13 -41.37 -13.38 4.59
CA ALA B 13 -41.67 -11.97 4.81
C ALA B 13 -41.57 -11.63 6.29
N ALA B 14 -41.65 -10.34 6.59
CA ALA B 14 -41.56 -9.82 7.96
C ALA B 14 -42.82 -9.01 8.22
N ILE B 15 -43.75 -9.60 8.96
CA ILE B 15 -45.08 -9.04 9.19
C ILE B 15 -45.10 -8.30 10.52
N ALA B 16 -45.73 -7.13 10.51
CA ALA B 16 -45.94 -6.33 11.71
C ALA B 16 -47.41 -6.48 12.12
N TRP B 17 -47.71 -7.47 12.96
CA TRP B 17 -49.08 -7.71 13.40
C TRP B 17 -49.65 -6.56 14.22
N GLU B 18 -48.81 -5.85 14.99
CA GLU B 18 -49.21 -4.68 15.75
C GLU B 18 -47.99 -3.85 16.09
N ALA B 19 -48.24 -2.58 16.41
CA ALA B 19 -47.17 -1.69 16.83
C ALA B 19 -46.51 -2.18 18.12
N LYS B 20 -45.30 -1.66 18.36
CA LYS B 20 -44.55 -1.84 19.62
C LYS B 20 -44.16 -3.29 19.90
N LYS B 21 -44.45 -4.19 18.98
CA LYS B 21 -44.06 -5.59 19.09
C LYS B 21 -43.04 -5.94 18.03
N PRO B 22 -42.23 -6.98 18.26
CA PRO B 22 -41.31 -7.44 17.21
C PRO B 22 -42.05 -7.82 15.93
N LEU B 23 -41.30 -7.87 14.84
CA LEU B 23 -41.85 -8.43 13.62
C LEU B 23 -41.74 -9.93 13.69
N GLU B 24 -42.60 -10.62 12.93
CA GLU B 24 -42.57 -12.06 12.84
C GLU B 24 -42.14 -12.46 11.44
N VAL B 25 -41.11 -13.28 11.33
CA VAL B 25 -40.69 -13.78 10.03
C VAL B 25 -41.40 -15.10 9.77
N ARG B 26 -42.03 -15.21 8.60
CA ARG B 26 -42.93 -16.31 8.28
C ARG B 26 -43.37 -16.19 6.82
N THR B 27 -43.99 -17.25 6.32
CA THR B 27 -44.48 -17.22 4.94
C THR B 27 -45.66 -16.26 4.82
N VAL B 28 -45.79 -15.68 3.63
CA VAL B 28 -46.93 -14.86 3.25
C VAL B 28 -47.21 -15.11 1.77
N THR B 29 -48.48 -14.93 1.38
CA THR B 29 -48.86 -15.16 -0.01
C THR B 29 -49.01 -13.82 -0.72
N VAL B 30 -48.17 -13.61 -1.74
CA VAL B 30 -48.20 -12.39 -2.52
C VAL B 30 -49.05 -12.63 -3.75
N ALA B 31 -50.03 -11.74 -3.97
CA ALA B 31 -50.90 -11.83 -5.13
C ALA B 31 -50.14 -11.57 -6.42
N PRO B 32 -50.69 -11.99 -7.55
CA PRO B 32 -50.14 -11.56 -8.83
C PRO B 32 -50.54 -10.12 -9.10
N PRO B 33 -49.81 -9.42 -9.97
CA PRO B 33 -50.07 -8.00 -10.19
C PRO B 33 -51.36 -7.75 -10.96
N GLY B 34 -52.12 -6.75 -10.49
CA GLY B 34 -53.26 -6.26 -11.23
C GLY B 34 -52.88 -5.24 -12.28
N PRO B 35 -53.86 -4.64 -12.97
CA PRO B 35 -53.57 -3.56 -13.91
C PRO B 35 -52.65 -2.49 -13.33
N GLY B 36 -51.69 -2.05 -14.14
CA GLY B 36 -50.74 -1.04 -13.71
C GLY B 36 -49.90 -1.42 -12.51
N GLU B 37 -49.68 -2.71 -12.27
CA GLU B 37 -48.95 -3.18 -11.10
C GLU B 37 -47.74 -4.00 -11.54
N VAL B 38 -46.82 -4.15 -10.60
CA VAL B 38 -45.53 -4.78 -10.83
C VAL B 38 -45.16 -5.57 -9.59
N ARG B 39 -44.96 -6.88 -9.74
CA ARG B 39 -44.48 -7.72 -8.65
C ARG B 39 -42.98 -7.92 -8.77
N VAL B 40 -42.24 -7.65 -7.69
CA VAL B 40 -40.79 -7.55 -7.70
C VAL B 40 -40.16 -8.53 -6.71
N GLN B 41 -39.11 -9.23 -7.16
CA GLN B 41 -38.26 -10.02 -6.26
C GLN B 41 -37.23 -9.10 -5.62
N ILE B 42 -37.25 -9.00 -4.30
CA ILE B 42 -36.28 -8.13 -3.63
C ILE B 42 -34.97 -8.88 -3.49
N LYS B 43 -33.88 -8.24 -3.89
CA LYS B 43 -32.58 -8.84 -3.63
C LYS B 43 -31.87 -8.24 -2.41
N ALA B 44 -32.22 -7.02 -2.00
CA ALA B 44 -31.61 -6.40 -0.83
C ALA B 44 -32.50 -5.27 -0.37
N THR B 45 -32.43 -4.97 0.94
CA THR B 45 -33.33 -4.02 1.56
C THR B 45 -32.74 -3.53 2.87
N ALA B 46 -32.99 -2.26 3.18
CA ALA B 46 -32.40 -1.59 4.33
C ALA B 46 -33.46 -1.07 5.28
N LEU B 47 -33.07 -0.90 6.53
CA LEU B 47 -33.89 -0.25 7.53
C LEU B 47 -33.54 1.23 7.61
N CYS B 48 -34.49 2.03 8.09
CA CYS B 48 -34.19 3.40 8.50
C CYS B 48 -35.32 3.87 9.41
N GLN B 49 -35.16 5.08 9.97
CA GLN B 49 -35.92 5.43 11.15
C GLN B 49 -37.43 5.46 10.88
N THR B 50 -37.85 5.84 9.67
CA THR B 50 -39.29 5.93 9.46
C THR B 50 -39.95 4.56 9.41
N ASP B 51 -39.21 3.51 9.04
CA ASP B 51 -39.66 2.17 9.36
C ASP B 51 -39.92 2.06 10.87
N ALA B 52 -38.88 2.31 11.66
CA ALA B 52 -39.00 2.20 13.12
C ALA B 52 -40.05 3.14 13.69
N TYR B 53 -40.23 4.32 13.07
CA TYR B 53 -41.20 5.28 13.58
C TYR B 53 -42.62 4.72 13.52
N THR B 54 -42.95 4.00 12.44
CA THR B 54 -44.28 3.48 12.27
C THR B 54 -44.52 2.24 13.14
N LEU B 55 -43.47 1.44 13.35
CA LEU B 55 -43.54 0.25 14.19
C LEU B 55 -43.71 0.62 15.67
N GLY B 56 -43.17 1.76 16.07
CA GLY B 56 -43.35 2.24 17.43
C GLY B 56 -44.69 2.84 17.72
N GLY B 57 -45.61 2.83 16.75
CA GLY B 57 -46.96 3.32 16.94
C GLY B 57 -47.11 4.83 17.00
N LEU B 58 -46.19 5.58 16.39
CA LEU B 58 -46.29 7.03 16.39
C LEU B 58 -46.96 7.57 15.14
N ASP B 59 -47.19 6.72 14.14
CA ASP B 59 -47.59 7.16 12.81
C ASP B 59 -49.11 7.24 12.70
N PRO B 60 -49.70 8.43 12.47
CA PRO B 60 -51.16 8.50 12.34
C PRO B 60 -51.68 7.87 11.07
N GLU B 61 -50.82 7.65 10.08
CA GLU B 61 -51.22 6.86 8.92
C GLU B 61 -51.05 5.36 9.16
N GLY B 62 -50.43 4.97 10.28
CA GLY B 62 -50.00 3.59 10.46
C GLY B 62 -51.18 2.66 10.65
N ARG B 63 -51.11 1.52 9.96
CA ARG B 63 -52.23 0.61 9.87
C ARG B 63 -51.71 -0.82 9.88
N PHE B 64 -52.13 -1.62 10.85
CA PHE B 64 -51.58 -2.94 11.06
C PHE B 64 -52.65 -4.01 10.85
N PRO B 65 -52.26 -5.22 10.52
CA PRO B 65 -50.89 -5.72 10.28
C PRO B 65 -50.30 -5.29 8.92
N CYS B 66 -49.08 -4.80 8.87
CA CYS B 66 -48.51 -4.46 7.59
C CYS B 66 -47.20 -5.22 7.39
N ILE B 67 -46.62 -5.04 6.21
CA ILE B 67 -45.22 -5.35 5.94
C ILE B 67 -44.51 -4.04 5.69
N LEU B 68 -43.48 -3.76 6.48
CA LEU B 68 -42.76 -2.49 6.34
C LEU B 68 -41.67 -2.62 5.27
N GLY B 69 -40.79 -1.63 5.20
CA GLY B 69 -39.72 -1.60 4.23
C GLY B 69 -39.92 -0.61 3.10
N HIS B 70 -38.96 0.28 2.88
CA HIS B 70 -39.03 1.18 1.75
C HIS B 70 -37.69 1.45 1.08
N GLU B 71 -36.59 0.95 1.60
CA GLU B 71 -35.29 1.06 0.93
C GLU B 71 -34.94 -0.34 0.43
N ALA B 72 -34.96 -0.53 -0.87
CA ALA B 72 -34.73 -1.87 -1.37
C ALA B 72 -34.49 -1.83 -2.87
N ALA B 73 -33.98 -2.95 -3.39
CA ALA B 73 -33.61 -3.06 -4.79
C ALA B 73 -33.81 -4.49 -5.20
N GLY B 74 -34.35 -4.68 -6.40
CA GLY B 74 -34.77 -5.99 -6.80
C GLY B 74 -34.89 -6.18 -8.30
N VAL B 75 -35.69 -7.19 -8.66
CA VAL B 75 -35.85 -7.67 -10.02
C VAL B 75 -37.33 -7.84 -10.30
N VAL B 76 -37.76 -7.42 -11.49
CA VAL B 76 -39.16 -7.57 -11.86
C VAL B 76 -39.45 -9.04 -12.17
N GLU B 77 -40.44 -9.59 -11.47
CA GLU B 77 -40.91 -10.95 -11.69
C GLU B 77 -42.05 -11.06 -12.69
N SER B 78 -42.83 -10.00 -12.86
CA SER B 78 -44.01 -10.04 -13.71
C SER B 78 -44.66 -8.66 -13.72
N VAL B 79 -45.53 -8.43 -14.68
CA VAL B 79 -46.22 -7.15 -14.78
C VAL B 79 -47.70 -7.41 -14.95
N GLY B 80 -48.53 -6.56 -14.35
CA GLY B 80 -49.97 -6.60 -14.59
C GLY B 80 -50.35 -6.19 -16.01
N GLU B 81 -51.65 -6.04 -16.20
CA GLU B 81 -52.18 -5.70 -17.52
C GLU B 81 -51.75 -4.30 -17.96
N GLY B 82 -51.32 -4.19 -19.20
CA GLY B 82 -51.04 -2.90 -19.79
C GLY B 82 -49.75 -2.23 -19.37
N VAL B 83 -48.94 -2.89 -18.54
CA VAL B 83 -47.66 -2.31 -18.11
C VAL B 83 -46.62 -2.58 -19.18
N THR B 84 -46.17 -1.53 -19.86
CA THR B 84 -45.06 -1.68 -20.80
C THR B 84 -43.80 -0.94 -20.36
N SER B 85 -43.88 -0.12 -19.31
CA SER B 85 -42.71 0.63 -18.89
C SER B 85 -41.62 -0.27 -18.32
N VAL B 86 -41.94 -1.49 -17.87
CA VAL B 86 -40.93 -2.45 -17.42
C VAL B 86 -41.43 -3.86 -17.73
N LYS B 87 -40.49 -4.78 -17.93
CA LYS B 87 -40.77 -6.15 -18.30
C LYS B 87 -40.04 -7.09 -17.38
N PRO B 88 -40.41 -8.38 -17.38
CA PRO B 88 -39.75 -9.32 -16.45
C PRO B 88 -38.24 -9.35 -16.66
N GLY B 89 -37.51 -9.27 -15.55
CA GLY B 89 -36.06 -9.31 -15.57
C GLY B 89 -35.39 -7.97 -15.36
N ASP B 90 -36.12 -6.86 -15.51
CA ASP B 90 -35.53 -5.53 -15.32
C ASP B 90 -35.06 -5.35 -13.88
N HIS B 91 -34.06 -4.49 -13.71
CA HIS B 91 -33.52 -4.17 -12.38
C HIS B 91 -34.13 -2.86 -11.89
N VAL B 92 -34.77 -2.90 -10.71
CA VAL B 92 -35.61 -1.78 -10.28
C VAL B 92 -35.32 -1.40 -8.84
N ILE B 93 -35.67 -0.15 -8.50
CA ILE B 93 -35.73 0.33 -7.12
C ILE B 93 -37.15 0.84 -6.89
N PRO B 94 -37.95 0.20 -6.05
CA PRO B 94 -39.25 0.81 -5.70
C PRO B 94 -39.03 2.05 -4.85
N CYS B 95 -39.89 3.04 -5.04
CA CYS B 95 -39.72 4.38 -4.51
C CYS B 95 -40.96 4.72 -3.71
N TYR B 96 -40.80 5.17 -2.47
CA TYR B 96 -42.01 5.50 -1.72
C TYR B 96 -42.71 6.71 -2.31
N GLN B 97 -42.02 7.45 -3.17
CA GLN B 97 -42.50 8.65 -3.84
C GLN B 97 -42.60 8.33 -5.33
N ALA B 98 -43.81 8.39 -5.89
CA ALA B 98 -44.05 7.95 -7.25
C ALA B 98 -43.69 9.04 -8.27
N TYR B 99 -43.64 8.65 -9.53
CA TYR B 99 -43.48 9.59 -10.64
C TYR B 99 -44.55 9.25 -11.66
N CYS B 100 -45.36 10.23 -12.06
CA CYS B 100 -46.39 9.87 -13.02
C CYS B 100 -46.25 10.57 -14.37
N GLY B 101 -45.53 11.68 -14.48
CA GLY B 101 -45.24 12.31 -15.71
C GLY B 101 -46.13 13.50 -16.05
N GLU B 102 -47.40 13.50 -15.60
CA GLU B 102 -48.36 14.49 -16.06
C GLU B 102 -49.25 15.15 -15.00
N CYS B 103 -49.15 14.81 -13.72
CA CYS B 103 -49.92 15.63 -12.81
C CYS B 103 -49.22 16.98 -12.63
N LYS B 104 -49.86 17.89 -11.90
CA LYS B 104 -49.35 19.25 -11.84
C LYS B 104 -47.96 19.31 -11.25
N PHE B 105 -47.62 18.30 -10.45
CA PHE B 105 -46.39 18.26 -9.67
C PHE B 105 -45.26 17.56 -10.42
N CYS B 106 -45.58 16.52 -11.20
CA CYS B 106 -44.55 15.88 -12.02
C CYS B 106 -44.11 16.80 -13.16
N LYS B 107 -45.04 17.61 -13.68
CA LYS B 107 -44.71 18.61 -14.70
C LYS B 107 -43.78 19.68 -14.15
N HIS B 108 -44.09 20.22 -12.97
CA HIS B 108 -43.37 21.38 -12.47
C HIS B 108 -41.90 21.05 -12.18
N PRO B 109 -40.95 21.86 -12.65
CA PRO B 109 -39.52 21.54 -12.42
C PRO B 109 -39.10 21.53 -10.97
N GLU B 110 -39.84 22.21 -10.10
CA GLU B 110 -39.39 22.38 -8.72
C GLU B 110 -40.22 21.56 -7.73
N SER B 111 -41.01 20.59 -8.19
CA SER B 111 -41.60 19.64 -7.25
C SER B 111 -41.43 18.21 -7.75
N ASN B 112 -41.52 17.28 -6.79
CA ASN B 112 -41.50 15.85 -7.02
C ASN B 112 -42.70 15.15 -6.36
N LEU B 113 -43.78 15.88 -6.06
CA LEU B 113 -44.83 15.43 -5.14
C LEU B 113 -46.04 14.89 -5.92
N CYS B 114 -45.85 13.69 -6.47
CA CYS B 114 -46.82 13.10 -7.37
C CYS B 114 -48.05 12.62 -6.63
N VAL B 115 -49.21 12.98 -7.15
CA VAL B 115 -50.46 12.65 -6.50
C VAL B 115 -51.15 11.45 -7.16
N SER B 116 -50.38 10.66 -7.92
CA SER B 116 -51.02 9.64 -8.73
C SER B 116 -51.39 8.43 -7.90
N VAL B 117 -50.66 8.14 -6.83
CA VAL B 117 -50.97 6.97 -6.03
C VAL B 117 -51.00 7.21 -4.53
N ARG B 118 -50.51 8.35 -4.04
CA ARG B 118 -50.36 8.53 -2.59
CA ARG B 118 -50.36 8.52 -2.59
C ARG B 118 -51.69 8.36 -1.84
N ALA B 119 -52.82 8.56 -2.49
CA ALA B 119 -54.10 8.44 -1.79
C ALA B 119 -54.38 6.99 -1.40
N PHE B 120 -53.90 6.05 -2.21
CA PHE B 120 -54.06 4.65 -1.90
C PHE B 120 -52.88 4.08 -1.11
N THR B 121 -51.66 4.41 -1.49
CA THR B 121 -50.49 3.89 -0.80
C THR B 121 -50.43 4.35 0.66
N GLY B 122 -50.92 5.55 0.96
CA GLY B 122 -51.01 5.99 2.34
C GLY B 122 -52.08 5.27 3.13
N LYS B 123 -52.87 4.42 2.48
CA LYS B 123 -53.87 3.59 3.13
C LYS B 123 -53.55 2.11 3.00
N GLY B 124 -52.30 1.79 2.63
CA GLY B 124 -51.82 0.43 2.63
C GLY B 124 -52.38 -0.49 1.58
N VAL B 125 -53.03 0.03 0.55
CA VAL B 125 -53.68 -0.85 -0.42
C VAL B 125 -53.15 -0.56 -1.82
N MET B 126 -53.68 -1.28 -2.80
CA MET B 126 -53.34 -1.06 -4.20
C MET B 126 -54.40 -0.20 -4.88
N LYS B 127 -53.96 0.59 -5.88
CA LYS B 127 -54.85 1.58 -6.48
C LYS B 127 -55.96 0.96 -7.34
N SER B 128 -55.75 -0.22 -7.92
CA SER B 128 -56.70 -0.71 -8.91
C SER B 128 -57.99 -1.24 -8.31
N ASP B 129 -57.95 -1.74 -7.07
CA ASP B 129 -59.12 -2.36 -6.46
C ASP B 129 -59.25 -2.08 -4.96
N GLY B 130 -58.40 -1.23 -4.40
CA GLY B 130 -58.57 -0.79 -3.04
C GLY B 130 -58.20 -1.80 -1.99
N LYS B 131 -57.56 -2.92 -2.36
CA LYS B 131 -57.21 -4.00 -1.46
C LYS B 131 -55.72 -4.31 -1.57
N PRO B 132 -55.10 -4.80 -0.49
CA PRO B 132 -53.68 -5.16 -0.56
C PRO B 132 -53.47 -6.46 -1.32
N ARG B 133 -52.19 -6.78 -1.54
CA ARG B 133 -51.82 -7.99 -2.26
C ARG B 133 -51.19 -9.05 -1.35
N PHE B 134 -51.16 -8.82 -0.04
CA PHE B 134 -50.58 -9.74 0.92
C PHE B 134 -51.68 -10.42 1.71
N THR B 135 -51.51 -11.72 1.97
CA THR B 135 -52.49 -12.48 2.74
C THR B 135 -51.80 -13.55 3.57
N VAL B 136 -52.24 -13.69 4.81
CA VAL B 136 -51.85 -14.78 5.70
C VAL B 136 -53.13 -15.55 6.05
N ASP B 137 -53.28 -16.75 5.50
CA ASP B 137 -54.44 -17.59 5.77
C ASP B 137 -55.71 -16.88 5.33
N GLY B 138 -55.63 -16.21 4.19
CA GLY B 138 -56.77 -15.60 3.55
C GLY B 138 -57.14 -14.22 4.06
N LYS B 139 -56.69 -13.84 5.27
CA LYS B 139 -56.95 -12.47 5.73
C LYS B 139 -55.85 -11.54 5.21
N PRO B 140 -56.06 -10.20 5.26
CA PRO B 140 -55.14 -9.32 4.53
C PRO B 140 -54.04 -8.65 5.37
N ILE B 141 -52.91 -8.42 4.72
CA ILE B 141 -51.81 -7.65 5.29
C ILE B 141 -51.58 -6.43 4.40
N TYR B 142 -51.40 -5.26 5.03
CA TYR B 142 -51.45 -3.99 4.31
C TYR B 142 -50.06 -3.46 3.98
N HIS B 143 -49.96 -2.80 2.81
CA HIS B 143 -48.71 -2.25 2.33
C HIS B 143 -48.31 -1.02 3.15
N PHE B 144 -47.01 -0.71 3.09
CA PHE B 144 -46.43 0.42 3.80
C PHE B 144 -45.69 1.30 2.80
N MET B 145 -46.04 2.59 2.79
CA MET B 145 -45.39 3.60 1.97
C MET B 145 -45.41 3.24 0.47
N GLY B 146 -46.33 2.37 0.05
CA GLY B 146 -46.43 1.92 -1.32
C GLY B 146 -45.36 0.94 -1.75
N THR B 147 -44.51 0.48 -0.82
CA THR B 147 -43.34 -0.29 -1.21
C THR B 147 -43.24 -1.64 -0.52
N SER B 148 -43.40 -1.66 0.80
CA SER B 148 -43.46 -2.90 1.59
C SER B 148 -42.42 -3.93 1.15
N THR B 149 -41.17 -3.72 1.55
CA THR B 149 -40.07 -4.47 0.96
C THR B 149 -39.50 -5.56 1.87
N PHE B 150 -39.99 -5.67 3.10
CA PHE B 150 -39.62 -6.77 4.00
C PHE B 150 -40.33 -8.07 3.65
N SER B 151 -40.44 -8.35 2.35
CA SER B 151 -41.00 -9.58 1.81
C SER B 151 -40.15 -9.95 0.59
N GLU B 152 -39.91 -11.24 0.39
CA GLU B 152 -39.06 -11.60 -0.75
C GLU B 152 -39.70 -11.17 -2.06
N TYR B 153 -41.02 -11.10 -2.08
CA TYR B 153 -41.80 -10.63 -3.21
C TYR B 153 -42.79 -9.58 -2.72
N THR B 154 -43.01 -8.56 -3.56
CA THR B 154 -43.90 -7.47 -3.24
C THR B 154 -44.55 -7.02 -4.54
N VAL B 155 -45.68 -6.33 -4.43
CA VAL B 155 -46.38 -5.80 -5.59
C VAL B 155 -46.54 -4.30 -5.39
N VAL B 156 -46.23 -3.53 -6.43
CA VAL B 156 -46.18 -2.08 -6.31
C VAL B 156 -46.74 -1.44 -7.58
N HIS B 157 -47.06 -0.15 -7.48
CA HIS B 157 -47.56 0.58 -8.65
C HIS B 157 -46.43 0.90 -9.61
N GLU B 158 -46.74 0.83 -10.91
CA GLU B 158 -45.70 1.04 -11.91
C GLU B 158 -45.17 2.46 -11.85
N GLN B 159 -46.00 3.42 -11.42
CA GLN B 159 -45.52 4.77 -11.13
C GLN B 159 -44.50 4.81 -10.01
N SER B 160 -44.28 3.70 -9.29
CA SER B 160 -43.37 3.65 -8.17
C SER B 160 -42.08 2.89 -8.43
N VAL B 161 -41.85 2.43 -9.66
CA VAL B 161 -40.73 1.56 -9.99
C VAL B 161 -39.74 2.30 -10.87
N ALA B 162 -38.50 2.40 -10.41
CA ALA B 162 -37.44 2.99 -11.21
C ALA B 162 -36.65 1.87 -11.88
N LYS B 163 -36.57 1.90 -13.21
CA LYS B 163 -35.75 0.94 -13.96
C LYS B 163 -34.30 1.43 -13.98
N ILE B 164 -33.40 0.65 -13.40
CA ILE B 164 -32.02 1.08 -13.23
C ILE B 164 -31.09 0.23 -14.09
N ASP B 165 -29.82 0.65 -14.13
CA ASP B 165 -28.73 -0.10 -14.78
C ASP B 165 -28.66 -1.55 -14.29
N VAL B 166 -28.61 -2.48 -15.24
CA VAL B 166 -28.57 -3.91 -14.87
C VAL B 166 -27.22 -4.32 -14.30
N ASN B 167 -26.20 -3.46 -14.43
CA ASN B 167 -24.89 -3.70 -13.86
C ASN B 167 -24.71 -3.08 -12.48
N ALA B 168 -25.73 -2.44 -11.94
CA ALA B 168 -25.55 -1.88 -10.62
C ALA B 168 -25.71 -2.98 -9.57
N PRO B 169 -24.88 -2.99 -8.54
CA PRO B 169 -24.97 -4.01 -7.47
C PRO B 169 -26.10 -3.67 -6.51
N LEU B 170 -27.03 -4.61 -6.37
CA LEU B 170 -28.31 -4.30 -5.74
C LEU B 170 -28.16 -4.01 -4.26
N ASP B 171 -27.19 -4.65 -3.60
CA ASP B 171 -27.03 -4.46 -2.16
C ASP B 171 -26.34 -3.17 -1.81
N LYS B 172 -26.32 -2.20 -2.72
CA LYS B 172 -25.74 -0.89 -2.43
C LYS B 172 -26.72 0.18 -2.88
N VAL B 173 -27.17 0.08 -4.14
CA VAL B 173 -28.08 1.10 -4.68
C VAL B 173 -29.45 1.09 -4.00
N CYS B 174 -29.73 0.14 -3.09
CA CYS B 174 -31.02 0.15 -2.41
C CYS B 174 -31.19 1.38 -1.54
N LEU B 175 -30.08 1.99 -1.12
CA LEU B 175 -30.14 3.19 -0.29
C LEU B 175 -30.69 4.38 -1.04
N LEU B 176 -30.69 4.33 -2.38
CA LEU B 176 -31.10 5.46 -3.21
C LEU B 176 -32.61 5.63 -3.29
N GLY B 177 -33.39 4.67 -2.81
CA GLY B 177 -34.81 4.90 -2.64
C GLY B 177 -35.17 5.93 -1.58
N CYS B 178 -34.27 6.21 -0.62
CA CYS B 178 -34.60 7.14 0.44
C CYS B 178 -33.41 7.94 0.97
N GLY B 179 -32.71 7.41 1.98
CA GLY B 179 -31.98 8.28 2.90
C GLY B 179 -30.93 9.14 2.22
N VAL B 180 -30.10 8.53 1.39
CA VAL B 180 -28.99 9.24 0.76
C VAL B 180 -29.51 10.27 -0.25
N SER B 181 -30.28 9.82 -1.24
CA SER B 181 -30.89 10.70 -2.22
C SER B 181 -31.52 11.95 -1.60
N THR B 182 -32.20 11.80 -0.46
CA THR B 182 -32.76 12.96 0.22
C THR B 182 -31.67 13.99 0.51
N GLY B 183 -30.61 13.59 1.24
CA GLY B 183 -29.54 14.53 1.53
C GLY B 183 -28.83 15.05 0.29
N TRP B 184 -28.55 14.17 -0.66
CA TRP B 184 -27.98 14.62 -1.91
C TRP B 184 -28.86 15.67 -2.58
N GLY B 185 -30.16 15.37 -2.74
CA GLY B 185 -31.05 16.26 -3.46
C GLY B 185 -31.24 17.63 -2.83
N ALA B 186 -31.23 17.69 -1.48
CA ALA B 186 -31.31 18.97 -0.80
C ALA B 186 -30.24 19.92 -1.27
N VAL B 187 -29.01 19.40 -1.38
CA VAL B 187 -27.90 20.17 -1.93
C VAL B 187 -28.15 20.50 -3.41
N PHE B 188 -28.41 19.47 -4.23
CA PHE B 188 -28.32 19.62 -5.67
C PHE B 188 -29.57 20.27 -6.27
N ASN B 189 -30.76 19.97 -5.74
CA ASN B 189 -32.02 20.43 -6.34
C ASN B 189 -32.65 21.58 -5.56
N THR B 190 -32.80 21.43 -4.25
CA THR B 190 -33.58 22.38 -3.47
C THR B 190 -32.81 23.67 -3.21
N ALA B 191 -31.61 23.55 -2.64
CA ALA B 191 -30.83 24.74 -2.36
C ALA B 191 -29.96 25.17 -3.52
N LYS B 192 -29.64 24.26 -4.44
CA LYS B 192 -28.73 24.50 -5.57
C LYS B 192 -27.47 25.22 -5.07
N VAL B 193 -26.66 24.46 -4.33
CA VAL B 193 -25.45 25.02 -3.74
C VAL B 193 -24.45 25.36 -4.84
N THR B 194 -23.90 26.56 -4.76
CA THR B 194 -22.89 27.03 -5.67
C THR B 194 -21.49 26.70 -5.14
N ALA B 195 -20.55 26.55 -6.06
CA ALA B 195 -19.17 26.42 -5.61
C ALA B 195 -18.77 27.67 -4.83
N GLY B 196 -17.86 27.47 -3.86
CA GLY B 196 -17.29 28.53 -3.07
C GLY B 196 -18.11 28.97 -1.88
N SER B 197 -19.26 28.36 -1.63
CA SER B 197 -20.15 28.85 -0.59
C SER B 197 -19.91 28.10 0.72
N THR B 198 -20.38 28.71 1.83
CA THR B 198 -20.29 28.14 3.17
C THR B 198 -21.58 27.42 3.52
N VAL B 199 -21.43 26.22 4.10
CA VAL B 199 -22.53 25.31 4.39
C VAL B 199 -22.41 24.82 5.84
N ALA B 200 -23.52 24.90 6.59
CA ALA B 200 -23.63 24.24 7.88
C ALA B 200 -24.70 23.15 7.81
N VAL B 201 -24.41 22.00 8.44
CA VAL B 201 -25.27 20.82 8.42
C VAL B 201 -25.59 20.42 9.88
N PHE B 202 -26.87 20.42 10.23
CA PHE B 202 -27.29 20.05 11.57
C PHE B 202 -27.82 18.62 11.56
N GLY B 203 -27.14 17.72 12.26
CA GLY B 203 -27.59 16.35 12.33
C GLY B 203 -26.79 15.43 11.44
N LEU B 204 -25.97 14.59 12.04
CA LEU B 204 -24.98 13.84 11.30
C LEU B 204 -25.35 12.37 11.14
N GLY B 205 -26.62 12.08 10.85
CA GLY B 205 -27.03 10.77 10.39
C GLY B 205 -26.69 10.56 8.93
N ALA B 206 -27.23 9.48 8.36
CA ALA B 206 -26.95 9.20 6.95
C ALA B 206 -27.39 10.36 6.07
N VAL B 207 -28.56 10.93 6.34
CA VAL B 207 -29.02 12.09 5.58
C VAL B 207 -28.01 13.22 5.70
N GLY B 208 -27.75 13.67 6.94
CA GLY B 208 -26.80 14.75 7.15
C GLY B 208 -25.44 14.50 6.52
N LEU B 209 -24.99 13.24 6.48
CA LEU B 209 -23.73 12.97 5.81
C LEU B 209 -23.88 13.08 4.29
N ALA B 210 -25.03 12.68 3.75
CA ALA B 210 -25.21 12.88 2.31
C ALA B 210 -25.16 14.36 1.95
N VAL B 211 -25.73 15.21 2.80
CA VAL B 211 -25.64 16.65 2.57
C VAL B 211 -24.18 17.11 2.58
N ILE B 212 -23.40 16.65 3.56
CA ILE B 212 -21.98 16.99 3.55
C ILE B 212 -21.34 16.55 2.24
N GLU B 213 -21.53 15.29 1.84
CA GLU B 213 -20.90 14.77 0.63
C GLU B 213 -21.31 15.60 -0.58
N ALA B 214 -22.60 15.81 -0.75
CA ALA B 214 -23.07 16.58 -1.89
C ALA B 214 -22.55 18.00 -1.81
N ALA B 215 -22.57 18.61 -0.62
CA ALA B 215 -22.11 19.99 -0.51
C ALA B 215 -20.63 20.10 -0.88
N LYS B 216 -19.84 19.08 -0.59
CA LYS B 216 -18.44 19.09 -1.00
C LYS B 216 -18.33 18.88 -2.50
N ARG B 217 -19.12 17.95 -3.03
CA ARG B 217 -19.13 17.71 -4.47
C ARG B 217 -19.62 18.94 -5.22
N ALA B 218 -20.48 19.75 -4.60
CA ALA B 218 -20.88 20.98 -5.23
C ALA B 218 -19.81 22.06 -5.06
N GLY B 219 -18.77 21.77 -4.29
CA GLY B 219 -17.69 22.72 -4.16
C GLY B 219 -17.87 23.74 -3.07
N ALA B 220 -18.51 23.36 -1.97
CA ALA B 220 -18.55 24.24 -0.81
C ALA B 220 -17.14 24.47 -0.33
N SER B 221 -16.81 25.74 -0.07
CA SER B 221 -15.49 26.11 0.44
C SER B 221 -15.32 25.75 1.90
N ARG B 222 -16.41 25.49 2.61
CA ARG B 222 -16.41 25.35 4.06
C ARG B 222 -17.66 24.58 4.42
N ILE B 223 -17.52 23.43 5.07
CA ILE B 223 -18.68 22.66 5.52
C ILE B 223 -18.57 22.46 7.02
N ILE B 224 -19.59 22.91 7.75
CA ILE B 224 -19.59 22.96 9.21
C ILE B 224 -20.61 21.95 9.72
N ALA B 225 -20.14 20.85 10.32
CA ALA B 225 -21.01 19.82 10.86
C ALA B 225 -21.35 20.11 12.32
N VAL B 226 -22.64 20.06 12.65
CA VAL B 226 -23.13 20.30 14.00
C VAL B 226 -23.83 19.06 14.51
N ASP B 227 -23.59 18.70 15.76
CA ASP B 227 -24.24 17.53 16.34
C ASP B 227 -23.89 17.40 17.82
N ILE B 228 -24.83 16.90 18.62
CA ILE B 228 -24.55 16.82 20.05
C ILE B 228 -23.93 15.48 20.42
N ASP B 229 -23.47 14.73 19.42
CA ASP B 229 -22.72 13.48 19.65
C ASP B 229 -21.39 13.60 18.93
N PRO B 230 -20.33 14.04 19.60
CA PRO B 230 -19.03 14.21 18.90
C PRO B 230 -18.42 12.92 18.41
N THR B 231 -18.95 11.74 18.79
CA THR B 231 -18.45 10.51 18.16
C THR B 231 -18.77 10.47 16.67
N LYS B 232 -19.77 11.23 16.22
CA LYS B 232 -20.14 11.30 14.80
C LYS B 232 -19.19 12.17 13.99
N PHE B 233 -18.33 12.96 14.65
CA PHE B 233 -17.47 13.89 13.93
C PHE B 233 -16.44 13.19 13.05
N PRO B 234 -15.67 12.19 13.53
CA PRO B 234 -14.66 11.56 12.64
C PRO B 234 -15.23 11.17 11.30
N THR B 235 -16.41 10.54 11.32
CA THR B 235 -17.07 10.10 10.10
C THR B 235 -17.44 11.29 9.23
N ALA B 236 -17.89 12.38 9.84
CA ALA B 236 -18.27 13.53 9.04
C ALA B 236 -17.04 14.15 8.39
N LYS B 237 -15.92 14.20 9.11
CA LYS B 237 -14.70 14.70 8.49
C LYS B 237 -14.38 13.92 7.20
N GLU B 238 -14.63 12.60 7.21
CA GLU B 238 -14.36 11.79 6.03
C GLU B 238 -15.29 12.16 4.88
N PHE B 239 -16.55 12.45 5.19
CA PHE B 239 -17.50 12.76 4.14
C PHE B 239 -17.35 14.17 3.59
N GLY B 240 -16.50 14.98 4.19
CA GLY B 240 -16.08 16.21 3.55
C GLY B 240 -16.06 17.41 4.46
N ALA B 241 -16.49 17.21 5.71
CA ALA B 241 -16.62 18.31 6.65
C ALA B 241 -15.26 18.94 6.95
N THR B 242 -15.27 20.26 7.13
CA THR B 242 -14.07 21.03 7.46
C THR B 242 -14.07 21.58 8.87
N ASP B 243 -15.22 21.67 9.52
CA ASP B 243 -15.34 22.12 10.90
C ASP B 243 -16.34 21.21 11.66
N SNC B 244 -16.32 21.21 12.99
CA SNC B 244 -17.23 20.36 13.77
CB SNC B 244 -16.71 18.96 14.10
SG SNC B 244 -17.13 17.87 12.76
ND SNC B 244 -15.60 17.44 12.17
OE SNC B 244 -14.90 18.18 11.63
C SNC B 244 -17.62 20.93 15.13
O SNC B 244 -16.81 21.04 16.04
N ILE B 245 -18.91 21.25 15.27
CA ILE B 245 -19.40 21.91 16.49
C ILE B 245 -20.38 21.05 17.31
N ASN B 246 -20.05 20.83 18.61
CA ASN B 246 -21.01 20.37 19.58
C ASN B 246 -21.66 21.57 20.25
N PRO B 247 -22.99 21.68 20.26
CA PRO B 247 -23.62 22.85 20.89
C PRO B 247 -23.49 22.85 22.40
N LYS B 248 -23.34 21.70 23.04
CA LYS B 248 -23.14 21.66 24.48
C LYS B 248 -21.77 22.17 24.91
N ASP B 249 -20.78 22.18 24.01
CA ASP B 249 -19.55 22.83 24.37
C ASP B 249 -19.68 24.34 24.48
N HIS B 250 -20.83 24.90 24.12
CA HIS B 250 -20.94 26.35 23.98
C HIS B 250 -22.05 26.89 24.87
N GLU B 251 -21.76 28.04 25.48
CA GLU B 251 -22.67 28.71 26.37
C GLU B 251 -23.32 29.91 25.70
N LYS B 252 -23.30 29.94 24.39
CA LYS B 252 -24.08 30.81 23.53
C LYS B 252 -25.03 29.93 22.73
N PRO B 253 -26.13 30.48 22.23
CA PRO B 253 -27.00 29.72 21.32
C PRO B 253 -26.25 29.27 20.07
N ILE B 254 -26.69 28.14 19.52
CA ILE B 254 -25.92 27.54 18.43
C ILE B 254 -25.96 28.43 17.19
N GLN B 255 -27.09 29.10 16.90
CA GLN B 255 -27.11 30.05 15.79
C GLN B 255 -26.10 31.18 15.97
N GLN B 256 -25.79 31.54 17.22
CA GLN B 256 -24.81 32.59 17.46
C GLN B 256 -23.38 32.09 17.25
N VAL B 257 -23.07 30.85 17.65
CA VAL B 257 -21.73 30.31 17.40
C VAL B 257 -21.41 30.36 15.91
N ILE B 258 -22.32 29.82 15.09
CA ILE B 258 -22.08 29.69 13.66
C ILE B 258 -21.93 31.05 13.02
N VAL B 259 -22.77 32.01 13.41
CA VAL B 259 -22.62 33.36 12.88
C VAL B 259 -21.25 33.93 13.26
N GLU B 260 -20.86 33.76 14.52
CA GLU B 260 -19.58 34.28 14.98
C GLU B 260 -18.42 33.70 14.18
N MET B 261 -18.55 32.44 13.76
CA MET B 261 -17.52 31.82 12.92
C MET B 261 -17.50 32.41 11.51
N THR B 262 -18.62 32.96 11.05
CA THR B 262 -18.74 33.29 9.64
C THR B 262 -19.14 34.74 9.44
N GLU B 263 -18.97 35.56 10.47
CA GLU B 263 -19.35 36.98 10.47
C GLU B 263 -20.86 37.15 10.37
N TRP B 264 -21.48 36.65 9.29
CA TRP B 264 -22.91 36.85 9.07
C TRP B 264 -23.73 35.58 8.96
N GLY B 265 -23.11 34.39 8.97
CA GLY B 265 -23.80 33.13 8.81
C GLY B 265 -23.36 32.40 7.56
N CYS B 266 -23.91 31.20 7.38
CA CYS B 266 -23.54 30.42 6.21
C CYS B 266 -24.49 30.63 5.04
N ASP B 267 -23.92 30.59 3.83
CA ASP B 267 -24.70 30.74 2.61
C ASP B 267 -25.87 29.78 2.56
N TYR B 268 -25.72 28.59 3.13
CA TYR B 268 -26.67 27.48 3.00
C TYR B 268 -26.68 26.71 4.31
N THR B 269 -27.87 26.36 4.82
CA THR B 269 -27.94 25.57 6.05
C THR B 269 -29.00 24.48 5.92
N PHE B 270 -28.75 23.37 6.62
CA PHE B 270 -29.44 22.12 6.37
C PHE B 270 -29.77 21.49 7.72
N GLU B 271 -31.05 21.43 8.05
CA GLU B 271 -31.51 20.74 9.26
C GLU B 271 -31.85 19.29 8.91
N CYS B 272 -31.13 18.36 9.52
CA CYS B 272 -31.21 16.96 9.12
C CYS B 272 -31.65 16.08 10.28
N ILE B 273 -32.36 16.68 11.24
CA ILE B 273 -32.71 16.01 12.48
C ILE B 273 -34.22 15.77 12.58
N GLY B 274 -35.01 16.80 12.35
CA GLY B 274 -36.41 16.76 12.72
C GLY B 274 -36.72 17.48 14.02
N ASN B 275 -35.91 18.42 14.41
CA ASN B 275 -36.07 19.11 15.69
C ASN B 275 -36.35 20.58 15.40
N THR B 276 -37.56 21.03 15.72
CA THR B 276 -38.00 22.34 15.27
C THR B 276 -37.18 23.45 15.91
N ALA B 277 -36.67 23.23 17.11
CA ALA B 277 -35.79 24.23 17.71
C ALA B 277 -34.51 24.38 16.89
N VAL B 278 -33.87 23.25 16.54
CA VAL B 278 -32.70 23.31 15.68
C VAL B 278 -33.06 23.90 14.32
N MET B 279 -34.29 23.65 13.85
CA MET B 279 -34.75 24.21 12.58
C MET B 279 -34.69 25.74 12.60
N ARG B 280 -35.17 26.35 13.68
CA ARG B 280 -35.01 27.79 13.86
C ARG B 280 -33.55 28.18 13.92
N ALA B 281 -32.71 27.35 14.56
CA ALA B 281 -31.29 27.65 14.62
C ALA B 281 -30.68 27.67 13.24
N ALA B 282 -31.05 26.69 12.41
CA ALA B 282 -30.47 26.62 11.08
C ALA B 282 -30.92 27.80 10.22
N LEU B 283 -32.19 28.17 10.29
CA LEU B 283 -32.59 29.40 9.63
C LEU B 283 -31.78 30.59 10.16
N GLU B 284 -31.52 30.63 11.46
CA GLU B 284 -31.03 31.88 12.03
C GLU B 284 -29.53 32.08 11.85
N CYS B 285 -28.81 31.10 11.32
CA CYS B 285 -27.42 31.32 10.97
C CYS B 285 -27.20 31.10 9.48
N ALA B 286 -28.27 31.05 8.70
CA ALA B 286 -28.13 31.31 7.29
C ALA B 286 -27.77 32.78 7.10
N HIS B 287 -27.01 33.04 6.03
CA HIS B 287 -26.35 34.33 5.83
C HIS B 287 -27.36 35.45 5.72
N ARG B 288 -27.02 36.59 6.32
CA ARG B 288 -27.83 37.80 6.18
C ARG B 288 -27.89 38.19 4.71
N GLY B 289 -29.00 38.79 4.31
CA GLY B 289 -29.10 39.14 2.91
C GLY B 289 -29.56 38.10 1.92
N TRP B 290 -29.01 36.89 1.99
CA TRP B 290 -29.33 35.92 0.93
C TRP B 290 -29.27 34.46 1.37
N GLY B 291 -29.01 34.16 2.63
CA GLY B 291 -28.82 32.77 3.03
C GLY B 291 -30.06 31.93 2.82
N THR B 292 -29.87 30.62 2.88
CA THR B 292 -30.96 29.69 2.63
C THR B 292 -30.91 28.59 3.65
N SER B 293 -32.05 28.25 4.23
CA SER B 293 -32.15 27.14 5.15
C SER B 293 -33.13 26.13 4.58
N VAL B 294 -32.73 24.86 4.57
CA VAL B 294 -33.52 23.76 4.02
C VAL B 294 -33.82 22.77 5.15
N ILE B 295 -35.11 22.59 5.46
CA ILE B 295 -35.55 21.58 6.42
C ILE B 295 -35.56 20.23 5.70
N VAL B 296 -34.69 19.33 6.14
CA VAL B 296 -34.63 17.98 5.60
C VAL B 296 -35.31 16.99 6.52
N GLY B 297 -35.15 17.17 7.82
CA GLY B 297 -35.74 16.26 8.78
C GLY B 297 -37.24 16.47 8.90
N VAL B 298 -37.90 15.48 9.49
CA VAL B 298 -39.35 15.45 9.59
C VAL B 298 -39.72 15.57 11.05
N ALA B 299 -40.42 16.65 11.41
CA ALA B 299 -40.70 16.96 12.82
C ALA B 299 -41.76 16.03 13.43
N ALA B 300 -41.87 16.09 14.75
CA ALA B 300 -42.84 15.33 15.51
C ALA B 300 -44.24 15.92 15.36
N ALA B 301 -45.24 15.14 15.77
CA ALA B 301 -46.61 15.65 15.83
C ALA B 301 -46.71 16.78 16.83
N GLY B 302 -47.51 17.80 16.47
CA GLY B 302 -47.69 18.99 17.29
C GLY B 302 -46.63 20.05 17.16
N GLN B 303 -45.45 19.72 16.62
CA GLN B 303 -44.30 20.61 16.61
C GLN B 303 -44.42 21.67 15.52
N GLU B 304 -44.00 22.89 15.86
CA GLU B 304 -44.09 24.03 14.95
C GLU B 304 -42.77 24.75 14.91
N ILE B 305 -42.42 25.30 13.73
CA ILE B 305 -41.25 26.15 13.60
C ILE B 305 -41.66 27.61 13.79
N SER B 306 -40.83 28.39 14.47
CA SER B 306 -41.08 29.81 14.70
C SER B 306 -39.80 30.61 14.47
N THR B 307 -39.97 31.91 14.26
CA THR B 307 -38.85 32.84 14.07
C THR B 307 -39.39 34.26 14.01
N ARG B 308 -38.50 35.20 14.26
CA ARG B 308 -38.84 36.59 14.07
C ARG B 308 -38.91 36.91 12.58
N PRO B 309 -40.02 37.51 12.10
CA PRO B 309 -40.09 37.90 10.69
C PRO B 309 -38.92 38.72 10.23
N PHE B 310 -38.28 39.46 11.14
CA PHE B 310 -37.06 40.18 10.82
C PHE B 310 -36.07 39.29 10.08
N GLN B 311 -35.96 38.03 10.49
CA GLN B 311 -35.02 37.11 9.85
C GLN B 311 -35.28 37.00 8.36
N LEU B 312 -36.53 36.95 7.95
CA LEU B 312 -36.84 36.76 6.54
C LEU B 312 -36.73 38.06 5.78
N VAL B 313 -37.16 39.15 6.41
CA VAL B 313 -37.09 40.44 5.77
C VAL B 313 -35.64 40.79 5.50
N THR B 314 -34.74 40.46 6.41
CA THR B 314 -33.33 40.77 6.24
C THR B 314 -32.60 39.69 5.47
N GLY B 315 -33.32 38.89 4.70
CA GLY B 315 -32.74 38.26 3.54
C GLY B 315 -32.72 36.76 3.55
N ARG B 316 -33.09 36.12 4.64
CA ARG B 316 -32.97 34.68 4.72
C ARG B 316 -34.18 34.01 4.11
N ARG B 317 -33.97 32.80 3.61
CA ARG B 317 -34.99 32.10 2.86
C ARG B 317 -35.16 30.72 3.49
N TRP B 318 -36.39 30.41 3.82
CA TRP B 318 -36.73 29.15 4.49
C TRP B 318 -37.38 28.23 3.47
N MET B 319 -36.90 27.00 3.38
CA MET B 319 -37.58 26.02 2.56
C MET B 319 -37.35 24.64 3.14
N GLY B 320 -37.77 23.61 2.40
CA GLY B 320 -37.57 22.25 2.83
C GLY B 320 -37.68 21.33 1.64
N THR B 321 -37.41 20.04 1.87
CA THR B 321 -37.24 19.09 0.78
C THR B 321 -37.85 17.75 1.14
N ALA B 322 -38.39 17.08 0.12
CA ALA B 322 -38.93 15.74 0.25
C ALA B 322 -38.27 14.90 -0.81
N PHE B 323 -37.58 13.84 -0.39
CA PHE B 323 -36.77 13.00 -1.28
C PHE B 323 -35.77 13.82 -2.10
N GLY B 324 -35.23 14.87 -1.49
CA GLY B 324 -34.31 15.72 -2.22
C GLY B 324 -34.89 16.35 -3.46
N GLY B 325 -36.22 16.47 -3.54
CA GLY B 325 -36.82 16.93 -4.77
C GLY B 325 -36.55 16.04 -5.97
N TYR B 326 -36.11 14.82 -5.75
CA TYR B 326 -35.86 13.93 -6.87
C TYR B 326 -37.17 13.41 -7.44
N LYS B 327 -37.25 13.38 -8.77
CA LYS B 327 -38.39 12.79 -9.46
C LYS B 327 -38.06 11.31 -9.73
N SER B 328 -38.73 10.42 -9.00
CA SER B 328 -38.16 9.12 -8.68
C SER B 328 -37.86 8.29 -9.92
N ARG B 329 -38.89 7.99 -10.71
CA ARG B 329 -38.69 7.11 -11.86
C ARG B 329 -37.78 7.73 -12.92
N VAL B 330 -37.64 9.06 -12.93
CA VAL B 330 -36.82 9.73 -13.92
C VAL B 330 -35.36 9.82 -13.47
N GLN B 331 -35.11 10.21 -12.22
CA GLN B 331 -33.78 10.60 -11.76
C GLN B 331 -33.08 9.56 -10.90
N VAL B 332 -33.76 8.67 -10.20
CA VAL B 332 -33.09 7.57 -9.50
C VAL B 332 -32.20 6.80 -10.46
N PRO B 333 -32.66 6.44 -11.68
CA PRO B 333 -31.71 5.82 -12.63
C PRO B 333 -30.47 6.64 -12.89
N ASP B 334 -30.59 7.97 -12.92
CA ASP B 334 -29.41 8.82 -13.11
C ASP B 334 -28.48 8.78 -11.89
N LEU B 335 -29.04 8.77 -10.67
CA LEU B 335 -28.19 8.59 -9.50
C LEU B 335 -27.43 7.26 -9.56
N VAL B 336 -28.08 6.23 -10.11
CA VAL B 336 -27.44 4.93 -10.25
C VAL B 336 -26.28 4.99 -11.24
N THR B 337 -26.51 5.53 -12.44
CA THR B 337 -25.37 5.66 -13.34
C THR B 337 -24.33 6.58 -12.75
N ASP B 338 -24.74 7.53 -11.90
CA ASP B 338 -23.75 8.36 -11.23
C ASP B 338 -22.97 7.55 -10.20
N TYR B 339 -23.66 6.72 -9.42
CA TYR B 339 -22.93 5.85 -8.51
C TYR B 339 -21.95 4.96 -9.26
N MET B 340 -22.41 4.42 -10.38
CA MET B 340 -21.61 3.48 -11.16
C MET B 340 -20.37 4.15 -11.76
N SER B 341 -20.42 5.45 -12.02
CA SER B 341 -19.23 6.13 -12.51
C SER B 341 -18.13 6.19 -11.47
N GLY B 342 -18.42 5.88 -10.21
CA GLY B 342 -17.44 5.95 -9.12
C GLY B 342 -17.31 7.30 -8.46
N ALA B 343 -18.22 8.22 -8.72
CA ALA B 343 -18.13 9.58 -8.21
C ALA B 343 -18.67 9.75 -6.78
N THR B 344 -19.17 8.71 -6.13
CA THR B 344 -19.89 8.90 -4.87
C THR B 344 -19.32 8.02 -3.77
N LEU B 345 -19.67 8.36 -2.53
CA LEU B 345 -19.27 7.59 -1.36
C LEU B 345 -20.39 6.67 -0.86
N LEU B 346 -21.24 6.19 -1.78
CA LEU B 346 -22.43 5.42 -1.40
C LEU B 346 -22.06 4.13 -0.66
N ASP B 347 -20.92 3.54 -1.01
CA ASP B 347 -20.46 2.32 -0.34
C ASP B 347 -20.26 2.55 1.15
N LYS B 348 -19.85 3.76 1.54
CA LYS B 348 -19.49 4.02 2.93
C LYS B 348 -20.70 4.04 3.85
N TYR B 349 -21.90 4.28 3.33
CA TYR B 349 -23.07 4.36 4.18
C TYR B 349 -23.53 2.99 4.69
N ILE B 350 -23.02 1.89 4.16
CA ILE B 350 -23.44 0.57 4.63
C ILE B 350 -22.45 0.14 5.69
N THR B 351 -22.92 0.06 6.92
CA THR B 351 -22.06 -0.35 8.01
C THR B 351 -22.20 -1.83 8.33
N HIS B 352 -23.39 -2.41 8.16
CA HIS B 352 -23.64 -3.81 8.48
C HIS B 352 -24.31 -4.51 7.31
N ASN B 353 -24.00 -5.78 7.11
CA ASN B 353 -24.70 -6.60 6.13
C ASN B 353 -25.23 -7.84 6.83
N MET B 354 -26.52 -7.89 7.05
CA MET B 354 -27.13 -9.00 7.75
C MET B 354 -27.94 -9.81 6.77
N LYS B 355 -28.50 -10.91 7.29
CA LYS B 355 -29.49 -11.70 6.59
C LYS B 355 -30.87 -11.23 7.00
N PHE B 356 -31.86 -11.51 6.16
CA PHE B 356 -33.21 -11.04 6.45
C PHE B 356 -33.79 -11.70 7.71
N ASP B 357 -33.35 -12.92 8.04
CA ASP B 357 -33.90 -13.60 9.22
C ASP B 357 -33.58 -12.87 10.50
N GLN B 358 -32.62 -11.95 10.49
CA GLN B 358 -32.24 -11.24 11.71
C GLN B 358 -32.74 -9.80 11.75
N ILE B 359 -33.90 -9.54 11.14
CA ILE B 359 -34.40 -8.19 10.99
C ILE B 359 -34.78 -7.58 12.33
N ASN B 360 -35.20 -8.43 13.27
CA ASN B 360 -35.49 -7.91 14.58
C ASN B 360 -34.22 -7.47 15.30
N GLU B 361 -33.10 -8.11 14.95
CA GLU B 361 -31.81 -7.75 15.54
C GLU B 361 -31.22 -6.51 14.85
N ALA B 362 -31.48 -6.33 13.56
CA ALA B 362 -31.03 -5.12 12.87
C ALA B 362 -31.82 -3.91 13.33
N PHE B 363 -33.10 -4.10 13.68
CA PHE B 363 -33.89 -3.00 14.25
C PHE B 363 -33.34 -2.58 15.60
N GLU B 364 -32.79 -3.52 16.37
CA GLU B 364 -32.18 -3.17 17.65
C GLU B 364 -31.02 -2.23 17.43
N LEU B 365 -30.15 -2.57 16.46
CA LEU B 365 -28.94 -1.78 16.22
C LEU B 365 -29.27 -0.36 15.77
N LEU B 366 -30.36 -0.19 15.02
CA LEU B 366 -30.77 1.13 14.59
C LEU B 366 -31.31 1.96 15.75
N HIS B 367 -32.13 1.35 16.61
CA HIS B 367 -32.54 2.05 17.82
C HIS B 367 -31.35 2.39 18.70
N ALA B 368 -30.35 1.51 18.76
CA ALA B 368 -29.12 1.82 19.50
C ALA B 368 -28.28 2.90 18.84
N GLY B 369 -28.62 3.31 17.62
CA GLY B 369 -27.97 4.44 16.99
C GLY B 369 -26.48 4.30 16.77
N GLU B 370 -25.98 3.11 16.48
CA GLU B 370 -24.58 2.98 16.12
C GLU B 370 -24.39 2.66 14.63
N CYS B 371 -25.41 2.10 14.00
CA CYS B 371 -25.63 1.90 12.58
C CYS B 371 -25.43 3.20 11.77
N LEU B 372 -25.21 3.01 10.47
CA LEU B 372 -25.54 4.00 9.42
C LEU B 372 -26.63 3.46 8.50
N ARG B 373 -26.39 2.30 7.87
CA ARG B 373 -27.39 1.52 7.17
C ARG B 373 -26.99 0.05 7.25
N CYS B 374 -27.92 -0.78 7.69
CA CYS B 374 -27.80 -2.23 7.52
C CYS B 374 -28.62 -2.67 6.31
N VAL B 375 -28.04 -3.51 5.48
CA VAL B 375 -28.71 -4.15 4.36
C VAL B 375 -28.96 -5.61 4.70
N LEU B 376 -30.18 -6.07 4.49
CA LEU B 376 -30.56 -7.46 4.65
C LEU B 376 -30.65 -8.09 3.27
N THR B 377 -30.38 -9.39 3.20
CA THR B 377 -30.34 -10.03 1.89
C THR B 377 -31.21 -11.27 1.82
N PHE B 378 -31.33 -11.68 0.56
CA PHE B 378 -32.19 -12.71 0.01
C PHE B 378 -31.42 -13.24 -1.21
N SER C 2 -25.22 80.85 -4.84
CA SER C 2 -25.91 80.41 -3.62
C SER C 2 -25.59 81.29 -2.42
N GLU C 3 -26.62 81.57 -1.62
CA GLU C 3 -26.46 82.39 -0.43
C GLU C 3 -26.71 81.61 0.86
N THR C 4 -27.04 80.31 0.77
CA THR C 4 -27.24 79.46 1.94
C THR C 4 -26.17 78.42 2.15
N ALA C 5 -25.39 78.07 1.12
CA ALA C 5 -24.30 77.11 1.28
C ALA C 5 -23.29 77.62 2.30
N GLY C 6 -22.87 76.73 3.21
CA GLY C 6 -21.94 77.07 4.27
C GLY C 6 -22.54 77.70 5.50
N LYS C 7 -23.73 78.26 5.40
CA LYS C 7 -24.40 78.90 6.52
C LYS C 7 -25.53 78.01 7.02
N PRO C 8 -25.80 78.01 8.33
CA PRO C 8 -27.02 77.34 8.82
C PRO C 8 -28.25 78.00 8.24
N ILE C 9 -29.32 77.21 8.17
CA ILE C 9 -30.60 77.63 7.61
C ILE C 9 -31.62 77.52 8.73
N GLU C 10 -32.55 78.48 8.80
CA GLU C 10 -33.69 78.33 9.68
C GLU C 10 -34.92 78.14 8.79
N CYS C 11 -35.68 77.10 9.08
CA CYS C 11 -36.67 76.58 8.14
C CYS C 11 -37.83 75.98 8.92
N LYS C 12 -38.94 75.81 8.22
CA LYS C 12 -40.17 75.35 8.84
C LYS C 12 -40.12 73.83 8.85
N ALA C 13 -40.36 73.23 10.01
CA ALA C 13 -40.31 71.77 10.12
C ALA C 13 -41.19 71.31 11.28
N ALA C 14 -41.33 69.98 11.39
CA ALA C 14 -42.33 69.32 12.24
C ALA C 14 -41.65 68.42 13.29
N ILE C 15 -41.41 68.97 14.47
CA ILE C 15 -40.70 68.22 15.51
C ILE C 15 -41.68 67.46 16.39
N ALA C 16 -41.44 66.16 16.54
CA ALA C 16 -42.08 65.37 17.58
C ALA C 16 -41.22 65.51 18.82
N TRP C 17 -41.73 66.23 19.81
CA TRP C 17 -40.98 66.42 21.07
C TRP C 17 -41.01 65.17 21.95
N GLU C 18 -41.99 64.28 21.76
CA GLU C 18 -42.19 63.09 22.58
C GLU C 18 -43.18 62.20 21.83
N ALA C 19 -43.32 60.96 22.32
CA ALA C 19 -44.30 60.02 21.79
C ALA C 19 -45.74 60.49 21.99
N LYS C 20 -46.65 59.85 21.26
CA LYS C 20 -48.11 60.00 21.36
C LYS C 20 -48.56 61.44 21.61
N LYS C 21 -47.96 62.40 20.93
CA LYS C 21 -48.40 63.79 20.97
C LYS C 21 -48.43 64.33 19.56
N PRO C 22 -49.17 65.42 19.32
CA PRO C 22 -49.11 66.07 18.01
C PRO C 22 -47.78 66.74 17.78
N LEU C 23 -47.42 66.90 16.51
CA LEU C 23 -46.18 67.56 16.14
C LEU C 23 -46.34 69.07 16.19
N GLU C 24 -45.25 69.77 16.47
CA GLU C 24 -45.21 71.24 16.42
C GLU C 24 -44.55 71.65 15.12
N VAL C 25 -45.31 72.32 14.25
CA VAL C 25 -44.73 72.92 13.05
C VAL C 25 -44.18 74.29 13.45
N ARG C 26 -42.88 74.37 13.67
CA ARG C 26 -42.21 75.60 14.05
C ARG C 26 -40.91 75.74 13.26
N THR C 27 -39.94 76.47 13.80
CA THR C 27 -38.67 76.60 13.10
C THR C 27 -37.66 75.56 13.59
N VAL C 28 -36.73 75.17 12.70
CA VAL C 28 -35.52 74.44 13.06
C VAL C 28 -34.32 75.10 12.41
N THR C 29 -33.15 74.90 13.04
CA THR C 29 -31.87 75.29 12.44
C THR C 29 -31.10 74.05 12.00
N VAL C 30 -30.98 73.89 10.69
CA VAL C 30 -30.24 72.78 10.09
C VAL C 30 -28.80 73.20 9.88
N ALA C 31 -27.84 72.44 10.45
CA ALA C 31 -26.42 72.72 10.24
C ALA C 31 -26.04 72.60 8.77
N PRO C 32 -24.98 73.26 8.34
CA PRO C 32 -24.44 73.00 6.98
C PRO C 32 -23.92 71.58 6.90
N PRO C 33 -23.86 71.01 5.70
CA PRO C 33 -23.47 69.60 5.56
C PRO C 33 -21.98 69.40 5.80
N GLY C 34 -21.66 68.34 6.53
CA GLY C 34 -20.29 67.93 6.73
C GLY C 34 -19.81 66.94 5.68
N PRO C 35 -18.58 66.49 5.79
CA PRO C 35 -18.02 65.66 4.72
C PRO C 35 -18.87 64.41 4.47
N GLY C 36 -19.17 64.18 3.20
CA GLY C 36 -20.02 63.06 2.83
C GLY C 36 -21.50 63.30 3.02
N GLU C 37 -21.89 64.45 3.54
CA GLU C 37 -23.28 64.74 3.77
C GLU C 37 -23.84 65.64 2.65
N VAL C 38 -25.14 65.51 2.42
CA VAL C 38 -25.85 66.28 1.41
C VAL C 38 -26.98 67.02 2.12
N ARG C 39 -27.08 68.33 1.87
CA ARG C 39 -28.21 69.12 2.35
C ARG C 39 -29.23 69.21 1.22
N VAL C 40 -30.42 68.67 1.46
CA VAL C 40 -31.50 68.57 0.50
C VAL C 40 -32.65 69.51 0.87
N GLN C 41 -33.07 70.33 -0.09
CA GLN C 41 -34.29 71.12 0.06
C GLN C 41 -35.48 70.24 -0.35
N ILE C 42 -36.33 69.92 0.61
CA ILE C 42 -37.47 69.03 0.38
C ILE C 42 -38.58 69.81 -0.29
N LYS C 43 -38.94 69.40 -1.50
CA LYS C 43 -40.00 70.10 -2.22
C LYS C 43 -41.35 69.41 -2.10
N ALA C 44 -41.39 68.16 -1.62
CA ALA C 44 -42.60 67.38 -1.47
C ALA C 44 -42.35 66.13 -0.62
N THR C 45 -43.06 65.98 0.48
CA THR C 45 -42.87 64.80 1.31
C THR C 45 -44.22 64.14 1.62
N ALA C 46 -44.24 62.82 1.57
CA ALA C 46 -45.43 62.05 1.87
C ALA C 46 -45.32 61.42 3.26
N LEU C 47 -46.48 60.97 3.77
CA LEU C 47 -46.59 60.26 5.03
C LEU C 47 -46.72 58.76 4.78
N CYS C 48 -46.41 58.00 5.81
CA CYS C 48 -46.42 56.55 5.77
C CYS C 48 -46.57 56.05 7.19
N GLN C 49 -47.14 54.85 7.34
CA GLN C 49 -47.46 54.43 8.71
C GLN C 49 -46.20 54.16 9.51
N THR C 50 -45.09 53.85 8.83
CA THR C 50 -43.84 53.69 9.57
C THR C 50 -43.51 54.98 10.32
N ASP C 51 -43.75 56.12 9.70
CA ASP C 51 -43.75 57.39 10.44
C ASP C 51 -44.65 57.28 11.65
N ALA C 52 -45.92 56.87 11.42
CA ALA C 52 -46.94 56.92 12.48
C ALA C 52 -46.61 55.98 13.64
N TYR C 53 -46.04 54.81 13.35
CA TYR C 53 -45.70 53.85 14.40
C TYR C 53 -44.68 54.43 15.38
N THR C 54 -43.59 54.99 14.85
CA THR C 54 -42.55 55.55 15.72
C THR C 54 -43.10 56.66 16.61
N LEU C 55 -43.93 57.53 16.04
CA LEU C 55 -44.55 58.61 16.82
C LEU C 55 -45.58 58.08 17.79
N GLY C 56 -46.17 56.92 17.50
CA GLY C 56 -47.18 56.34 18.37
C GLY C 56 -46.62 55.74 19.64
N GLY C 57 -45.34 55.98 19.90
CA GLY C 57 -44.69 55.53 21.11
C GLY C 57 -44.21 54.09 21.10
N LEU C 58 -44.64 53.28 20.12
CA LEU C 58 -44.39 51.84 20.16
C LEU C 58 -43.09 51.43 19.47
N ASP C 59 -42.26 52.40 19.05
CA ASP C 59 -40.97 52.07 18.49
C ASP C 59 -39.95 51.79 19.60
N PRO C 60 -39.25 50.65 19.55
CA PRO C 60 -38.18 50.44 20.54
C PRO C 60 -36.97 51.32 20.31
N GLU C 61 -36.50 51.42 19.07
CA GLU C 61 -35.34 52.26 18.81
C GLU C 61 -35.67 53.75 18.86
N GLY C 62 -36.95 54.13 18.85
CA GLY C 62 -37.37 55.52 18.79
C GLY C 62 -36.54 56.47 19.63
N ARG C 63 -36.28 57.68 19.13
CA ARG C 63 -35.45 58.62 19.85
C ARG C 63 -36.03 60.03 19.75
N PHE C 64 -36.27 60.67 20.90
CA PHE C 64 -36.96 61.94 20.93
C PHE C 64 -36.16 62.99 21.68
N PRO C 65 -36.10 64.23 21.16
CA PRO C 65 -36.86 64.72 20.00
C PRO C 65 -36.37 64.26 18.62
N CYS C 66 -37.23 64.30 17.62
CA CYS C 66 -36.85 63.81 16.30
C CYS C 66 -37.61 64.56 15.23
N ILE C 67 -37.27 64.26 13.99
CA ILE C 67 -37.94 64.74 12.79
C ILE C 67 -38.27 63.51 11.97
N LEU C 68 -39.54 63.25 11.78
CA LEU C 68 -39.89 62.04 11.07
C LEU C 68 -39.93 62.32 9.57
N GLY C 69 -40.50 61.40 8.80
CA GLY C 69 -40.52 61.49 7.35
C GLY C 69 -39.41 60.71 6.66
N HIS C 70 -39.77 59.95 5.63
CA HIS C 70 -38.77 59.20 4.89
C HIS C 70 -39.14 58.97 3.44
N GLU C 71 -40.25 59.54 2.96
CA GLU C 71 -40.61 59.57 1.54
C GLU C 71 -40.62 61.03 1.12
N ALA C 72 -39.74 61.39 0.18
CA ALA C 72 -39.59 62.79 -0.18
C ALA C 72 -38.77 62.89 -1.45
N ALA C 73 -38.78 64.08 -2.03
CA ALA C 73 -37.93 64.39 -3.16
C ALA C 73 -37.56 65.88 -3.10
N GLY C 74 -36.42 66.22 -3.68
CA GLY C 74 -36.01 67.60 -3.55
C GLY C 74 -34.83 67.94 -4.44
N VAL C 75 -34.29 69.12 -4.19
CA VAL C 75 -33.16 69.68 -4.93
C VAL C 75 -32.00 69.82 -3.96
N VAL C 76 -30.79 69.55 -4.45
CA VAL C 76 -29.64 69.63 -3.56
C VAL C 76 -29.30 71.09 -3.30
N GLU C 77 -29.36 71.49 -2.03
CA GLU C 77 -28.99 72.86 -1.71
C GLU C 77 -27.47 73.03 -1.64
N SER C 78 -26.78 72.09 -1.03
CA SER C 78 -25.33 72.16 -0.92
C SER C 78 -24.81 70.80 -0.51
N VAL C 79 -23.52 70.58 -0.73
CA VAL C 79 -22.85 69.35 -0.36
C VAL C 79 -21.71 69.68 0.60
N GLY C 80 -21.10 68.63 1.13
CA GLY C 80 -19.95 68.73 2.00
C GLY C 80 -18.71 68.14 1.36
N GLU C 81 -17.60 68.27 2.09
CA GLU C 81 -16.28 67.96 1.57
C GLU C 81 -16.19 66.52 1.08
N GLY C 82 -15.83 66.37 -0.21
CA GLY C 82 -15.62 65.07 -0.84
C GLY C 82 -16.82 64.49 -1.56
N VAL C 83 -17.95 65.19 -1.61
CA VAL C 83 -19.16 64.71 -2.26
C VAL C 83 -19.09 65.05 -3.75
N THR C 84 -19.07 64.02 -4.59
CA THR C 84 -19.12 64.23 -6.02
C THR C 84 -20.23 63.48 -6.73
N SER C 85 -20.94 62.57 -6.05
CA SER C 85 -22.07 61.92 -6.71
C SER C 85 -23.23 62.88 -6.97
N VAL C 86 -23.31 64.01 -6.26
CA VAL C 86 -24.29 65.05 -6.58
C VAL C 86 -23.64 66.42 -6.42
N LYS C 87 -24.19 67.39 -7.14
CA LYS C 87 -23.83 68.80 -7.10
C LYS C 87 -25.08 69.61 -6.80
N PRO C 88 -24.94 70.87 -6.35
CA PRO C 88 -26.14 71.67 -6.06
C PRO C 88 -27.02 71.81 -7.28
N GLY C 89 -28.33 71.82 -7.04
CA GLY C 89 -29.32 71.90 -8.09
C GLY C 89 -29.77 70.57 -8.64
N ASP C 90 -29.14 69.48 -8.22
CA ASP C 90 -29.52 68.14 -8.65
C ASP C 90 -30.79 67.71 -7.92
N HIS C 91 -31.63 66.97 -8.64
CA HIS C 91 -32.88 66.44 -8.09
C HIS C 91 -32.62 65.07 -7.46
N VAL C 92 -32.99 64.92 -6.20
CA VAL C 92 -32.66 63.72 -5.43
C VAL C 92 -33.87 63.13 -4.71
N ILE C 93 -33.76 61.83 -4.43
CA ILE C 93 -34.66 61.12 -3.52
C ILE C 93 -33.81 60.56 -2.41
N PRO C 94 -34.01 60.96 -1.16
CA PRO C 94 -33.41 60.24 -0.04
C PRO C 94 -34.04 58.88 0.19
N CYS C 95 -33.19 57.88 0.42
CA CYS C 95 -33.63 56.52 0.76
C CYS C 95 -33.07 56.08 2.10
N TYR C 96 -33.97 55.67 3.01
CA TYR C 96 -33.55 55.10 4.28
C TYR C 96 -32.60 53.92 4.12
N GLN C 97 -32.56 53.31 2.94
CA GLN C 97 -31.72 52.15 2.67
C GLN C 97 -30.57 52.58 1.79
N ALA C 98 -29.38 52.76 2.38
CA ALA C 98 -28.25 53.33 1.65
C ALA C 98 -27.69 52.36 0.62
N TYR C 99 -26.74 52.87 -0.17
CA TYR C 99 -26.04 52.06 -1.17
C TYR C 99 -24.62 52.59 -1.25
N CYS C 100 -23.65 51.82 -0.76
CA CYS C 100 -22.26 52.26 -0.85
C CYS C 100 -21.50 51.61 -2.01
N GLY C 101 -22.03 50.54 -2.58
CA GLY C 101 -21.42 49.92 -3.73
C GLY C 101 -20.16 49.14 -3.46
N GLU C 102 -19.68 49.14 -2.21
CA GLU C 102 -18.40 48.55 -1.84
C GLU C 102 -18.49 47.35 -0.89
N CYS C 103 -19.54 47.25 -0.08
CA CYS C 103 -19.53 46.28 1.00
C CYS C 103 -20.04 44.93 0.49
N LYS C 104 -19.81 43.89 1.30
CA LYS C 104 -20.31 42.53 1.04
C LYS C 104 -21.69 42.54 0.38
N PHE C 105 -22.61 43.33 0.93
CA PHE C 105 -24.01 43.26 0.55
C PHE C 105 -24.27 44.06 -0.74
N CYS C 106 -23.70 45.26 -0.85
CA CYS C 106 -23.81 46.00 -2.10
C CYS C 106 -23.22 45.22 -3.27
N LYS C 107 -22.15 44.48 -3.01
CA LYS C 107 -21.49 43.74 -4.07
C LYS C 107 -22.30 42.51 -4.49
N HIS C 108 -23.04 41.92 -3.58
CA HIS C 108 -23.76 40.68 -3.90
C HIS C 108 -25.00 40.97 -4.74
N PRO C 109 -25.17 40.31 -5.88
CA PRO C 109 -26.31 40.63 -6.75
C PRO C 109 -27.66 40.48 -6.09
N GLU C 110 -27.81 39.60 -5.11
CA GLU C 110 -29.11 39.26 -4.57
C GLU C 110 -29.44 39.96 -3.25
N SER C 111 -28.82 41.11 -2.96
CA SER C 111 -29.16 41.81 -1.72
C SER C 111 -28.93 43.30 -1.90
N ASN C 112 -29.65 44.10 -1.11
CA ASN C 112 -29.44 45.54 -1.04
C ASN C 112 -29.16 46.00 0.38
N LEU C 113 -28.80 45.09 1.28
CA LEU C 113 -28.77 45.40 2.71
C LEU C 113 -27.40 45.97 3.12
N CYS C 114 -27.12 47.16 2.60
CA CYS C 114 -25.87 47.87 2.90
C CYS C 114 -25.69 48.04 4.41
N VAL C 115 -24.44 48.10 4.84
CA VAL C 115 -24.09 48.27 6.24
C VAL C 115 -23.19 49.49 6.45
N SER C 116 -23.12 50.35 5.42
CA SER C 116 -22.32 51.57 5.44
C SER C 116 -22.67 52.47 6.61
N VAL C 117 -23.96 52.77 6.80
CA VAL C 117 -24.32 53.88 7.67
C VAL C 117 -25.34 53.46 8.72
N ARG C 118 -25.89 52.25 8.59
CA ARG C 118 -27.06 51.86 9.39
C ARG C 118 -26.80 52.04 10.89
N ALA C 119 -25.59 51.71 11.36
CA ALA C 119 -25.27 51.88 12.78
C ALA C 119 -25.44 53.32 13.24
N PHE C 120 -25.43 54.28 12.31
CA PHE C 120 -25.52 55.69 12.67
C PHE C 120 -26.89 56.28 12.44
N THR C 121 -27.60 55.85 11.40
CA THR C 121 -28.97 56.33 11.21
C THR C 121 -29.91 55.64 12.18
N GLY C 122 -29.59 54.42 12.62
CA GLY C 122 -30.39 53.74 13.63
C GLY C 122 -30.48 54.49 14.94
N LYS C 123 -29.52 55.38 15.20
CA LYS C 123 -29.51 56.20 16.39
C LYS C 123 -29.83 57.66 16.11
N GLY C 124 -30.11 58.02 14.85
CA GLY C 124 -30.57 59.37 14.54
C GLY C 124 -29.48 60.41 14.54
N VAL C 125 -28.25 60.03 14.20
CA VAL C 125 -27.14 60.95 14.10
C VAL C 125 -26.45 60.73 12.76
N MET C 126 -25.58 61.68 12.40
CA MET C 126 -24.72 61.52 11.25
C MET C 126 -23.47 60.75 11.63
N LYS C 127 -23.02 59.91 10.72
CA LYS C 127 -21.82 59.10 10.92
C LYS C 127 -20.59 59.97 11.13
N SER C 128 -20.46 61.05 10.34
CA SER C 128 -19.36 62.03 10.34
C SER C 128 -18.84 62.36 11.74
N ASP C 129 -19.75 62.64 12.67
CA ASP C 129 -19.36 63.05 14.01
C ASP C 129 -20.25 62.50 15.10
N GLY C 130 -21.18 61.60 14.78
CA GLY C 130 -22.04 61.01 15.78
C GLY C 130 -23.06 61.93 16.41
N LYS C 131 -23.30 63.11 15.83
CA LYS C 131 -24.26 64.09 16.28
C LYS C 131 -25.28 64.35 15.19
N PRO C 132 -26.45 64.96 15.52
CA PRO C 132 -27.41 65.34 14.46
C PRO C 132 -27.10 66.69 13.86
N ARG C 133 -27.99 67.22 13.01
CA ARG C 133 -27.78 68.51 12.36
C ARG C 133 -28.89 69.52 12.59
N PHE C 134 -29.97 69.14 13.27
CA PHE C 134 -31.04 70.05 13.62
C PHE C 134 -30.81 70.56 15.05
N THR C 135 -31.03 71.86 15.25
CA THR C 135 -31.01 72.49 16.55
C THR C 135 -32.28 73.31 16.72
N VAL C 136 -32.83 73.29 17.93
CA VAL C 136 -33.87 74.24 18.32
C VAL C 136 -33.39 74.88 19.61
N ASP C 137 -33.16 76.19 19.56
CA ASP C 137 -32.57 76.92 20.68
C ASP C 137 -31.22 76.32 21.06
N GLY C 138 -30.48 75.82 20.06
CA GLY C 138 -29.22 75.14 20.27
C GLY C 138 -29.29 73.75 20.89
N LYS C 139 -30.49 73.22 21.19
CA LYS C 139 -30.61 71.87 21.74
C LYS C 139 -30.91 70.87 20.62
N PRO C 140 -30.26 69.70 20.62
CA PRO C 140 -30.28 68.85 19.43
C PRO C 140 -31.63 68.16 19.21
N ILE C 141 -31.98 68.03 17.93
CA ILE C 141 -33.13 67.26 17.46
C ILE C 141 -32.62 66.10 16.62
N TYR C 142 -33.00 64.88 16.98
CA TYR C 142 -32.39 63.71 16.36
C TYR C 142 -33.06 63.34 15.04
N HIS C 143 -32.34 62.58 14.24
CA HIS C 143 -32.84 62.20 12.92
C HIS C 143 -33.72 60.97 13.02
N PHE C 144 -34.32 60.62 11.88
CA PHE C 144 -35.16 59.43 11.80
C PHE C 144 -34.86 58.75 10.48
N MET C 145 -34.45 57.47 10.54
CA MET C 145 -34.24 56.67 9.34
C MET C 145 -33.29 57.35 8.36
N GLY C 146 -32.36 58.15 8.87
CA GLY C 146 -31.41 58.83 8.02
C GLY C 146 -31.95 59.79 6.97
N THR C 147 -33.27 60.04 6.99
CA THR C 147 -33.87 60.97 6.05
C THR C 147 -34.44 62.21 6.71
N SER C 148 -35.25 62.05 7.76
CA SER C 148 -35.85 63.18 8.50
C SER C 148 -36.46 64.20 7.53
N THR C 149 -37.39 63.72 6.72
CA THR C 149 -37.87 64.54 5.62
C THR C 149 -38.93 65.56 6.01
N PHE C 150 -39.34 65.62 7.27
CA PHE C 150 -40.36 66.58 7.70
C PHE C 150 -39.72 67.94 8.01
N SER C 151 -39.20 68.57 6.96
CA SER C 151 -38.43 69.80 7.07
C SER C 151 -38.13 70.32 5.67
N GLU C 152 -38.14 71.65 5.52
CA GLU C 152 -37.83 72.23 4.23
C GLU C 152 -36.44 71.86 3.76
N TYR C 153 -35.46 71.89 4.66
CA TYR C 153 -34.13 71.40 4.37
C TYR C 153 -33.77 70.31 5.37
N THR C 154 -33.05 69.30 4.87
CA THR C 154 -32.59 68.18 5.68
C THR C 154 -31.17 67.83 5.26
N VAL C 155 -30.47 67.12 6.14
CA VAL C 155 -29.10 66.66 5.89
C VAL C 155 -29.08 65.14 5.96
N VAL C 156 -28.55 64.51 4.90
CA VAL C 156 -28.51 63.07 4.80
C VAL C 156 -27.08 62.66 4.42
N HIS C 157 -26.83 61.35 4.40
CA HIS C 157 -25.54 60.82 3.98
C HIS C 157 -25.48 60.70 2.46
N GLU C 158 -24.28 60.91 1.91
CA GLU C 158 -24.12 60.72 0.47
C GLU C 158 -24.57 59.32 0.04
N GLN C 159 -24.39 58.31 0.90
CA GLN C 159 -24.74 56.96 0.46
C GLN C 159 -26.24 56.72 0.37
N SER C 160 -27.07 57.70 0.75
CA SER C 160 -28.52 57.54 0.75
C SER C 160 -29.21 58.45 -0.25
N VAL C 161 -28.46 59.13 -1.11
CA VAL C 161 -29.01 60.08 -2.05
C VAL C 161 -29.05 59.47 -3.44
N ALA C 162 -30.25 59.30 -3.99
CA ALA C 162 -30.42 58.85 -5.36
C ALA C 162 -30.58 60.07 -6.26
N LYS C 163 -29.75 60.15 -7.29
CA LYS C 163 -29.82 61.24 -8.25
C LYS C 163 -30.75 60.84 -9.37
N ILE C 164 -31.85 61.56 -9.50
CA ILE C 164 -32.93 61.21 -10.41
C ILE C 164 -33.03 62.25 -11.52
N ASP C 165 -33.84 61.93 -12.52
CA ASP C 165 -34.17 62.83 -13.63
C ASP C 165 -34.68 64.16 -13.11
N VAL C 166 -34.07 65.25 -13.60
CA VAL C 166 -34.45 66.57 -13.15
C VAL C 166 -35.81 67.02 -13.68
N ASN C 167 -36.40 66.26 -14.59
CA ASN C 167 -37.71 66.58 -15.10
C ASN C 167 -38.83 65.74 -14.49
N ALA C 168 -38.52 64.70 -13.73
CA ALA C 168 -39.61 64.01 -13.05
C ALA C 168 -40.21 64.95 -12.02
N PRO C 169 -41.53 64.99 -11.92
CA PRO C 169 -42.21 65.88 -10.95
C PRO C 169 -42.09 65.36 -9.52
N LEU C 170 -41.59 66.23 -8.64
CA LEU C 170 -41.25 65.79 -7.29
C LEU C 170 -42.47 65.54 -6.42
N ASP C 171 -43.66 65.99 -6.81
CA ASP C 171 -44.86 65.69 -6.02
C ASP C 171 -45.41 64.30 -6.28
N LYS C 172 -44.88 63.58 -7.26
CA LYS C 172 -45.29 62.23 -7.57
C LYS C 172 -44.24 61.20 -7.16
N VAL C 173 -42.98 61.42 -7.51
CA VAL C 173 -41.98 60.39 -7.28
C VAL C 173 -41.45 60.37 -5.86
N CYS C 174 -41.93 61.26 -4.99
CA CYS C 174 -41.56 61.11 -3.59
C CYS C 174 -41.99 59.75 -3.03
N LEU C 175 -42.95 59.07 -3.68
CA LEU C 175 -43.36 57.76 -3.20
C LEU C 175 -42.31 56.69 -3.49
N LEU C 176 -41.38 56.97 -4.39
CA LEU C 176 -40.35 55.97 -4.67
C LEU C 176 -39.33 55.83 -3.54
N GLY C 177 -39.48 56.56 -2.42
CA GLY C 177 -38.58 56.43 -1.28
C GLY C 177 -38.91 55.30 -0.31
N CYS C 178 -40.06 54.66 -0.45
CA CYS C 178 -40.44 53.64 0.50
C CYS C 178 -41.51 52.73 -0.09
N GLY C 179 -42.77 52.94 0.33
CA GLY C 179 -43.86 52.05 0.00
C GLY C 179 -43.92 51.44 -1.38
N VAL C 180 -43.97 52.28 -2.41
CA VAL C 180 -44.27 51.81 -3.75
C VAL C 180 -43.14 50.91 -4.28
N SER C 181 -41.89 51.43 -4.31
CA SER C 181 -40.78 50.60 -4.79
C SER C 181 -40.71 49.25 -4.07
N THR C 182 -41.05 49.23 -2.78
CA THR C 182 -41.05 47.98 -2.04
C THR C 182 -42.01 46.98 -2.68
N GLY C 183 -43.26 47.39 -2.86
CA GLY C 183 -44.22 46.49 -3.49
C GLY C 183 -43.76 46.05 -4.87
N TRP C 184 -43.22 46.97 -5.65
CA TRP C 184 -42.68 46.59 -6.94
C TRP C 184 -41.56 45.58 -6.78
N GLY C 185 -40.59 45.90 -5.92
CA GLY C 185 -39.39 45.09 -5.83
C GLY C 185 -39.71 43.69 -5.35
N ALA C 186 -40.62 43.56 -4.38
CA ALA C 186 -41.02 42.26 -3.87
C ALA C 186 -41.45 41.33 -4.99
N VAL C 187 -42.02 41.90 -6.06
CA VAL C 187 -42.48 41.10 -7.19
C VAL C 187 -41.32 40.85 -8.15
N PHE C 188 -40.66 41.94 -8.57
CA PHE C 188 -39.64 41.88 -9.61
C PHE C 188 -38.34 41.30 -9.08
N ASN C 189 -37.96 41.69 -7.86
CA ASN C 189 -36.66 41.34 -7.27
C ASN C 189 -36.73 40.09 -6.39
N THR C 190 -37.61 40.09 -5.38
CA THR C 190 -37.50 39.05 -4.36
C THR C 190 -38.17 37.75 -4.81
N ALA C 191 -39.37 37.84 -5.35
CA ALA C 191 -40.10 36.66 -5.76
C ALA C 191 -39.82 36.27 -7.20
N LYS C 192 -39.47 37.24 -8.06
CA LYS C 192 -39.25 37.00 -9.48
C LYS C 192 -40.44 36.25 -10.11
N VAL C 193 -41.61 36.90 -9.96
CA VAL C 193 -42.90 36.38 -10.41
C VAL C 193 -42.84 35.99 -11.88
N THR C 194 -43.31 34.78 -12.18
CA THR C 194 -43.30 34.26 -13.53
C THR C 194 -44.58 34.61 -14.28
N ALA C 195 -44.46 34.73 -15.59
CA ALA C 195 -45.64 34.97 -16.40
C ALA C 195 -46.63 33.83 -16.24
N GLY C 196 -47.89 34.21 -16.01
CA GLY C 196 -48.98 33.27 -16.00
C GLY C 196 -49.21 32.58 -14.68
N SER C 197 -48.89 33.24 -13.58
CA SER C 197 -48.94 32.66 -12.25
C SER C 197 -50.07 33.27 -11.46
N THR C 198 -50.44 32.59 -10.39
CA THR C 198 -51.46 33.10 -9.49
C THR C 198 -50.81 33.68 -8.24
N VAL C 199 -51.31 34.85 -7.84
CA VAL C 199 -50.73 35.69 -6.80
C VAL C 199 -51.85 36.09 -5.84
N ALA C 200 -51.62 35.90 -4.54
CA ALA C 200 -52.50 36.45 -3.52
C ALA C 200 -51.76 37.57 -2.77
N VAL C 201 -52.49 38.63 -2.44
CA VAL C 201 -51.94 39.85 -1.85
C VAL C 201 -52.78 40.21 -0.61
N PHE C 202 -52.14 40.20 0.55
CA PHE C 202 -52.83 40.44 1.81
C PHE C 202 -52.48 41.85 2.27
N GLY C 203 -53.48 42.72 2.28
CA GLY C 203 -53.25 44.13 2.56
C GLY C 203 -53.36 44.96 1.31
N LEU C 204 -54.22 45.98 1.31
CA LEU C 204 -54.49 46.69 0.07
C LEU C 204 -54.22 48.19 0.21
N GLY C 205 -53.26 48.54 1.06
CA GLY C 205 -52.74 49.90 1.15
C GLY C 205 -51.81 50.15 0.00
N ALA C 206 -50.96 51.18 0.11
CA ALA C 206 -50.07 51.54 -1.00
C ALA C 206 -49.14 50.40 -1.38
N VAL C 207 -48.51 49.77 -0.38
CA VAL C 207 -47.61 48.65 -0.66
C VAL C 207 -48.36 47.52 -1.33
N GLY C 208 -49.39 46.99 -0.66
CA GLY C 208 -50.19 45.92 -1.25
C GLY C 208 -50.62 46.22 -2.67
N LEU C 209 -51.11 47.44 -2.91
CA LEU C 209 -51.51 47.84 -4.25
C LEU C 209 -50.33 47.81 -5.22
N ALA C 210 -49.12 48.14 -4.76
CA ALA C 210 -47.99 48.13 -5.68
C ALA C 210 -47.62 46.72 -6.09
N VAL C 211 -47.88 45.75 -5.23
CA VAL C 211 -47.63 44.37 -5.61
C VAL C 211 -48.58 43.97 -6.72
N ILE C 212 -49.87 44.23 -6.54
CA ILE C 212 -50.85 43.96 -7.58
C ILE C 212 -50.43 44.59 -8.92
N GLU C 213 -49.96 45.83 -8.87
CA GLU C 213 -49.50 46.48 -10.11
C GLU C 213 -48.34 45.70 -10.71
N ALA C 214 -47.26 45.54 -9.94
CA ALA C 214 -46.12 44.79 -10.44
C ALA C 214 -46.51 43.37 -10.85
N ALA C 215 -47.41 42.73 -10.08
CA ALA C 215 -47.86 41.39 -10.40
C ALA C 215 -48.46 41.30 -11.80
N LYS C 216 -49.33 42.27 -12.16
CA LYS C 216 -49.92 42.28 -13.50
C LYS C 216 -48.86 42.51 -14.58
N ARG C 217 -48.03 43.52 -14.38
CA ARG C 217 -46.91 43.73 -15.29
C ARG C 217 -46.02 42.50 -15.43
N ALA C 218 -45.87 41.71 -14.37
CA ALA C 218 -45.09 40.50 -14.44
C ALA C 218 -45.71 39.45 -15.36
N GLY C 219 -46.95 39.67 -15.78
CA GLY C 219 -47.66 38.71 -16.58
C GLY C 219 -48.52 37.76 -15.79
N ALA C 220 -48.92 38.13 -14.57
CA ALA C 220 -49.73 37.24 -13.75
C ALA C 220 -51.11 37.05 -14.37
N SER C 221 -51.65 35.83 -14.19
CA SER C 221 -52.94 35.46 -14.74
C SER C 221 -54.04 35.38 -13.69
N ARG C 222 -53.69 35.47 -12.42
CA ARG C 222 -54.70 35.60 -11.37
C ARG C 222 -54.11 36.37 -10.20
N ILE C 223 -54.83 37.38 -9.73
CA ILE C 223 -54.37 38.19 -8.62
C ILE C 223 -55.53 38.34 -7.65
N ILE C 224 -55.53 37.56 -6.58
CA ILE C 224 -56.52 37.62 -5.53
C ILE C 224 -56.10 38.70 -4.55
N ALA C 225 -57.00 39.63 -4.23
CA ALA C 225 -56.70 40.68 -3.27
C ALA C 225 -57.46 40.42 -1.97
N VAL C 226 -56.75 40.50 -0.86
CA VAL C 226 -57.33 40.30 0.46
C VAL C 226 -57.21 41.60 1.25
N ASP C 227 -58.24 41.91 2.05
CA ASP C 227 -58.24 43.07 2.92
C ASP C 227 -59.51 43.07 3.75
N ILE C 228 -59.41 43.56 5.00
CA ILE C 228 -60.58 43.67 5.87
C ILE C 228 -61.37 44.95 5.66
N ASP C 229 -60.82 45.92 4.94
CA ASP C 229 -61.47 47.16 4.59
C ASP C 229 -61.86 47.09 3.11
N PRO C 230 -63.09 46.66 2.80
CA PRO C 230 -63.49 46.49 1.40
C PRO C 230 -63.72 47.78 0.63
N THR C 231 -63.58 48.95 1.25
CA THR C 231 -63.50 50.15 0.44
C THR C 231 -62.25 50.18 -0.42
N LYS C 232 -61.27 49.32 -0.12
CA LYS C 232 -60.01 49.26 -0.86
C LYS C 232 -60.09 48.44 -2.13
N PHE C 233 -61.21 47.74 -2.38
CA PHE C 233 -61.28 46.81 -3.50
C PHE C 233 -61.43 47.52 -4.84
N PRO C 234 -62.27 48.56 -5.01
CA PRO C 234 -62.40 49.17 -6.34
C PRO C 234 -61.07 49.63 -6.89
N THR C 235 -60.15 50.04 -6.02
CA THR C 235 -58.83 50.47 -6.47
C THR C 235 -57.94 49.28 -6.77
N ALA C 236 -57.98 48.25 -5.92
CA ALA C 236 -57.27 47.02 -6.22
C ALA C 236 -57.72 46.45 -7.56
N LYS C 237 -59.00 46.60 -7.90
CA LYS C 237 -59.46 46.13 -9.21
C LYS C 237 -58.87 46.96 -10.33
N GLU C 238 -58.76 48.28 -10.14
CA GLU C 238 -58.13 49.16 -11.12
C GLU C 238 -56.72 48.70 -11.48
N PHE C 239 -55.93 48.37 -10.45
CA PHE C 239 -54.55 47.97 -10.64
C PHE C 239 -54.40 46.54 -11.14
N GLY C 240 -55.46 45.74 -11.20
CA GLY C 240 -55.38 44.48 -11.90
C GLY C 240 -55.82 43.25 -11.14
N ALA C 241 -56.41 43.42 -9.98
CA ALA C 241 -56.87 42.27 -9.20
C ALA C 241 -58.08 41.63 -9.87
N THR C 242 -58.12 40.31 -9.84
CA THR C 242 -59.20 39.55 -10.46
C THR C 242 -60.21 39.02 -9.45
N ASP C 243 -59.86 38.99 -8.17
CA ASP C 243 -60.76 38.50 -7.14
C ASP C 243 -60.54 39.38 -5.94
N SNC C 244 -61.59 39.58 -5.15
CA SNC C 244 -61.47 40.36 -3.94
CB SNC C 244 -62.11 41.74 -4.00
SG SNC C 244 -61.07 42.75 -5.07
ND SNC C 244 -62.05 43.15 -6.38
OE SNC C 244 -61.87 42.67 -7.40
C SNC C 244 -62.08 39.51 -2.85
O SNC C 244 -63.14 38.89 -2.97
N ILE C 245 -61.36 39.39 -1.75
CA ILE C 245 -61.82 38.62 -0.61
C ILE C 245 -61.68 39.46 0.65
N ASN C 246 -62.78 39.59 1.38
CA ASN C 246 -62.79 40.20 2.70
C ASN C 246 -62.71 39.08 3.74
N PRO C 247 -61.61 38.91 4.47
CA PRO C 247 -61.54 37.77 5.40
C PRO C 247 -62.71 37.69 6.37
N LYS C 248 -63.26 38.84 6.78
CA LYS C 248 -64.41 38.83 7.69
C LYS C 248 -65.66 38.32 7.03
N ASP C 249 -65.62 37.98 5.75
CA ASP C 249 -66.77 37.42 5.04
C ASP C 249 -66.87 35.92 5.25
N HIS C 250 -65.87 35.29 5.88
CA HIS C 250 -65.78 33.84 5.85
C HIS C 250 -65.59 33.30 7.26
N GLU C 251 -66.32 32.22 7.55
CA GLU C 251 -66.18 31.54 8.84
C GLU C 251 -64.77 31.01 9.01
N LYS C 252 -64.21 30.44 7.95
CA LYS C 252 -63.00 29.66 8.04
C LYS C 252 -61.78 30.57 7.99
N PRO C 253 -60.61 30.04 8.34
CA PRO C 253 -59.38 30.83 8.17
C PRO C 253 -59.16 31.24 6.72
N ILE C 254 -58.55 32.42 6.54
CA ILE C 254 -58.41 32.94 5.18
C ILE C 254 -57.61 31.97 4.33
N GLN C 255 -56.63 31.30 4.92
CA GLN C 255 -55.82 30.38 4.14
C GLN C 255 -56.65 29.19 3.67
N GLN C 256 -57.60 28.74 4.47
CA GLN C 256 -58.50 27.69 3.99
C GLN C 256 -59.41 28.16 2.85
N VAL C 257 -59.67 29.46 2.75
CA VAL C 257 -60.56 29.93 1.68
C VAL C 257 -59.77 30.12 0.38
N ILE C 258 -58.54 30.58 0.48
CA ILE C 258 -57.76 30.80 -0.74
C ILE C 258 -57.22 29.49 -1.27
N VAL C 259 -56.79 28.58 -0.40
CA VAL C 259 -56.39 27.27 -0.92
C VAL C 259 -57.54 26.66 -1.70
N GLU C 260 -58.78 26.85 -1.23
CA GLU C 260 -59.89 26.19 -1.90
C GLU C 260 -60.24 26.85 -3.24
N MET C 261 -59.96 28.15 -3.38
CA MET C 261 -60.19 28.85 -4.64
C MET C 261 -59.16 28.51 -5.70
N THR C 262 -58.05 27.90 -5.32
CA THR C 262 -56.96 27.62 -6.22
C THR C 262 -56.57 26.17 -6.14
N GLU C 263 -57.39 25.35 -5.50
CA GLU C 263 -57.14 23.92 -5.28
C GLU C 263 -55.91 23.67 -4.41
N TRP C 264 -54.79 24.30 -4.75
CA TRP C 264 -53.52 24.04 -4.09
C TRP C 264 -52.87 25.26 -3.43
N GLY C 265 -53.46 26.46 -3.56
CA GLY C 265 -52.78 27.70 -3.21
C GLY C 265 -52.30 28.43 -4.44
N CYS C 266 -51.70 29.62 -4.21
CA CYS C 266 -51.18 30.46 -5.29
C CYS C 266 -49.66 30.34 -5.41
N ASP C 267 -49.15 30.52 -6.63
CA ASP C 267 -47.71 30.34 -6.84
C ASP C 267 -46.90 31.30 -6.00
N TYR C 268 -47.45 32.47 -5.69
CA TYR C 268 -46.79 33.47 -4.85
C TYR C 268 -47.84 34.12 -3.97
N THR C 269 -47.49 34.35 -2.71
CA THR C 269 -48.29 35.20 -1.84
C THR C 269 -47.42 36.28 -1.25
N PHE C 270 -48.07 37.39 -0.90
CA PHE C 270 -47.38 38.57 -0.37
C PHE C 270 -48.20 39.10 0.79
N GLU C 271 -47.57 39.14 1.97
CA GLU C 271 -48.15 39.78 3.14
C GLU C 271 -47.74 41.24 3.14
N CYS C 272 -48.72 42.14 3.15
CA CYS C 272 -48.41 43.56 3.14
C CYS C 272 -49.15 44.28 4.23
N ILE C 273 -49.05 43.75 5.46
CA ILE C 273 -49.72 44.36 6.60
C ILE C 273 -48.78 44.49 7.78
N GLY C 274 -48.04 43.44 8.08
CA GLY C 274 -47.33 43.39 9.34
C GLY C 274 -48.07 42.68 10.44
N ASN C 275 -49.03 41.82 10.12
CA ASN C 275 -49.72 40.95 11.06
C ASN C 275 -49.08 39.56 10.97
N THR C 276 -48.43 39.12 12.04
CA THR C 276 -47.81 37.80 12.05
C THR C 276 -48.82 36.68 11.79
N ALA C 277 -50.09 36.87 12.14
CA ALA C 277 -51.05 35.78 11.88
C ALA C 277 -51.41 35.69 10.42
N VAL C 278 -51.33 36.79 9.65
CA VAL C 278 -51.64 36.57 8.24
C VAL C 278 -50.36 36.30 7.46
N MET C 279 -49.20 36.74 7.94
CA MET C 279 -47.96 36.16 7.45
C MET C 279 -48.04 34.65 7.42
N ARG C 280 -48.49 34.03 8.51
CA ARG C 280 -48.63 32.59 8.53
C ARG C 280 -49.66 32.13 7.52
N ALA C 281 -50.79 32.85 7.45
CA ALA C 281 -51.83 32.53 6.49
C ALA C 281 -51.29 32.60 5.07
N ALA C 282 -50.57 33.69 4.75
CA ALA C 282 -50.02 33.83 3.42
C ALA C 282 -49.13 32.66 3.07
N LEU C 283 -48.38 32.15 4.04
CA LEU C 283 -47.54 31.00 3.74
C LEU C 283 -48.40 29.77 3.45
N GLU C 284 -49.26 29.43 4.41
CA GLU C 284 -50.10 28.24 4.26
C GLU C 284 -51.02 28.27 3.04
N CYS C 285 -51.17 29.41 2.37
CA CYS C 285 -51.94 29.39 1.13
C CYS C 285 -51.06 29.62 -0.10
N ALA C 286 -49.75 29.47 0.03
CA ALA C 286 -48.87 29.38 -1.14
C ALA C 286 -48.87 27.96 -1.70
N HIS C 287 -48.74 27.87 -3.02
CA HIS C 287 -49.00 26.63 -3.73
C HIS C 287 -48.21 25.46 -3.15
N ARG C 288 -48.88 24.31 -3.00
CA ARG C 288 -48.16 23.09 -2.65
C ARG C 288 -47.03 22.81 -3.64
N GLY C 289 -45.92 22.28 -3.14
CA GLY C 289 -44.83 21.88 -4.02
C GLY C 289 -43.82 22.95 -4.40
N TRP C 290 -44.30 24.19 -4.70
CA TRP C 290 -43.39 25.24 -5.14
C TRP C 290 -43.77 26.66 -4.73
N GLY C 291 -44.75 26.86 -3.85
CA GLY C 291 -45.27 28.19 -3.63
C GLY C 291 -44.32 29.04 -2.80
N THR C 292 -44.30 30.34 -3.10
CA THR C 292 -43.43 31.29 -2.44
C THR C 292 -44.28 32.33 -1.75
N SER C 293 -44.07 32.52 -0.45
CA SER C 293 -44.64 33.64 0.28
C SER C 293 -43.55 34.66 0.58
N VAL C 294 -43.87 35.94 0.45
CA VAL C 294 -42.92 37.03 0.72
C VAL C 294 -43.53 37.92 1.79
N ILE C 295 -42.84 38.05 2.91
CA ILE C 295 -43.24 38.99 3.96
C ILE C 295 -42.73 40.38 3.59
N VAL C 296 -43.65 41.33 3.56
CA VAL C 296 -43.30 42.71 3.21
C VAL C 296 -43.63 43.62 4.38
N GLY C 297 -44.66 43.26 5.13
CA GLY C 297 -45.01 44.02 6.31
C GLY C 297 -43.96 43.90 7.40
N VAL C 298 -43.92 44.91 8.26
CA VAL C 298 -43.00 44.94 9.38
C VAL C 298 -43.81 44.79 10.65
N ALA C 299 -43.60 43.69 11.35
CA ALA C 299 -44.33 43.41 12.58
C ALA C 299 -43.65 44.07 13.79
N ALA C 300 -44.28 43.93 14.95
CA ALA C 300 -43.72 44.49 16.16
C ALA C 300 -42.59 43.59 16.62
N ALA C 301 -41.54 44.23 17.15
CA ALA C 301 -40.38 43.49 17.61
C ALA C 301 -40.79 42.42 18.60
N GLY C 302 -40.22 41.23 18.42
CA GLY C 302 -40.51 40.13 19.33
C GLY C 302 -41.81 39.41 19.08
N GLN C 303 -42.63 39.90 18.14
CA GLN C 303 -43.69 39.06 17.58
C GLN C 303 -43.07 38.02 16.64
N GLU C 304 -43.63 36.82 16.64
CA GLU C 304 -43.07 35.74 15.85
C GLU C 304 -44.06 35.21 14.82
N ILE C 305 -43.50 34.57 13.79
CA ILE C 305 -44.27 33.89 12.77
C ILE C 305 -44.07 32.40 13.01
N SER C 306 -45.12 31.62 12.84
CA SER C 306 -45.01 30.19 13.06
C SER C 306 -45.77 29.43 11.98
N THR C 307 -45.40 28.17 11.84
CA THR C 307 -46.03 27.28 10.88
C THR C 307 -45.56 25.87 11.20
N ARG C 308 -46.14 24.91 10.49
CA ARG C 308 -45.73 23.53 10.66
C ARG C 308 -44.67 23.23 9.63
N PRO C 309 -43.48 22.76 10.05
CA PRO C 309 -42.43 22.45 9.07
C PRO C 309 -42.94 21.61 7.90
N PHE C 310 -43.95 20.77 8.13
CA PHE C 310 -44.56 20.05 7.01
C PHE C 310 -44.88 20.99 5.84
N GLN C 311 -45.27 22.25 6.12
CA GLN C 311 -45.59 23.18 5.05
C GLN C 311 -44.40 23.39 4.11
N LEU C 312 -43.19 23.47 4.68
CA LEU C 312 -41.98 23.68 3.91
C LEU C 312 -41.41 22.39 3.34
N VAL C 313 -41.67 21.25 3.97
CA VAL C 313 -41.23 20.00 3.38
C VAL C 313 -42.07 19.66 2.16
N THR C 314 -43.28 20.20 2.05
CA THR C 314 -44.12 19.99 0.88
C THR C 314 -44.01 21.15 -0.10
N GLY C 315 -42.94 21.93 -0.02
CA GLY C 315 -42.45 22.71 -1.13
C GLY C 315 -42.59 24.20 -1.02
N ARG C 316 -43.35 24.71 -0.06
CA ARG C 316 -43.49 26.14 0.05
C ARG C 316 -42.17 26.78 0.49
N ARG C 317 -41.97 28.03 0.09
CA ARG C 317 -40.78 28.79 0.41
C ARG C 317 -41.22 30.03 1.14
N TRP C 318 -40.52 30.35 2.22
CA TRP C 318 -40.78 31.53 3.01
C TRP C 318 -39.60 32.47 2.86
N MET C 319 -39.87 33.72 2.51
CA MET C 319 -38.81 34.71 2.36
C MET C 319 -39.40 36.09 2.59
N GLY C 320 -38.53 37.10 2.51
CA GLY C 320 -38.93 38.45 2.84
C GLY C 320 -38.07 39.43 2.07
N THR C 321 -38.42 40.70 2.21
CA THR C 321 -37.76 41.73 1.43
C THR C 321 -37.66 43.00 2.24
N ALA C 322 -36.71 43.84 1.88
CA ALA C 322 -36.55 45.15 2.51
C ALA C 322 -36.50 46.20 1.41
N PHE C 323 -37.47 47.13 1.41
CA PHE C 323 -37.43 48.12 0.32
C PHE C 323 -37.35 47.44 -1.07
N GLY C 324 -38.05 46.32 -1.23
CA GLY C 324 -38.10 45.66 -2.52
C GLY C 324 -36.82 45.06 -3.03
N GLY C 325 -35.73 45.11 -2.25
CA GLY C 325 -34.46 44.57 -2.70
C GLY C 325 -33.74 45.41 -3.70
N TYR C 326 -34.29 46.57 -4.02
CA TYR C 326 -33.63 47.52 -4.90
C TYR C 326 -32.37 48.01 -4.24
N LYS C 327 -31.26 47.98 -4.97
CA LYS C 327 -30.05 48.66 -4.53
C LYS C 327 -30.27 50.16 -4.79
N SER C 328 -30.46 50.91 -3.70
CA SER C 328 -31.18 52.18 -3.75
C SER C 328 -30.59 53.15 -4.76
N ARG C 329 -29.31 53.51 -4.61
CA ARG C 329 -28.75 54.57 -5.45
C ARG C 329 -28.56 54.16 -6.92
N VAL C 330 -28.48 52.86 -7.22
CA VAL C 330 -28.37 52.45 -8.62
C VAL C 330 -29.73 52.46 -9.30
N GLN C 331 -30.76 51.91 -8.62
CA GLN C 331 -32.01 51.52 -9.26
C GLN C 331 -33.19 52.44 -8.99
N VAL C 332 -33.20 53.20 -7.88
CA VAL C 332 -34.22 54.23 -7.71
C VAL C 332 -34.20 55.19 -8.88
N PRO C 333 -33.05 55.56 -9.46
CA PRO C 333 -33.11 56.33 -10.71
C PRO C 333 -33.74 55.56 -11.85
N ASP C 334 -33.50 54.25 -11.92
CA ASP C 334 -34.17 53.43 -12.92
C ASP C 334 -35.68 53.52 -12.78
N LEU C 335 -36.16 53.40 -11.54
CA LEU C 335 -37.61 53.48 -11.31
C LEU C 335 -38.16 54.81 -11.83
N VAL C 336 -37.48 55.91 -11.53
CA VAL C 336 -37.93 57.21 -12.00
C VAL C 336 -37.87 57.29 -13.52
N THR C 337 -36.81 56.73 -14.14
CA THR C 337 -36.77 56.63 -15.60
C THR C 337 -37.93 55.80 -16.12
N ASP C 338 -38.24 54.70 -15.45
CA ASP C 338 -39.41 53.91 -15.81
C ASP C 338 -40.70 54.74 -15.72
N TYR C 339 -40.79 55.61 -14.70
CA TYR C 339 -41.99 56.42 -14.56
C TYR C 339 -42.14 57.40 -15.71
N MET C 340 -41.04 58.03 -16.14
CA MET C 340 -41.14 59.02 -17.21
C MET C 340 -41.60 58.40 -18.51
N SER C 341 -41.40 57.11 -18.71
CA SER C 341 -41.74 56.45 -19.96
C SER C 341 -43.18 55.95 -19.99
N GLY C 342 -43.94 56.16 -18.92
CA GLY C 342 -45.36 55.84 -18.92
C GLY C 342 -45.72 54.40 -18.69
N ALA C 343 -44.87 53.65 -17.99
CA ALA C 343 -45.11 52.21 -17.77
C ALA C 343 -45.57 51.91 -16.35
N THR C 344 -45.91 52.94 -15.58
CA THR C 344 -46.24 52.80 -14.16
C THR C 344 -47.55 53.52 -13.89
N LEU C 345 -48.13 53.25 -12.72
CA LEU C 345 -49.37 53.88 -12.28
C LEU C 345 -49.11 54.72 -11.03
N LEU C 346 -47.94 55.35 -10.99
CA LEU C 346 -47.50 56.08 -9.81
C LEU C 346 -48.45 57.21 -9.44
N ASP C 347 -49.10 57.82 -10.45
CA ASP C 347 -50.08 58.88 -10.19
C ASP C 347 -51.23 58.39 -9.32
N LYS C 348 -51.75 57.19 -9.63
CA LYS C 348 -52.93 56.66 -8.96
C LYS C 348 -52.71 56.39 -7.49
N TYR C 349 -51.47 56.47 -6.98
CA TYR C 349 -51.25 56.18 -5.58
C TYR C 349 -51.55 57.36 -4.65
N ILE C 350 -51.51 58.59 -5.14
CA ILE C 350 -51.74 59.77 -4.31
C ILE C 350 -53.24 60.08 -4.31
N THR C 351 -53.90 59.93 -3.16
CA THR C 351 -55.31 60.28 -3.05
C THR C 351 -55.55 61.67 -2.48
N HIS C 352 -54.56 62.26 -1.79
CA HIS C 352 -54.69 63.55 -1.14
C HIS C 352 -53.46 64.40 -1.44
N ASN C 353 -53.69 65.71 -1.60
CA ASN C 353 -52.60 66.68 -1.69
C ASN C 353 -52.89 67.78 -0.68
N MET C 354 -52.03 67.91 0.32
CA MET C 354 -52.18 68.90 1.37
C MET C 354 -50.95 69.81 1.40
N LYS C 355 -50.89 70.65 2.43
CA LYS C 355 -49.76 71.56 2.60
C LYS C 355 -49.21 71.39 4.01
N PHE C 356 -47.90 71.61 4.14
CA PHE C 356 -47.14 71.05 5.26
C PHE C 356 -47.71 71.46 6.61
N ASP C 357 -48.34 72.63 6.69
CA ASP C 357 -49.00 73.04 7.93
C ASP C 357 -50.09 72.08 8.34
N GLN C 358 -50.78 71.48 7.36
CA GLN C 358 -51.82 70.49 7.60
C GLN C 358 -51.22 69.12 7.78
N ILE C 359 -49.97 69.05 8.26
CA ILE C 359 -49.33 67.75 8.48
C ILE C 359 -50.04 66.98 9.58
N ASN C 360 -50.71 67.68 10.50
CA ASN C 360 -51.39 66.92 11.55
C ASN C 360 -52.71 66.34 11.07
N GLU C 361 -53.46 67.08 10.24
CA GLU C 361 -54.69 66.54 9.70
C GLU C 361 -54.43 65.31 8.85
N ALA C 362 -53.26 65.26 8.22
CA ALA C 362 -52.90 64.08 7.46
C ALA C 362 -52.65 62.88 8.37
N PHE C 363 -52.24 63.13 9.61
CA PHE C 363 -51.98 62.03 10.53
C PHE C 363 -53.28 61.44 11.06
N GLU C 364 -54.34 62.26 11.16
CA GLU C 364 -55.66 61.71 11.46
C GLU C 364 -56.28 61.05 10.24
N LEU C 365 -56.04 61.61 9.05
CA LEU C 365 -56.51 60.98 7.81
C LEU C 365 -55.81 59.66 7.55
N LEU C 366 -54.55 59.54 7.94
CA LEU C 366 -53.85 58.28 7.75
C LEU C 366 -54.34 57.22 8.74
N HIS C 367 -54.59 57.60 10.00
CA HIS C 367 -55.11 56.63 10.97
C HIS C 367 -56.51 56.15 10.58
N ALA C 368 -57.31 57.01 9.94
CA ALA C 368 -58.65 56.64 9.50
C ALA C 368 -58.63 55.72 8.29
N GLY C 369 -57.47 55.42 7.72
CA GLY C 369 -57.42 54.53 6.58
C GLY C 369 -58.02 55.11 5.31
N GLU C 370 -58.40 56.39 5.31
CA GLU C 370 -58.97 57.03 4.14
C GLU C 370 -57.91 57.36 3.09
N CYS C 371 -56.63 57.18 3.43
CA CYS C 371 -55.51 57.61 2.61
C CYS C 371 -54.81 56.40 1.99
N LEU C 372 -54.34 56.54 0.76
CA LEU C 372 -53.31 55.65 0.22
C LEU C 372 -51.95 56.25 0.54
N ARG C 373 -51.65 57.39 -0.08
CA ARG C 373 -50.49 58.20 0.26
C ARG C 373 -50.91 59.66 0.16
N CYS C 374 -50.61 60.41 1.21
CA CYS C 374 -50.92 61.83 1.28
CA CYS C 374 -50.92 61.82 1.31
C CYS C 374 -49.61 62.60 1.21
N VAL C 375 -49.50 63.47 0.21
CA VAL C 375 -48.24 64.14 -0.11
C VAL C 375 -48.34 65.63 0.26
N LEU C 376 -47.42 66.07 1.11
CA LEU C 376 -47.34 67.45 1.55
C LEU C 376 -46.27 68.23 0.78
N THR C 377 -46.52 69.53 0.62
CA THR C 377 -45.60 70.49 0.00
C THR C 377 -45.58 71.75 0.85
N PHE C 378 -44.56 72.59 0.66
CA PHE C 378 -44.46 73.85 1.40
C PHE C 378 -44.94 75.06 0.58
N SER D 2 1.28 -35.15 -21.52
CA SER D 2 2.66 -34.98 -21.98
C SER D 2 2.94 -35.70 -23.30
N GLU D 3 4.22 -36.01 -23.52
CA GLU D 3 4.68 -36.90 -24.59
C GLU D 3 5.76 -37.87 -24.12
N THR D 4 6.47 -37.53 -23.05
CA THR D 4 7.74 -38.11 -22.68
C THR D 4 7.76 -38.70 -21.27
N ALA D 5 6.76 -38.39 -20.45
CA ALA D 5 6.82 -38.61 -19.01
C ALA D 5 6.74 -40.07 -18.65
N GLY D 6 7.56 -40.47 -17.68
CA GLY D 6 7.53 -41.83 -17.18
C GLY D 6 8.00 -42.86 -18.16
N LYS D 7 8.70 -42.45 -19.23
CA LYS D 7 9.28 -43.28 -20.28
C LYS D 7 10.74 -42.92 -20.51
N PRO D 8 11.58 -43.90 -20.85
CA PRO D 8 12.93 -43.58 -21.30
C PRO D 8 12.88 -42.77 -22.57
N ILE D 9 13.90 -41.93 -22.76
CA ILE D 9 14.04 -41.12 -23.96
C ILE D 9 15.35 -41.47 -24.64
N GLU D 10 15.30 -41.65 -25.97
CA GLU D 10 16.51 -41.74 -26.77
C GLU D 10 16.81 -40.37 -27.36
N CYS D 11 18.01 -39.87 -27.14
CA CYS D 11 18.35 -38.53 -27.58
C CYS D 11 19.81 -38.50 -27.98
N LYS D 12 20.24 -37.35 -28.49
CA LYS D 12 21.61 -37.15 -28.89
C LYS D 12 22.45 -36.81 -27.65
N ALA D 13 23.73 -37.17 -27.70
CA ALA D 13 24.59 -37.06 -26.53
C ALA D 13 26.04 -37.27 -26.95
N ALA D 14 26.95 -37.01 -26.01
CA ALA D 14 28.40 -36.97 -26.23
C ALA D 14 29.04 -37.84 -25.17
N ILE D 15 29.25 -39.11 -25.51
CA ILE D 15 29.70 -40.11 -24.56
C ILE D 15 31.22 -40.12 -24.53
N ALA D 16 31.79 -39.91 -23.36
CA ALA D 16 33.20 -40.17 -23.13
C ALA D 16 33.32 -41.64 -22.79
N TRP D 17 33.80 -42.45 -23.72
CA TRP D 17 33.98 -43.88 -23.45
C TRP D 17 35.25 -44.17 -22.69
N GLU D 18 36.23 -43.27 -22.76
CA GLU D 18 37.59 -43.52 -22.32
C GLU D 18 38.25 -42.16 -22.21
N ALA D 19 39.38 -42.11 -21.52
CA ALA D 19 40.15 -40.89 -21.41
C ALA D 19 41.13 -40.76 -22.57
N LYS D 20 41.43 -39.50 -22.94
CA LYS D 20 42.36 -39.13 -24.02
C LYS D 20 41.87 -39.58 -25.40
N LYS D 21 40.57 -39.71 -25.59
CA LYS D 21 39.93 -40.09 -26.85
C LYS D 21 38.82 -39.10 -27.16
N PRO D 22 38.45 -38.92 -28.42
CA PRO D 22 37.31 -38.05 -28.71
C PRO D 22 36.03 -38.59 -28.08
N LEU D 23 35.06 -37.69 -27.96
CA LEU D 23 33.72 -38.10 -27.55
C LEU D 23 32.98 -38.69 -28.74
N GLU D 24 32.23 -39.76 -28.50
CA GLU D 24 31.31 -40.26 -29.52
C GLU D 24 29.99 -39.50 -29.43
N VAL D 25 29.55 -38.90 -30.53
CA VAL D 25 28.23 -38.28 -30.60
C VAL D 25 27.28 -39.37 -31.10
N ARG D 26 26.45 -39.90 -30.22
CA ARG D 26 25.55 -40.99 -30.62
C ARG D 26 24.28 -40.93 -29.76
N THR D 27 23.48 -41.99 -29.84
CA THR D 27 22.23 -42.06 -29.11
C THR D 27 22.45 -42.65 -27.73
N VAL D 28 21.90 -41.99 -26.71
CA VAL D 28 21.87 -42.55 -25.37
C VAL D 28 20.42 -42.60 -24.93
N THR D 29 20.14 -43.46 -23.96
CA THR D 29 18.78 -43.65 -23.46
C THR D 29 18.69 -43.16 -22.02
N VAL D 30 17.78 -42.24 -21.76
CA VAL D 30 17.67 -41.58 -20.47
C VAL D 30 16.43 -42.10 -19.76
N ALA D 31 16.63 -42.77 -18.65
CA ALA D 31 15.52 -43.33 -17.92
C ALA D 31 14.71 -42.19 -17.28
N PRO D 32 13.44 -42.43 -17.00
CA PRO D 32 12.62 -41.42 -16.32
C PRO D 32 13.14 -41.14 -14.93
N PRO D 33 12.73 -40.03 -14.32
CA PRO D 33 13.33 -39.64 -13.03
C PRO D 33 12.77 -40.45 -11.87
N GLY D 34 13.65 -40.86 -10.97
CA GLY D 34 13.27 -41.56 -9.77
C GLY D 34 12.93 -40.57 -8.68
N PRO D 35 12.62 -41.04 -7.48
CA PRO D 35 12.22 -40.11 -6.41
C PRO D 35 13.30 -39.07 -6.13
N GLY D 36 12.87 -37.82 -6.00
CA GLY D 36 13.81 -36.78 -5.68
C GLY D 36 14.65 -36.32 -6.86
N GLU D 37 14.19 -36.61 -8.09
CA GLU D 37 14.94 -36.36 -9.29
C GLU D 37 14.12 -35.51 -10.25
N VAL D 38 14.84 -34.89 -11.18
CA VAL D 38 14.28 -34.01 -12.20
C VAL D 38 14.96 -34.35 -13.51
N ARG D 39 14.18 -34.57 -14.57
CA ARG D 39 14.73 -34.79 -15.89
C ARG D 39 14.65 -33.48 -16.68
N VAL D 40 15.79 -33.01 -17.16
CA VAL D 40 15.91 -31.69 -17.76
C VAL D 40 16.21 -31.84 -19.25
N GLN D 41 15.48 -31.10 -20.08
CA GLN D 41 15.89 -30.89 -21.45
C GLN D 41 16.96 -29.79 -21.47
N ILE D 42 18.16 -30.14 -21.94
CA ILE D 42 19.26 -29.18 -21.99
C ILE D 42 19.11 -28.32 -23.24
N LYS D 43 19.10 -27.01 -23.06
CA LYS D 43 18.90 -26.10 -24.18
C LYS D 43 20.19 -25.42 -24.63
N ALA D 44 21.19 -25.31 -23.76
CA ALA D 44 22.48 -24.72 -24.11
C ALA D 44 23.50 -25.15 -23.08
N THR D 45 24.69 -25.56 -23.53
CA THR D 45 25.71 -26.02 -22.59
C THR D 45 27.09 -25.54 -23.01
N ALA D 46 27.89 -25.12 -22.03
CA ALA D 46 29.23 -24.55 -22.20
C ALA D 46 30.31 -25.56 -21.81
N LEU D 47 31.58 -25.17 -22.02
CA LEU D 47 32.75 -26.02 -21.78
C LEU D 47 33.71 -25.36 -20.81
N CYS D 48 34.19 -26.12 -19.84
CA CYS D 48 35.07 -25.60 -18.81
C CYS D 48 36.42 -26.30 -18.89
N GLN D 49 37.43 -25.68 -18.30
CA GLN D 49 38.69 -26.39 -18.12
C GLN D 49 38.49 -27.67 -17.32
N THR D 50 37.44 -27.69 -16.50
CA THR D 50 37.16 -28.85 -15.67
C THR D 50 36.66 -30.02 -16.50
N ASP D 51 35.93 -29.75 -17.59
CA ASP D 51 35.51 -30.84 -18.48
C ASP D 51 36.71 -31.53 -19.13
N ALA D 52 37.74 -30.76 -19.52
CA ALA D 52 38.89 -31.35 -20.19
C ALA D 52 39.74 -32.15 -19.21
N TYR D 53 39.87 -31.69 -17.98
CA TYR D 53 40.76 -32.35 -17.02
C TYR D 53 40.38 -33.80 -16.81
N THR D 54 39.07 -34.07 -16.77
CA THR D 54 38.61 -35.45 -16.62
C THR D 54 38.70 -36.20 -17.94
N LEU D 55 38.36 -35.53 -19.04
CA LEU D 55 38.48 -36.15 -20.36
C LEU D 55 39.91 -36.58 -20.62
N GLY D 56 40.88 -35.79 -20.16
CA GLY D 56 42.28 -36.09 -20.38
C GLY D 56 42.90 -37.15 -19.50
N GLY D 57 42.14 -37.72 -18.57
CA GLY D 57 42.66 -38.79 -17.73
C GLY D 57 43.37 -38.35 -16.47
N LEU D 58 43.19 -37.10 -16.04
CA LEU D 58 43.93 -36.61 -14.88
C LEU D 58 43.09 -36.62 -13.60
N ASP D 59 41.77 -36.79 -13.70
CA ASP D 59 40.91 -36.78 -12.53
C ASP D 59 41.00 -38.13 -11.81
N PRO D 60 41.40 -38.16 -10.54
CA PRO D 60 41.41 -39.44 -9.81
C PRO D 60 40.04 -40.00 -9.55
N GLU D 61 38.98 -39.21 -9.71
CA GLU D 61 37.62 -39.66 -9.45
C GLU D 61 36.79 -39.83 -10.72
N GLY D 62 37.40 -39.66 -11.90
CA GLY D 62 36.68 -39.90 -13.14
C GLY D 62 36.25 -41.35 -13.25
N ARG D 63 35.14 -41.56 -13.95
CA ARG D 63 34.55 -42.88 -14.09
C ARG D 63 34.10 -43.02 -15.53
N PHE D 64 34.61 -44.02 -16.23
CA PHE D 64 34.18 -44.11 -17.59
C PHE D 64 33.43 -45.43 -17.82
N PRO D 65 32.51 -45.48 -18.80
CA PRO D 65 32.13 -44.35 -19.63
C PRO D 65 31.23 -43.38 -18.85
N CYS D 66 31.23 -42.13 -19.29
CA CYS D 66 30.55 -41.07 -18.59
C CYS D 66 30.13 -40.03 -19.60
N ILE D 67 29.21 -39.18 -19.19
CA ILE D 67 28.72 -38.09 -20.01
C ILE D 67 29.07 -36.83 -19.24
N LEU D 68 30.05 -36.10 -19.75
CA LEU D 68 30.52 -34.90 -19.07
C LEU D 68 29.62 -33.70 -19.36
N GLY D 69 30.08 -32.53 -18.93
CA GLY D 69 29.30 -31.30 -19.02
C GLY D 69 28.71 -30.87 -17.70
N HIS D 70 28.93 -29.60 -17.33
CA HIS D 70 28.32 -29.08 -16.12
C HIS D 70 27.81 -27.65 -16.20
N GLU D 71 28.05 -26.90 -17.28
CA GLU D 71 27.50 -25.56 -17.38
C GLU D 71 26.36 -25.60 -18.39
N ALA D 72 25.13 -25.46 -17.91
CA ALA D 72 24.01 -25.56 -18.82
C ALA D 72 22.78 -24.95 -18.18
N ALA D 73 21.78 -24.71 -19.03
CA ALA D 73 20.46 -24.27 -18.61
C ALA D 73 19.43 -24.88 -19.57
N GLY D 74 18.21 -25.08 -19.09
CA GLY D 74 17.19 -25.70 -19.91
C GLY D 74 15.82 -25.73 -19.25
N VAL D 75 14.98 -26.64 -19.72
CA VAL D 75 13.59 -26.71 -19.30
C VAL D 75 13.33 -28.05 -18.65
N VAL D 76 12.47 -28.04 -17.62
CA VAL D 76 12.15 -29.26 -16.90
C VAL D 76 11.12 -30.05 -17.73
N GLU D 77 11.44 -31.31 -17.98
CA GLU D 77 10.60 -32.18 -18.79
C GLU D 77 9.61 -32.96 -17.94
N SER D 78 10.00 -33.33 -16.72
CA SER D 78 9.21 -34.14 -15.80
C SER D 78 10.03 -34.30 -14.53
N VAL D 79 9.34 -34.61 -13.42
CA VAL D 79 9.96 -34.77 -12.11
C VAL D 79 9.53 -36.09 -11.47
N GLY D 80 10.38 -36.57 -10.55
CA GLY D 80 10.14 -37.83 -9.87
C GLY D 80 9.24 -37.68 -8.65
N GLU D 81 9.10 -38.79 -7.92
CA GLU D 81 8.28 -38.81 -6.72
C GLU D 81 8.72 -37.73 -5.72
N GLY D 82 7.73 -36.99 -5.19
CA GLY D 82 7.93 -36.05 -4.09
C GLY D 82 8.56 -34.71 -4.44
N VAL D 83 8.48 -34.27 -5.69
CA VAL D 83 9.21 -33.12 -6.17
C VAL D 83 8.21 -31.98 -6.34
N THR D 84 8.22 -31.06 -5.38
CA THR D 84 7.37 -29.89 -5.44
C THR D 84 8.12 -28.64 -5.87
N SER D 85 9.45 -28.67 -5.84
CA SER D 85 10.19 -27.42 -5.99
C SER D 85 10.14 -26.90 -7.42
N VAL D 86 9.97 -27.79 -8.41
CA VAL D 86 9.80 -27.41 -9.82
C VAL D 86 8.74 -28.28 -10.48
N LYS D 87 8.27 -27.81 -11.63
CA LYS D 87 7.22 -28.43 -12.42
C LYS D 87 7.64 -28.45 -13.87
N PRO D 88 7.05 -29.32 -14.69
CA PRO D 88 7.37 -29.30 -16.13
C PRO D 88 7.13 -27.92 -16.72
N GLY D 89 8.01 -27.51 -17.61
CA GLY D 89 7.94 -26.20 -18.23
C GLY D 89 8.84 -25.16 -17.60
N ASP D 90 9.37 -25.42 -16.41
CA ASP D 90 10.15 -24.44 -15.69
C ASP D 90 11.57 -24.39 -16.23
N HIS D 91 12.07 -23.18 -16.50
CA HIS D 91 13.46 -22.98 -16.90
C HIS D 91 14.40 -23.16 -15.72
N VAL D 92 15.51 -23.88 -15.92
CA VAL D 92 16.36 -24.25 -14.80
C VAL D 92 17.84 -24.13 -15.13
N ILE D 93 18.64 -24.08 -14.07
CA ILE D 93 20.09 -24.27 -14.17
C ILE D 93 20.51 -25.38 -13.21
N PRO D 94 20.94 -26.55 -13.71
CA PRO D 94 21.51 -27.56 -12.82
C PRO D 94 22.88 -27.14 -12.36
N CYS D 95 23.18 -27.40 -11.10
CA CYS D 95 24.46 -26.99 -10.53
C CYS D 95 25.16 -28.19 -9.95
N TYR D 96 26.45 -28.25 -10.20
CA TYR D 96 27.27 -29.30 -9.61
C TYR D 96 27.33 -29.21 -8.10
N GLN D 97 26.93 -28.08 -7.52
CA GLN D 97 27.01 -27.87 -6.10
C GLN D 97 25.58 -27.75 -5.58
N ALA D 98 25.15 -28.74 -4.79
CA ALA D 98 23.78 -28.85 -4.35
C ALA D 98 23.45 -27.84 -3.25
N TYR D 99 22.17 -27.78 -2.92
CA TYR D 99 21.69 -27.04 -1.76
C TYR D 99 20.50 -27.82 -1.25
N CYS D 100 20.63 -28.45 -0.10
CA CYS D 100 19.48 -29.14 0.46
C CYS D 100 18.61 -28.26 1.33
N GLY D 101 19.18 -27.21 1.92
CA GLY D 101 18.46 -26.39 2.84
C GLY D 101 18.35 -26.94 4.25
N GLU D 102 18.94 -28.10 4.54
CA GLU D 102 18.79 -28.74 5.83
C GLU D 102 20.11 -29.20 6.48
N CYS D 103 21.18 -29.43 5.75
CA CYS D 103 22.36 -30.00 6.37
C CYS D 103 23.12 -28.94 7.19
N LYS D 104 24.09 -29.43 7.96
CA LYS D 104 24.99 -28.58 8.73
C LYS D 104 25.55 -27.45 7.88
N PHE D 105 25.87 -27.75 6.62
CA PHE D 105 26.58 -26.81 5.77
C PHE D 105 25.67 -25.83 5.07
N CYS D 106 24.44 -26.24 4.76
CA CYS D 106 23.51 -25.32 4.12
C CYS D 106 23.04 -24.29 5.14
N LYS D 107 23.03 -24.68 6.42
CA LYS D 107 22.56 -23.82 7.51
C LYS D 107 23.61 -22.79 7.91
N HIS D 108 24.89 -23.11 7.77
CA HIS D 108 25.95 -22.18 8.15
C HIS D 108 26.00 -21.01 7.18
N PRO D 109 25.94 -19.77 7.66
CA PRO D 109 26.03 -18.60 6.76
C PRO D 109 27.21 -18.64 5.80
N GLU D 110 28.36 -19.16 6.23
CA GLU D 110 29.60 -19.02 5.47
C GLU D 110 29.98 -20.29 4.73
N SER D 111 29.00 -21.09 4.30
CA SER D 111 29.33 -22.27 3.50
C SER D 111 28.21 -22.55 2.51
N ASN D 112 28.59 -23.16 1.38
CA ASN D 112 27.67 -23.68 0.38
C ASN D 112 27.91 -25.15 0.10
N LEU D 113 28.67 -25.82 0.97
CA LEU D 113 29.21 -27.16 0.74
C LEU D 113 28.23 -28.23 1.21
N CYS D 114 27.06 -28.21 0.59
CA CYS D 114 25.99 -29.16 0.89
C CYS D 114 26.44 -30.61 0.71
N VAL D 115 26.19 -31.44 1.74
CA VAL D 115 26.58 -32.86 1.70
C VAL D 115 25.40 -33.76 1.32
N SER D 116 24.32 -33.19 0.78
CA SER D 116 23.10 -33.97 0.63
C SER D 116 23.27 -35.06 -0.41
N VAL D 117 23.97 -34.78 -1.51
CA VAL D 117 24.01 -35.69 -2.65
C VAL D 117 25.41 -35.92 -3.20
N ARG D 118 26.45 -35.32 -2.60
CA ARG D 118 27.81 -35.38 -3.17
C ARG D 118 28.37 -36.80 -3.22
N ALA D 119 28.10 -37.61 -2.19
CA ALA D 119 28.59 -39.00 -2.22
C ALA D 119 28.14 -39.70 -3.48
N PHE D 120 26.98 -39.37 -4.00
CA PHE D 120 26.51 -40.06 -5.19
C PHE D 120 26.95 -39.36 -6.47
N THR D 121 26.86 -38.03 -6.51
CA THR D 121 27.25 -37.32 -7.72
C THR D 121 28.73 -37.53 -8.02
N GLY D 122 29.57 -37.56 -6.98
CA GLY D 122 30.98 -37.82 -7.12
C GLY D 122 31.35 -39.21 -7.57
N LYS D 123 30.38 -40.11 -7.70
CA LYS D 123 30.61 -41.44 -8.24
C LYS D 123 29.77 -41.70 -9.49
N GLY D 124 29.15 -40.68 -10.05
CA GLY D 124 28.45 -40.82 -11.31
C GLY D 124 27.12 -41.53 -11.24
N VAL D 125 26.52 -41.63 -10.05
CA VAL D 125 25.23 -42.32 -9.89
C VAL D 125 24.29 -41.41 -9.08
N MET D 126 23.05 -41.86 -8.95
CA MET D 126 22.01 -41.13 -8.23
C MET D 126 21.88 -41.64 -6.80
N LYS D 127 21.37 -40.78 -5.91
CA LYS D 127 21.14 -41.18 -4.52
C LYS D 127 19.95 -42.12 -4.36
N SER D 128 18.93 -42.02 -5.19
CA SER D 128 17.75 -42.85 -5.01
C SER D 128 18.07 -44.34 -5.06
N ASP D 129 19.06 -44.75 -5.85
CA ASP D 129 19.23 -46.18 -6.07
C ASP D 129 20.68 -46.61 -6.31
N GLY D 130 21.60 -45.67 -6.46
CA GLY D 130 22.96 -46.03 -6.76
C GLY D 130 23.23 -46.34 -8.22
N LYS D 131 22.32 -46.01 -9.13
CA LYS D 131 22.55 -46.29 -10.54
C LYS D 131 22.58 -44.99 -11.32
N PRO D 132 23.31 -44.96 -12.43
CA PRO D 132 23.16 -43.88 -13.40
C PRO D 132 21.90 -44.06 -14.22
N ARG D 133 21.39 -42.94 -14.75
CA ARG D 133 20.20 -42.96 -15.60
C ARG D 133 20.51 -43.11 -17.09
N PHE D 134 21.77 -43.17 -17.50
CA PHE D 134 22.13 -43.38 -18.90
C PHE D 134 22.43 -44.85 -19.18
N THR D 135 21.99 -45.32 -20.34
CA THR D 135 22.43 -46.61 -20.88
C THR D 135 22.61 -46.53 -22.38
N VAL D 136 23.65 -47.23 -22.87
CA VAL D 136 23.84 -47.53 -24.28
C VAL D 136 23.87 -49.04 -24.39
N ASP D 137 22.96 -49.60 -25.19
CA ASP D 137 22.86 -51.06 -25.35
C ASP D 137 22.71 -51.75 -24.01
N GLY D 138 21.87 -51.18 -23.13
CA GLY D 138 21.54 -51.76 -21.84
C GLY D 138 22.56 -51.57 -20.74
N LYS D 139 23.79 -51.26 -21.07
CA LYS D 139 24.78 -51.15 -20.02
C LYS D 139 24.98 -49.68 -19.60
N PRO D 140 25.44 -49.40 -18.39
CA PRO D 140 25.38 -48.02 -17.89
C PRO D 140 26.41 -47.10 -18.52
N ILE D 141 26.00 -45.84 -18.69
CA ILE D 141 26.92 -44.71 -18.83
C ILE D 141 26.76 -43.85 -17.59
N TYR D 142 27.88 -43.51 -16.94
CA TYR D 142 27.85 -42.89 -15.63
C TYR D 142 27.70 -41.37 -15.74
N HIS D 143 27.14 -40.78 -14.69
CA HIS D 143 26.94 -39.34 -14.64
C HIS D 143 28.25 -38.65 -14.33
N PHE D 144 28.24 -37.33 -14.44
CA PHE D 144 29.42 -36.54 -14.16
C PHE D 144 29.04 -35.25 -13.44
N MET D 145 29.63 -35.06 -12.27
CA MET D 145 29.50 -33.83 -11.49
C MET D 145 28.03 -33.52 -11.17
N GLY D 146 27.21 -34.57 -11.07
CA GLY D 146 25.81 -34.41 -10.77
C GLY D 146 24.98 -33.74 -11.84
N THR D 147 25.55 -33.44 -12.98
CA THR D 147 24.74 -32.68 -13.94
C THR D 147 24.72 -33.32 -15.31
N SER D 148 25.86 -33.82 -15.80
CA SER D 148 26.00 -34.47 -17.10
C SER D 148 25.21 -33.73 -18.17
N THR D 149 25.71 -32.61 -18.65
CA THR D 149 24.91 -31.74 -19.48
C THR D 149 25.14 -31.92 -20.98
N PHE D 150 26.07 -32.80 -21.40
CA PHE D 150 26.32 -33.03 -22.82
C PHE D 150 25.38 -34.10 -23.36
N SER D 151 24.09 -33.79 -23.26
CA SER D 151 23.02 -34.70 -23.65
C SER D 151 21.75 -33.86 -23.75
N GLU D 152 20.95 -34.10 -24.79
CA GLU D 152 19.70 -33.35 -24.92
C GLU D 152 18.83 -33.44 -23.66
N TYR D 153 18.89 -34.57 -22.95
CA TYR D 153 18.10 -34.77 -21.75
C TYR D 153 18.99 -35.38 -20.68
N THR D 154 18.74 -34.99 -19.44
CA THR D 154 19.60 -35.39 -18.33
C THR D 154 18.73 -35.54 -17.08
N VAL D 155 19.24 -36.25 -16.08
CA VAL D 155 18.53 -36.47 -14.84
C VAL D 155 19.41 -36.03 -13.69
N VAL D 156 18.92 -35.06 -12.92
CA VAL D 156 19.70 -34.49 -11.81
C VAL D 156 18.93 -34.63 -10.51
N HIS D 157 19.66 -34.48 -9.40
CA HIS D 157 19.01 -34.43 -8.09
C HIS D 157 18.27 -33.10 -7.93
N GLU D 158 17.13 -33.14 -7.24
CA GLU D 158 16.36 -31.91 -7.07
C GLU D 158 17.12 -30.88 -6.24
N GLN D 159 17.93 -31.32 -5.26
CA GLN D 159 18.75 -30.34 -4.57
C GLN D 159 19.74 -29.64 -5.49
N SER D 160 19.83 -30.08 -6.75
CA SER D 160 20.77 -29.59 -7.74
C SER D 160 20.10 -28.74 -8.81
N VAL D 161 18.81 -28.49 -8.71
CA VAL D 161 18.07 -27.74 -9.73
C VAL D 161 17.74 -26.35 -9.19
N ALA D 162 18.31 -25.32 -9.81
CA ALA D 162 18.01 -23.93 -9.48
C ALA D 162 16.93 -23.42 -10.44
N LYS D 163 15.88 -22.83 -9.88
CA LYS D 163 14.75 -22.42 -10.70
C LYS D 163 14.88 -20.96 -11.08
N ILE D 164 14.81 -20.67 -12.37
CA ILE D 164 15.15 -19.31 -12.81
C ILE D 164 14.03 -18.67 -13.62
N ASP D 165 14.31 -17.47 -14.11
CA ASP D 165 13.38 -16.70 -14.91
C ASP D 165 13.10 -17.37 -16.26
N VAL D 166 11.82 -17.39 -16.65
CA VAL D 166 11.47 -17.96 -17.95
C VAL D 166 11.94 -17.07 -19.08
N ASN D 167 12.26 -15.80 -18.79
CA ASN D 167 12.56 -14.83 -19.83
C ASN D 167 14.05 -14.64 -20.08
N ALA D 168 14.91 -15.25 -19.26
CA ALA D 168 16.36 -15.16 -19.44
C ALA D 168 16.83 -16.01 -20.62
N PRO D 169 17.73 -15.50 -21.46
CA PRO D 169 18.22 -16.32 -22.59
C PRO D 169 18.99 -17.53 -22.09
N LEU D 170 18.54 -18.71 -22.51
CA LEU D 170 19.17 -19.94 -22.02
C LEU D 170 20.60 -20.09 -22.53
N ASP D 171 20.93 -19.50 -23.67
CA ASP D 171 22.28 -19.65 -24.22
C ASP D 171 23.31 -18.74 -23.53
N LYS D 172 22.90 -17.93 -22.57
CA LYS D 172 23.86 -17.05 -21.89
C LYS D 172 23.94 -17.34 -20.40
N VAL D 173 22.79 -17.53 -19.74
CA VAL D 173 22.79 -17.75 -18.29
C VAL D 173 23.38 -19.11 -17.97
N CYS D 174 23.73 -19.87 -19.00
CA CYS D 174 24.35 -21.16 -18.70
C CYS D 174 25.79 -21.02 -18.17
N LEU D 175 26.45 -19.88 -18.35
CA LEU D 175 27.76 -19.69 -17.70
C LEU D 175 27.65 -19.50 -16.18
N LEU D 176 26.45 -19.20 -15.65
CA LEU D 176 26.23 -18.95 -14.23
C LEU D 176 26.28 -20.21 -13.37
N GLY D 177 26.44 -21.37 -13.97
CA GLY D 177 26.56 -22.60 -13.21
C GLY D 177 27.97 -22.99 -12.90
N CYS D 178 28.96 -22.14 -13.21
CA CYS D 178 30.37 -22.46 -12.94
C CYS D 178 31.23 -21.20 -12.99
N GLY D 179 32.00 -21.06 -14.06
CA GLY D 179 33.16 -20.20 -14.05
C GLY D 179 32.90 -18.78 -13.60
N VAL D 180 32.05 -18.09 -14.38
CA VAL D 180 31.71 -16.71 -14.05
C VAL D 180 31.30 -16.61 -12.60
N SER D 181 30.38 -17.50 -12.18
CA SER D 181 29.79 -17.39 -10.85
C SER D 181 30.81 -17.64 -9.74
N THR D 182 31.83 -18.46 -10.00
CA THR D 182 32.84 -18.67 -8.98
C THR D 182 33.69 -17.43 -8.83
N GLY D 183 33.97 -16.74 -9.94
CA GLY D 183 34.76 -15.52 -9.87
C GLY D 183 34.05 -14.39 -9.14
N TRP D 184 32.75 -14.21 -9.41
CA TRP D 184 32.01 -13.18 -8.70
C TRP D 184 31.96 -13.49 -7.20
N GLY D 185 31.63 -14.73 -6.85
CA GLY D 185 31.48 -15.09 -5.46
C GLY D 185 32.78 -15.06 -4.67
N ALA D 186 33.90 -15.33 -5.33
CA ALA D 186 35.20 -15.14 -4.69
C ALA D 186 35.30 -13.75 -4.07
N VAL D 187 34.88 -12.73 -4.82
CA VAL D 187 34.87 -11.36 -4.34
C VAL D 187 33.72 -11.12 -3.36
N PHE D 188 32.49 -11.44 -3.75
CA PHE D 188 31.33 -10.97 -3.00
C PHE D 188 31.07 -11.79 -1.75
N ASN D 189 31.41 -13.08 -1.75
CA ASN D 189 31.11 -13.93 -0.61
C ASN D 189 32.34 -14.26 0.22
N THR D 190 33.44 -14.62 -0.44
CA THR D 190 34.60 -15.12 0.30
C THR D 190 35.41 -13.96 0.88
N ALA D 191 36.02 -13.15 0.01
CA ALA D 191 36.82 -12.03 0.49
C ALA D 191 35.96 -10.94 1.10
N LYS D 192 34.74 -10.76 0.61
CA LYS D 192 33.90 -9.62 0.95
C LYS D 192 34.66 -8.30 0.72
N VAL D 193 35.27 -8.20 -0.47
CA VAL D 193 36.06 -7.04 -0.90
C VAL D 193 35.38 -5.74 -0.50
N THR D 194 36.05 -4.93 0.29
CA THR D 194 35.46 -3.66 0.73
C THR D 194 35.69 -2.56 -0.31
N ALA D 195 35.00 -1.44 -0.13
CA ALA D 195 35.15 -0.33 -1.06
C ALA D 195 36.48 0.37 -0.83
N GLY D 196 36.99 1.01 -1.89
CA GLY D 196 38.29 1.63 -1.85
C GLY D 196 39.46 0.68 -1.77
N SER D 197 39.21 -0.62 -1.60
CA SER D 197 40.32 -1.50 -1.40
C SER D 197 41.02 -1.79 -2.73
N THR D 198 42.25 -2.26 -2.63
CA THR D 198 43.07 -2.56 -3.80
C THR D 198 43.19 -4.07 -3.93
N VAL D 199 43.23 -4.53 -5.18
CA VAL D 199 43.07 -5.95 -5.48
C VAL D 199 44.03 -6.35 -6.60
N ALA D 200 44.57 -7.57 -6.52
CA ALA D 200 45.43 -8.16 -7.53
C ALA D 200 44.89 -9.52 -7.91
N VAL D 201 44.58 -9.71 -9.19
CA VAL D 201 44.00 -10.96 -9.70
C VAL D 201 45.05 -11.70 -10.52
N PHE D 202 45.26 -12.98 -10.21
CA PHE D 202 46.29 -13.80 -10.83
C PHE D 202 45.64 -14.84 -11.76
N GLY D 203 45.81 -14.63 -13.07
CA GLY D 203 45.26 -15.49 -14.10
C GLY D 203 44.06 -14.83 -14.77
N LEU D 204 44.09 -14.61 -16.08
CA LEU D 204 43.02 -13.86 -16.73
C LEU D 204 42.19 -14.69 -17.69
N GLY D 205 41.67 -15.82 -17.20
CA GLY D 205 40.67 -16.57 -17.92
C GLY D 205 39.28 -16.09 -17.58
N ALA D 206 38.29 -16.93 -17.87
CA ALA D 206 36.92 -16.59 -17.53
C ALA D 206 36.81 -16.26 -16.05
N VAL D 207 37.38 -17.10 -15.21
CA VAL D 207 37.28 -16.89 -13.76
C VAL D 207 38.00 -15.61 -13.36
N GLY D 208 39.27 -15.48 -13.76
CA GLY D 208 39.99 -14.26 -13.44
C GLY D 208 39.27 -13.00 -13.87
N LEU D 209 38.73 -13.01 -15.10
CA LEU D 209 37.96 -11.87 -15.56
C LEU D 209 36.73 -11.63 -14.68
N ALA D 210 36.12 -12.71 -14.16
CA ALA D 210 34.97 -12.56 -13.27
C ALA D 210 35.35 -11.88 -11.97
N VAL D 211 36.56 -12.13 -11.48
CA VAL D 211 37.00 -11.49 -10.24
C VAL D 211 37.16 -9.99 -10.44
N ILE D 212 37.87 -9.60 -11.50
CA ILE D 212 38.04 -8.19 -11.82
C ILE D 212 36.69 -7.51 -11.93
N GLU D 213 35.75 -8.11 -12.67
CA GLU D 213 34.44 -7.47 -12.87
C GLU D 213 33.75 -7.19 -11.53
N ALA D 214 33.75 -8.17 -10.62
CA ALA D 214 33.16 -7.96 -9.31
C ALA D 214 33.95 -6.95 -8.49
N ALA D 215 35.28 -6.98 -8.59
CA ALA D 215 36.10 -6.04 -7.84
C ALA D 215 35.76 -4.59 -8.20
N LYS D 216 35.64 -4.29 -9.50
CA LYS D 216 35.16 -2.97 -9.89
C LYS D 216 33.81 -2.70 -9.25
N ARG D 217 32.88 -3.64 -9.41
CA ARG D 217 31.55 -3.40 -8.89
C ARG D 217 31.57 -3.18 -7.38
N ALA D 218 32.48 -3.83 -6.66
CA ALA D 218 32.47 -3.67 -5.21
C ALA D 218 33.13 -2.38 -4.75
N GLY D 219 33.54 -1.53 -5.69
CA GLY D 219 34.11 -0.25 -5.33
C GLY D 219 35.57 -0.32 -4.94
N ALA D 220 36.36 -1.06 -5.73
CA ALA D 220 37.78 -1.24 -5.46
C ALA D 220 38.56 -0.08 -6.06
N SER D 221 39.43 0.53 -5.25
CA SER D 221 40.22 1.66 -5.71
C SER D 221 41.23 1.26 -6.78
N ARG D 222 41.72 0.01 -6.75
CA ARG D 222 42.81 -0.34 -7.65
C ARG D 222 42.81 -1.84 -7.92
N ILE D 223 42.90 -2.22 -9.20
CA ILE D 223 42.78 -3.60 -9.61
C ILE D 223 43.93 -3.96 -10.56
N ILE D 224 44.78 -4.89 -10.10
CA ILE D 224 45.97 -5.32 -10.82
C ILE D 224 45.69 -6.68 -11.46
N ALA D 225 45.94 -6.80 -12.76
CA ALA D 225 45.72 -8.04 -13.49
C ALA D 225 47.06 -8.69 -13.83
N VAL D 226 47.17 -9.99 -13.61
CA VAL D 226 48.45 -10.67 -13.77
C VAL D 226 48.23 -11.90 -14.63
N ASP D 227 48.79 -11.89 -15.83
CA ASP D 227 48.84 -13.06 -16.70
C ASP D 227 50.17 -13.05 -17.44
N ILE D 228 50.76 -14.24 -17.63
CA ILE D 228 52.00 -14.35 -18.40
C ILE D 228 51.76 -14.32 -19.90
N ASP D 229 50.51 -14.22 -20.34
CA ASP D 229 50.18 -14.01 -21.74
C ASP D 229 49.59 -12.61 -21.89
N PRO D 230 50.32 -11.64 -22.45
CA PRO D 230 49.77 -10.28 -22.53
C PRO D 230 48.63 -10.12 -23.53
N THR D 231 48.32 -11.14 -24.34
CA THR D 231 47.19 -11.03 -25.27
C THR D 231 45.90 -10.79 -24.52
N LYS D 232 45.86 -11.19 -23.24
CA LYS D 232 44.66 -11.04 -22.44
C LYS D 232 44.55 -9.67 -21.78
N PHE D 233 45.60 -8.86 -21.82
CA PHE D 233 45.55 -7.60 -21.11
C PHE D 233 44.53 -6.64 -21.70
N PRO D 234 44.34 -6.56 -23.03
CA PRO D 234 43.26 -5.71 -23.55
C PRO D 234 41.89 -6.01 -22.95
N THR D 235 41.47 -7.28 -22.95
CA THR D 235 40.14 -7.64 -22.45
C THR D 235 40.00 -7.42 -20.95
N ALA D 236 41.12 -7.48 -20.21
CA ALA D 236 41.09 -7.18 -18.78
C ALA D 236 40.86 -5.71 -18.52
N LYS D 237 41.43 -4.84 -19.36
CA LYS D 237 41.19 -3.41 -19.19
C LYS D 237 39.71 -3.10 -19.36
N GLU D 238 39.06 -3.72 -20.35
CA GLU D 238 37.61 -3.57 -20.52
C GLU D 238 36.89 -3.90 -19.22
N PHE D 239 37.18 -5.08 -18.68
CA PHE D 239 36.46 -5.55 -17.51
C PHE D 239 36.74 -4.74 -16.26
N GLY D 240 37.75 -3.87 -16.28
CA GLY D 240 37.88 -2.86 -15.24
C GLY D 240 39.19 -2.85 -14.48
N ALA D 241 40.22 -3.51 -15.02
CA ALA D 241 41.52 -3.55 -14.36
C ALA D 241 42.27 -2.24 -14.60
N THR D 242 42.86 -1.70 -13.52
CA THR D 242 43.63 -0.47 -13.58
C THR D 242 45.12 -0.70 -13.87
N ASP D 243 45.61 -1.92 -13.70
CA ASP D 243 47.02 -2.22 -14.02
C ASP D 243 47.18 -3.64 -14.52
N SNC D 244 48.03 -3.80 -15.52
CA SNC D 244 48.37 -5.11 -16.04
CB SNC D 244 48.05 -5.32 -17.54
SG SNC D 244 46.32 -5.23 -17.97
ND SNC D 244 46.05 -3.58 -18.36
OE SNC D 244 46.29 -3.10 -19.39
C SNC D 244 49.87 -5.34 -15.84
O SNC D 244 50.70 -4.47 -16.07
N ILE D 245 50.22 -6.53 -15.38
CA ILE D 245 51.62 -6.87 -15.16
C ILE D 245 51.91 -8.25 -15.68
N ASN D 246 52.92 -8.34 -16.54
CA ASN D 246 53.39 -9.61 -17.08
C ASN D 246 54.58 -10.05 -16.27
N PRO D 247 54.49 -11.16 -15.52
CA PRO D 247 55.63 -11.58 -14.70
C PRO D 247 56.92 -11.86 -15.48
N LYS D 248 56.88 -11.93 -16.82
CA LYS D 248 58.11 -12.15 -17.57
C LYS D 248 58.84 -10.85 -17.87
N ASP D 249 58.13 -9.71 -17.88
CA ASP D 249 58.75 -8.40 -18.05
C ASP D 249 59.45 -7.90 -16.80
N HIS D 250 59.46 -8.72 -15.74
CA HIS D 250 60.24 -8.50 -14.53
C HIS D 250 60.90 -9.83 -14.19
N GLU D 251 62.06 -9.76 -13.53
CA GLU D 251 62.66 -10.98 -12.99
C GLU D 251 63.00 -10.81 -11.51
N LYS D 252 62.55 -9.71 -10.88
CA LYS D 252 62.15 -9.79 -9.49
C LYS D 252 60.88 -10.64 -9.38
N PRO D 253 60.76 -11.49 -8.37
CA PRO D 253 59.57 -12.35 -8.27
C PRO D 253 58.29 -11.52 -8.24
N ILE D 254 57.23 -12.06 -8.86
CA ILE D 254 56.01 -11.28 -9.08
C ILE D 254 55.44 -10.71 -7.78
N GLN D 255 55.55 -11.46 -6.68
CA GLN D 255 55.10 -10.92 -5.39
C GLN D 255 55.85 -9.64 -5.04
N GLN D 256 57.19 -9.70 -5.05
CA GLN D 256 58.02 -8.52 -4.81
C GLN D 256 57.57 -7.34 -5.65
N VAL D 257 57.29 -7.57 -6.94
CA VAL D 257 56.78 -6.54 -7.84
C VAL D 257 55.59 -5.84 -7.21
N ILE D 258 54.51 -6.59 -6.97
CA ILE D 258 53.28 -6.02 -6.42
C ILE D 258 53.54 -5.36 -5.06
N VAL D 259 54.28 -6.04 -4.19
CA VAL D 259 54.55 -5.48 -2.86
C VAL D 259 55.31 -4.17 -2.95
N GLU D 260 56.08 -3.99 -4.04
CA GLU D 260 56.73 -2.71 -4.28
C GLU D 260 55.71 -1.66 -4.76
N MET D 261 54.83 -2.04 -5.71
CA MET D 261 53.92 -1.08 -6.35
C MET D 261 52.90 -0.53 -5.37
N THR D 262 52.34 -1.37 -4.53
CA THR D 262 51.69 -0.91 -3.32
C THR D 262 52.75 -0.80 -2.23
N GLU D 263 52.42 -0.16 -1.11
CA GLU D 263 53.45 -0.10 -0.09
C GLU D 263 53.63 -1.47 0.56
N TRP D 264 52.52 -2.16 0.85
CA TRP D 264 52.56 -3.38 1.65
C TRP D 264 51.77 -4.52 1.03
N GLY D 265 51.40 -4.41 -0.25
CA GLY D 265 50.47 -5.35 -0.87
C GLY D 265 49.05 -4.82 -0.91
N CYS D 266 48.22 -5.50 -1.70
CA CYS D 266 46.86 -5.07 -1.89
C CYS D 266 45.99 -5.75 -0.85
N ASP D 267 44.92 -5.06 -0.46
CA ASP D 267 44.04 -5.60 0.58
C ASP D 267 43.55 -7.00 0.24
N TYR D 268 43.33 -7.31 -1.05
CA TYR D 268 42.83 -8.62 -1.51
C TYR D 268 43.65 -9.13 -2.69
N THR D 269 43.89 -10.45 -2.72
CA THR D 269 44.53 -11.13 -3.85
C THR D 269 43.77 -12.41 -4.18
N PHE D 270 43.73 -12.74 -5.47
CA PHE D 270 42.98 -13.88 -5.96
C PHE D 270 43.85 -14.70 -6.91
N GLU D 271 43.84 -16.02 -6.72
CA GLU D 271 44.54 -16.94 -7.61
C GLU D 271 43.52 -17.68 -8.45
N CYS D 272 43.68 -17.61 -9.78
CA CYS D 272 42.66 -18.14 -10.68
C CYS D 272 43.21 -19.14 -11.69
N ILE D 273 44.34 -19.78 -11.41
CA ILE D 273 44.98 -20.66 -12.37
C ILE D 273 44.95 -22.12 -11.93
N GLY D 274 45.10 -22.38 -10.64
CA GLY D 274 45.38 -23.73 -10.19
C GLY D 274 46.85 -24.06 -10.15
N ASN D 275 47.71 -23.07 -9.93
CA ASN D 275 49.16 -23.16 -10.05
C ASN D 275 49.78 -22.78 -8.71
N THR D 276 50.22 -23.78 -7.94
CA THR D 276 50.55 -23.57 -6.53
C THR D 276 51.73 -22.63 -6.34
N ALA D 277 52.64 -22.54 -7.31
CA ALA D 277 53.63 -21.46 -7.26
C ALA D 277 52.94 -20.11 -7.20
N VAL D 278 52.03 -19.85 -8.16
CA VAL D 278 51.38 -18.55 -8.22
C VAL D 278 50.49 -18.34 -7.00
N MET D 279 49.85 -19.40 -6.52
CA MET D 279 49.06 -19.30 -5.30
C MET D 279 49.86 -18.70 -4.15
N ARG D 280 51.12 -19.10 -4.00
CA ARG D 280 51.96 -18.55 -2.95
C ARG D 280 52.34 -17.12 -3.25
N ALA D 281 52.57 -16.80 -4.52
CA ALA D 281 52.85 -15.42 -4.89
C ALA D 281 51.72 -14.51 -4.43
N ALA D 282 50.48 -14.90 -4.72
CA ALA D 282 49.31 -14.09 -4.39
C ALA D 282 49.18 -13.87 -2.89
N LEU D 283 49.41 -14.92 -2.09
CA LEU D 283 49.44 -14.72 -0.65
C LEU D 283 50.52 -13.71 -0.26
N GLU D 284 51.75 -13.96 -0.73
CA GLU D 284 52.88 -13.18 -0.29
C GLU D 284 52.81 -11.72 -0.71
N CYS D 285 51.98 -11.37 -1.69
CA CYS D 285 51.79 -9.96 -1.99
C CYS D 285 50.45 -9.42 -1.48
N ALA D 286 49.77 -10.15 -0.61
CA ALA D 286 48.66 -9.57 0.11
C ALA D 286 49.16 -8.63 1.21
N HIS D 287 48.27 -7.74 1.65
CA HIS D 287 48.67 -6.67 2.54
C HIS D 287 49.14 -7.19 3.90
N ARG D 288 50.25 -6.63 4.37
CA ARG D 288 50.70 -6.84 5.74
C ARG D 288 49.60 -6.48 6.73
N GLY D 289 49.48 -7.26 7.78
CA GLY D 289 48.51 -6.99 8.83
C GLY D 289 47.10 -7.51 8.66
N TRP D 290 46.52 -7.31 7.47
CA TRP D 290 45.13 -7.70 7.26
C TRP D 290 44.83 -8.29 5.89
N GLY D 291 45.82 -8.43 5.00
CA GLY D 291 45.53 -8.77 3.62
C GLY D 291 44.99 -10.19 3.44
N THR D 292 44.09 -10.35 2.47
CA THR D 292 43.43 -11.62 2.20
C THR D 292 43.87 -12.17 0.86
N SER D 293 44.24 -13.44 0.84
CA SER D 293 44.46 -14.16 -0.42
C SER D 293 43.42 -15.26 -0.53
N VAL D 294 42.81 -15.37 -1.70
CA VAL D 294 41.72 -16.31 -1.92
C VAL D 294 42.08 -17.19 -3.11
N ILE D 295 42.36 -18.46 -2.82
CA ILE D 295 42.58 -19.45 -3.86
C ILE D 295 41.26 -19.74 -4.56
N VAL D 296 41.19 -19.45 -5.85
CA VAL D 296 40.01 -19.76 -6.64
C VAL D 296 40.23 -20.97 -7.52
N GLY D 297 41.32 -20.98 -8.27
CA GLY D 297 41.59 -22.07 -9.19
C GLY D 297 41.90 -23.38 -8.50
N VAL D 298 41.67 -24.47 -9.22
CA VAL D 298 41.84 -25.82 -8.70
C VAL D 298 43.21 -26.33 -9.11
N ALA D 299 43.99 -26.80 -8.15
CA ALA D 299 45.30 -27.31 -8.49
C ALA D 299 45.23 -28.82 -8.77
N ALA D 300 46.27 -29.32 -9.44
CA ALA D 300 46.35 -30.73 -9.78
C ALA D 300 46.39 -31.60 -8.52
N ALA D 301 46.15 -32.90 -8.73
CA ALA D 301 46.20 -33.84 -7.61
C ALA D 301 47.59 -33.85 -6.99
N GLY D 302 47.63 -33.92 -5.66
CA GLY D 302 48.90 -34.05 -4.96
C GLY D 302 49.87 -32.89 -5.12
N GLN D 303 49.42 -31.74 -5.59
CA GLN D 303 50.26 -30.55 -5.52
C GLN D 303 49.93 -29.78 -4.25
N GLU D 304 50.87 -28.97 -3.81
CA GLU D 304 50.76 -28.37 -2.49
C GLU D 304 51.17 -26.90 -2.52
N ILE D 305 50.53 -26.12 -1.67
CA ILE D 305 50.87 -24.71 -1.45
C ILE D 305 51.84 -24.62 -0.29
N SER D 306 52.83 -23.74 -0.41
CA SER D 306 53.77 -23.55 0.68
C SER D 306 54.16 -22.10 0.80
N THR D 307 54.26 -21.62 2.05
CA THR D 307 54.87 -20.33 2.37
C THR D 307 55.52 -20.47 3.74
N ARG D 308 56.14 -19.36 4.20
CA ARG D 308 56.71 -19.33 5.56
C ARG D 308 55.73 -18.68 6.52
N PRO D 309 55.51 -19.28 7.69
CA PRO D 309 54.37 -18.88 8.53
C PRO D 309 54.50 -17.48 9.10
N PHE D 310 55.67 -16.86 8.98
CA PHE D 310 55.77 -15.43 9.24
C PHE D 310 54.76 -14.64 8.41
N GLN D 311 54.40 -15.13 7.22
CA GLN D 311 53.43 -14.40 6.39
C GLN D 311 52.07 -14.36 7.06
N LEU D 312 51.67 -15.48 7.67
CA LEU D 312 50.39 -15.55 8.38
C LEU D 312 50.45 -14.81 9.71
N VAL D 313 51.61 -14.81 10.38
CA VAL D 313 51.76 -14.13 11.66
C VAL D 313 51.67 -12.62 11.46
N THR D 314 52.29 -12.11 10.42
CA THR D 314 52.24 -10.68 10.20
C THR D 314 50.90 -10.29 9.57
N GLY D 315 49.85 -11.10 9.77
CA GLY D 315 48.48 -10.67 9.58
C GLY D 315 47.78 -11.08 8.30
N ARG D 316 48.47 -11.65 7.32
CA ARG D 316 47.78 -12.09 6.12
C ARG D 316 46.95 -13.34 6.41
N ARG D 317 45.80 -13.44 5.74
CA ARG D 317 44.90 -14.59 5.80
C ARG D 317 44.85 -15.30 4.45
N TRP D 318 44.66 -16.62 4.51
CA TRP D 318 44.63 -17.50 3.34
C TRP D 318 43.31 -18.25 3.30
N MET D 319 42.55 -18.08 2.22
CA MET D 319 41.29 -18.79 2.07
C MET D 319 41.18 -19.40 0.68
N GLY D 320 40.08 -20.14 0.48
CA GLY D 320 39.69 -20.61 -0.83
C GLY D 320 38.19 -20.44 -1.03
N THR D 321 37.73 -20.87 -2.20
CA THR D 321 36.30 -20.79 -2.51
C THR D 321 35.92 -21.96 -3.41
N ALA D 322 34.65 -22.36 -3.30
CA ALA D 322 34.07 -23.34 -4.21
C ALA D 322 32.74 -22.80 -4.70
N PHE D 323 32.62 -22.66 -6.01
CA PHE D 323 31.43 -22.06 -6.60
C PHE D 323 31.22 -20.64 -6.07
N GLY D 324 32.33 -19.96 -5.76
CA GLY D 324 32.29 -18.62 -5.21
C GLY D 324 31.52 -18.50 -3.91
N GLY D 325 31.21 -19.63 -3.26
CA GLY D 325 30.49 -19.58 -2.01
C GLY D 325 29.02 -19.32 -2.15
N TYR D 326 28.49 -19.41 -3.37
CA TYR D 326 27.07 -19.21 -3.60
C TYR D 326 26.30 -20.42 -3.10
N LYS D 327 25.22 -20.17 -2.36
CA LYS D 327 24.30 -21.23 -1.99
C LYS D 327 23.37 -21.48 -3.17
N SER D 328 23.66 -22.53 -3.92
CA SER D 328 23.33 -22.58 -5.35
C SER D 328 21.84 -22.43 -5.60
N ARG D 329 21.00 -23.27 -4.97
CA ARG D 329 19.60 -23.28 -5.37
C ARG D 329 18.91 -21.96 -5.11
N VAL D 330 19.37 -21.21 -4.09
CA VAL D 330 18.68 -19.99 -3.69
C VAL D 330 19.38 -18.74 -4.17
N GLN D 331 20.62 -18.84 -4.66
CA GLN D 331 21.37 -17.66 -5.08
C GLN D 331 21.62 -17.58 -6.58
N VAL D 332 21.71 -18.72 -7.26
CA VAL D 332 21.76 -18.70 -8.72
C VAL D 332 20.61 -17.92 -9.33
N PRO D 333 19.35 -18.04 -8.87
CA PRO D 333 18.32 -17.18 -9.45
C PRO D 333 18.62 -15.71 -9.27
N ASP D 334 19.13 -15.32 -8.10
CA ASP D 334 19.50 -13.92 -7.90
C ASP D 334 20.56 -13.51 -8.90
N LEU D 335 21.44 -14.42 -9.30
CA LEU D 335 22.45 -14.06 -10.30
C LEU D 335 21.84 -13.93 -11.68
N VAL D 336 20.83 -14.74 -11.99
CA VAL D 336 20.18 -14.60 -13.28
C VAL D 336 19.45 -13.28 -13.36
N THR D 337 18.78 -12.91 -12.28
CA THR D 337 18.15 -11.60 -12.23
C THR D 337 19.18 -10.49 -12.42
N ASP D 338 20.37 -10.63 -11.83
CA ASP D 338 21.40 -9.63 -12.03
C ASP D 338 21.73 -9.47 -13.51
N TYR D 339 22.01 -10.58 -14.19
CA TYR D 339 22.26 -10.52 -15.63
C TYR D 339 21.14 -9.79 -16.38
N MET D 340 19.88 -10.04 -16.00
CA MET D 340 18.77 -9.40 -16.68
C MET D 340 18.79 -7.90 -16.46
N SER D 341 19.33 -7.47 -15.33
CA SER D 341 19.27 -6.06 -14.98
C SER D 341 20.23 -5.22 -15.78
N GLY D 342 20.93 -5.82 -16.76
CA GLY D 342 21.96 -5.16 -17.55
C GLY D 342 23.18 -4.70 -16.79
N ALA D 343 23.37 -5.19 -15.56
CA ALA D 343 24.43 -4.72 -14.69
C ALA D 343 25.73 -5.54 -14.76
N THR D 344 25.79 -6.58 -15.61
CA THR D 344 26.93 -7.50 -15.65
C THR D 344 27.51 -7.57 -17.06
N LEU D 345 28.60 -8.30 -17.20
CA LEU D 345 29.28 -8.46 -18.49
C LEU D 345 29.18 -9.88 -19.03
N LEU D 346 28.16 -10.61 -18.60
CA LEU D 346 28.02 -12.01 -18.99
C LEU D 346 28.14 -12.19 -20.51
N ASP D 347 27.56 -11.26 -21.28
CA ASP D 347 27.52 -11.42 -22.73
C ASP D 347 28.92 -11.51 -23.36
N LYS D 348 29.95 -10.96 -22.71
CA LYS D 348 31.29 -10.90 -23.28
C LYS D 348 32.19 -12.08 -22.91
N TYR D 349 31.73 -12.97 -22.01
CA TYR D 349 32.45 -14.22 -21.75
C TYR D 349 32.25 -15.25 -22.86
N ILE D 350 31.16 -15.13 -23.61
CA ILE D 350 30.87 -16.07 -24.67
C ILE D 350 31.63 -15.61 -25.91
N THR D 351 32.60 -16.41 -26.34
CA THR D 351 33.42 -16.08 -27.49
C THR D 351 32.99 -16.84 -28.73
N HIS D 352 32.72 -18.13 -28.63
CA HIS D 352 32.27 -18.90 -29.77
C HIS D 352 30.93 -19.54 -29.45
N ASN D 353 30.05 -19.58 -30.45
CA ASN D 353 28.80 -20.31 -30.36
C ASN D 353 28.79 -21.38 -31.45
N MET D 354 28.44 -22.60 -31.06
CA MET D 354 28.63 -23.75 -31.93
C MET D 354 27.43 -24.66 -31.81
N LYS D 355 27.31 -25.58 -32.77
CA LYS D 355 26.34 -26.66 -32.73
C LYS D 355 26.91 -27.82 -31.96
N PHE D 356 26.03 -28.53 -31.24
CA PHE D 356 26.46 -29.62 -30.39
C PHE D 356 27.24 -30.68 -31.17
N ASP D 357 26.88 -30.92 -32.43
CA ASP D 357 27.61 -31.89 -33.27
C ASP D 357 29.10 -31.56 -33.38
N GLN D 358 29.48 -30.33 -33.06
CA GLN D 358 30.86 -29.88 -33.15
C GLN D 358 31.59 -29.96 -31.80
N ILE D 359 31.04 -30.68 -30.82
CA ILE D 359 31.61 -30.63 -29.48
C ILE D 359 33.07 -31.05 -29.46
N ASN D 360 33.45 -32.02 -30.31
CA ASN D 360 34.85 -32.40 -30.32
C ASN D 360 35.71 -31.27 -30.89
N GLU D 361 35.19 -30.56 -31.89
CA GLU D 361 35.88 -29.36 -32.38
C GLU D 361 36.05 -28.36 -31.24
N ALA D 362 34.94 -28.01 -30.57
CA ALA D 362 34.96 -27.03 -29.48
C ALA D 362 35.94 -27.42 -28.37
N PHE D 363 36.22 -28.72 -28.21
CA PHE D 363 37.23 -29.10 -27.23
C PHE D 363 38.64 -28.80 -27.72
N GLU D 364 38.86 -28.85 -29.04
CA GLU D 364 40.15 -28.47 -29.62
C GLU D 364 40.40 -26.97 -29.49
N LEU D 365 39.33 -26.16 -29.49
CA LEU D 365 39.47 -24.73 -29.28
C LEU D 365 39.76 -24.39 -27.83
N LEU D 366 39.32 -25.22 -26.89
CA LEU D 366 39.58 -24.93 -25.48
C LEU D 366 41.07 -25.03 -25.18
N HIS D 367 41.72 -26.12 -25.61
CA HIS D 367 43.12 -26.31 -25.27
C HIS D 367 44.01 -25.34 -26.03
N ALA D 368 43.56 -24.89 -27.20
CA ALA D 368 44.28 -23.86 -27.95
C ALA D 368 44.38 -22.55 -27.17
N GLY D 369 43.41 -22.26 -26.30
CA GLY D 369 43.57 -21.25 -25.28
C GLY D 369 43.05 -19.87 -25.61
N GLU D 370 42.58 -19.62 -26.83
CA GLU D 370 41.96 -18.34 -27.12
C GLU D 370 40.43 -18.44 -27.08
N CYS D 371 39.92 -19.54 -26.54
CA CYS D 371 38.55 -19.64 -26.03
C CYS D 371 38.42 -18.95 -24.67
N LEU D 372 37.28 -18.31 -24.43
CA LEU D 372 36.90 -17.91 -23.09
C LEU D 372 35.89 -18.91 -22.53
N ARG D 373 34.70 -18.87 -23.12
CA ARG D 373 33.63 -19.84 -22.93
C ARG D 373 32.98 -20.03 -24.28
N CYS D 374 32.88 -21.27 -24.76
CA CYS D 374 32.16 -21.55 -25.99
C CYS D 374 30.83 -22.21 -25.66
N VAL D 375 29.73 -21.62 -26.13
CA VAL D 375 28.39 -22.11 -25.82
C VAL D 375 27.85 -22.93 -27.00
N LEU D 376 27.47 -24.18 -26.73
CA LEU D 376 26.85 -25.08 -27.69
C LEU D 376 25.34 -25.06 -27.54
N THR D 377 24.65 -25.15 -28.67
CA THR D 377 23.22 -25.46 -28.67
C THR D 377 22.97 -26.68 -29.57
N PHE D 378 21.77 -27.23 -29.43
CA PHE D 378 21.44 -28.42 -30.19
C PHE D 378 20.83 -28.10 -31.58
N ALA E 5 63.43 12.29 41.37
CA ALA E 5 64.87 12.48 41.35
C ALA E 5 65.50 11.79 40.12
N GLY E 6 66.74 11.31 40.27
CA GLY E 6 67.39 10.47 39.28
C GLY E 6 67.88 11.14 38.00
N LYS E 7 68.94 10.54 37.40
CA LYS E 7 69.56 10.77 36.09
C LYS E 7 70.90 10.01 36.03
N PRO E 8 71.62 9.93 34.83
CA PRO E 8 72.45 8.76 34.51
C PRO E 8 72.64 7.67 35.57
N ILE E 9 71.61 6.81 35.76
CA ILE E 9 71.60 5.82 36.84
C ILE E 9 72.56 4.66 36.55
N GLU E 10 73.03 4.03 37.64
CA GLU E 10 73.77 2.77 37.59
C GLU E 10 73.04 1.72 38.41
N CYS E 11 73.00 0.50 37.88
CA CYS E 11 71.98 -0.48 38.21
C CYS E 11 72.45 -1.90 37.96
N LYS E 12 71.84 -2.82 38.69
CA LYS E 12 72.15 -4.24 38.60
C LYS E 12 71.36 -4.85 37.44
N ALA E 13 72.09 -5.40 36.46
CA ALA E 13 71.47 -5.96 35.27
C ALA E 13 71.95 -7.38 35.00
N ALA E 14 71.54 -7.96 33.87
CA ALA E 14 71.94 -9.31 33.46
C ALA E 14 72.29 -9.25 31.97
N ILE E 15 73.58 -9.30 31.67
CA ILE E 15 74.10 -8.92 30.36
C ILE E 15 74.48 -10.15 29.54
N ALA E 16 74.16 -10.09 28.25
CA ALA E 16 74.59 -11.07 27.27
C ALA E 16 75.76 -10.50 26.48
N TRP E 17 76.92 -11.14 26.60
CA TRP E 17 78.11 -10.68 25.88
C TRP E 17 78.24 -11.31 24.50
N GLU E 18 77.82 -12.57 24.38
CA GLU E 18 77.89 -13.31 23.13
C GLU E 18 76.83 -14.40 23.20
N ALA E 19 76.70 -15.15 22.11
CA ALA E 19 75.71 -16.21 22.04
C ALA E 19 76.12 -17.40 22.93
N LYS E 20 75.11 -18.03 23.51
CA LYS E 20 75.20 -19.38 24.11
C LYS E 20 75.89 -19.40 25.46
N LYS E 21 76.63 -18.33 25.81
CA LYS E 21 77.33 -18.37 27.09
C LYS E 21 76.57 -17.57 28.15
N PRO E 22 76.74 -17.92 29.43
CA PRO E 22 75.83 -17.44 30.48
C PRO E 22 75.75 -15.92 30.57
N LEU E 23 74.81 -15.49 31.40
CA LEU E 23 74.58 -14.08 31.67
C LEU E 23 75.46 -13.63 32.83
N GLU E 24 76.01 -12.43 32.71
CA GLU E 24 76.80 -11.83 33.78
C GLU E 24 75.91 -10.83 34.55
N VAL E 25 75.27 -11.33 35.61
CA VAL E 25 74.66 -10.45 36.60
C VAL E 25 75.76 -9.52 37.11
N ARG E 26 75.63 -8.25 36.79
CA ARG E 26 76.64 -7.25 37.13
C ARG E 26 76.02 -5.90 36.85
N THR E 27 76.70 -4.86 37.32
CA THR E 27 76.12 -3.53 37.39
C THR E 27 76.55 -2.71 36.17
N VAL E 28 75.57 -2.07 35.50
CA VAL E 28 75.79 -1.30 34.28
C VAL E 28 75.25 0.12 34.49
N THR E 29 75.60 1.00 33.56
CA THR E 29 75.13 2.39 33.51
C THR E 29 74.11 2.55 32.39
N VAL E 30 72.90 2.99 32.73
CA VAL E 30 71.90 3.32 31.73
C VAL E 30 71.61 4.82 31.77
N ALA E 31 71.71 5.47 30.60
CA ALA E 31 71.58 6.89 30.34
C ALA E 31 70.24 7.45 30.82
N PRO E 32 69.98 8.75 30.68
CA PRO E 32 68.66 9.30 31.06
C PRO E 32 67.70 9.36 29.88
N PRO E 33 66.39 9.42 30.14
CA PRO E 33 65.41 9.32 29.04
C PRO E 33 65.50 10.51 28.10
N GLY E 34 65.86 10.24 26.84
CA GLY E 34 65.82 11.23 25.80
C GLY E 34 64.40 11.60 25.39
N PRO E 35 64.25 12.21 24.21
CA PRO E 35 62.94 12.72 23.78
C PRO E 35 61.99 11.60 23.40
N GLY E 36 60.77 11.67 23.91
CA GLY E 36 59.79 10.62 23.63
C GLY E 36 60.12 9.28 24.24
N GLU E 37 60.94 9.28 25.30
CA GLU E 37 61.46 8.08 25.94
C GLU E 37 61.01 8.03 27.39
N VAL E 38 60.86 6.83 27.93
CA VAL E 38 60.43 6.62 29.31
C VAL E 38 61.37 5.63 29.98
N ARG E 39 61.84 5.97 31.17
CA ARG E 39 62.72 5.12 31.96
C ARG E 39 61.93 4.50 33.11
N VAL E 40 62.02 3.18 33.23
CA VAL E 40 61.15 2.42 34.13
C VAL E 40 61.98 1.59 35.10
N GLN E 41 61.58 1.58 36.38
CA GLN E 41 62.06 0.56 37.31
C GLN E 41 61.25 -0.71 37.15
N ILE E 42 61.94 -1.84 37.08
CA ILE E 42 61.28 -3.13 36.94
C ILE E 42 61.10 -3.72 38.33
N LYS E 43 59.86 -3.91 38.73
CA LYS E 43 59.56 -4.59 39.98
C LYS E 43 59.37 -6.09 39.83
N ALA E 44 59.39 -6.61 38.59
CA ALA E 44 59.15 -8.02 38.32
C ALA E 44 59.40 -8.36 36.84
N THR E 45 59.72 -9.62 36.56
CA THR E 45 60.16 -9.99 35.21
C THR E 45 60.02 -11.50 35.04
N ALA E 46 59.57 -11.91 33.86
CA ALA E 46 59.61 -13.31 33.51
C ALA E 46 60.54 -13.54 32.31
N LEU E 47 60.78 -14.81 32.02
CA LEU E 47 61.53 -15.25 30.86
C LEU E 47 60.63 -16.11 29.99
N CYS E 48 60.97 -16.17 28.71
CA CYS E 48 60.27 -17.06 27.80
C CYS E 48 61.21 -17.47 26.68
N GLN E 49 60.76 -18.44 25.89
CA GLN E 49 61.55 -18.99 24.79
C GLN E 49 61.96 -17.93 23.77
N THR E 50 61.30 -16.77 23.75
CA THR E 50 61.76 -15.68 22.89
C THR E 50 63.10 -15.14 23.38
N ASP E 51 63.25 -14.97 24.69
CA ASP E 51 64.54 -14.64 25.27
C ASP E 51 65.57 -15.73 24.97
N ALA E 52 65.21 -16.99 25.23
CA ALA E 52 66.17 -18.07 25.05
C ALA E 52 66.66 -18.14 23.61
N TYR E 53 65.73 -18.05 22.64
CA TYR E 53 66.10 -18.23 21.24
C TYR E 53 67.11 -17.19 20.78
N THR E 54 67.05 -15.98 21.33
CA THR E 54 67.97 -14.93 20.89
C THR E 54 69.38 -15.19 21.41
N LEU E 55 69.51 -15.42 22.72
CA LEU E 55 70.79 -15.79 23.31
C LEU E 55 71.12 -17.27 23.08
N GLY E 56 70.16 -18.09 22.65
CA GLY E 56 70.53 -19.36 22.06
C GLY E 56 71.38 -19.22 20.80
N GLY E 57 71.59 -17.98 20.33
CA GLY E 57 72.45 -17.68 19.22
C GLY E 57 71.82 -17.81 17.85
N LEU E 58 70.79 -18.66 17.71
CA LEU E 58 70.29 -19.05 16.41
C LEU E 58 69.14 -18.17 15.94
N ASP E 59 69.01 -16.95 16.49
CA ASP E 59 68.08 -15.95 15.96
C ASP E 59 68.85 -14.97 15.09
N PRO E 60 68.52 -14.86 13.80
CA PRO E 60 69.23 -13.91 12.93
C PRO E 60 69.13 -12.46 13.38
N GLU E 61 68.31 -12.16 14.40
CA GLU E 61 68.17 -10.80 14.90
C GLU E 61 69.33 -10.39 15.80
N GLY E 62 69.82 -11.33 16.61
CA GLY E 62 70.76 -11.09 17.71
C GLY E 62 71.84 -10.06 17.48
N ARG E 63 71.94 -9.08 18.38
CA ARG E 63 72.97 -8.05 18.32
C ARG E 63 73.60 -7.95 19.71
N PHE E 64 74.77 -8.64 19.91
CA PHE E 64 75.43 -8.63 21.21
C PHE E 64 76.56 -7.60 21.24
N PRO E 65 76.81 -6.97 22.41
CA PRO E 65 76.18 -7.22 23.71
C PRO E 65 74.83 -6.53 23.89
N CYS E 66 73.95 -7.10 24.71
CA CYS E 66 72.58 -6.59 24.82
C CYS E 66 71.97 -7.01 26.16
N ILE E 67 70.82 -6.42 26.47
CA ILE E 67 70.04 -6.74 27.66
C ILE E 67 68.71 -7.31 27.21
N LEU E 68 68.49 -8.60 27.45
CA LEU E 68 67.27 -9.22 26.98
C LEU E 68 66.10 -8.98 27.93
N GLY E 69 65.11 -9.87 27.92
CA GLY E 69 63.92 -9.74 28.74
C GLY E 69 62.89 -8.84 28.10
N HIS E 70 61.60 -9.17 28.25
CA HIS E 70 60.58 -8.29 27.67
C HIS E 70 59.23 -8.43 28.37
N GLU E 71 59.03 -9.49 29.17
CA GLU E 71 57.79 -9.66 29.91
C GLU E 71 57.94 -9.07 31.31
N ALA E 72 57.70 -7.76 31.44
CA ALA E 72 57.86 -7.11 32.73
C ALA E 72 56.65 -6.28 33.17
N ALA E 73 56.85 -5.55 34.27
CA ALA E 73 55.90 -4.60 34.83
C ALA E 73 56.61 -3.81 35.92
N GLY E 74 56.73 -2.49 35.73
CA GLY E 74 57.41 -1.64 36.69
C GLY E 74 56.80 -0.27 36.96
N VAL E 75 57.63 0.72 37.26
CA VAL E 75 57.15 2.03 37.70
C VAL E 75 57.99 3.12 37.03
N VAL E 76 57.32 4.15 36.52
CA VAL E 76 58.03 5.27 35.91
C VAL E 76 58.83 6.00 36.98
N GLU E 77 60.08 6.32 36.67
CA GLU E 77 60.88 7.22 37.48
C GLU E 77 61.16 8.54 36.77
N SER E 78 61.41 8.53 35.47
CA SER E 78 61.68 9.72 34.67
C SER E 78 60.89 9.65 33.38
N VAL E 79 60.76 10.80 32.71
CA VAL E 79 60.25 10.89 31.35
C VAL E 79 61.06 11.95 30.61
N GLY E 80 61.52 11.61 29.41
CA GLY E 80 62.27 12.56 28.61
C GLY E 80 61.45 13.76 28.16
N GLU E 81 61.82 14.36 27.05
CA GLU E 81 61.02 15.44 26.51
C GLU E 81 59.67 14.91 26.03
N GLY E 82 58.63 15.72 26.19
CA GLY E 82 57.38 15.54 25.47
C GLY E 82 56.43 14.48 26.01
N VAL E 83 56.95 13.55 26.79
CA VAL E 83 56.13 12.43 27.21
C VAL E 83 55.13 12.90 28.24
N THR E 84 53.90 13.12 27.78
CA THR E 84 52.80 13.39 28.70
C THR E 84 51.91 12.16 28.94
N SER E 85 52.09 11.10 28.15
CA SER E 85 51.25 9.91 28.32
C SER E 85 51.35 9.36 29.73
N VAL E 86 52.51 9.51 30.37
CA VAL E 86 52.73 9.07 31.74
C VAL E 86 53.60 10.09 32.49
N LYS E 87 53.32 10.20 33.78
CA LYS E 87 54.12 10.96 34.72
C LYS E 87 54.87 9.98 35.65
N PRO E 88 56.00 10.40 36.22
CA PRO E 88 56.70 9.54 37.18
C PRO E 88 55.77 9.08 38.30
N GLY E 89 55.82 7.79 38.60
CA GLY E 89 54.99 7.15 39.60
C GLY E 89 54.03 6.11 39.06
N ASP E 90 53.72 6.16 37.77
CA ASP E 90 52.68 5.29 37.23
C ASP E 90 53.22 3.87 37.03
N HIS E 91 52.36 2.89 37.33
CA HIS E 91 52.69 1.49 37.03
C HIS E 91 52.55 1.25 35.54
N VAL E 92 53.60 0.71 34.92
CA VAL E 92 53.56 0.45 33.50
C VAL E 92 53.84 -1.04 33.24
N ILE E 93 53.44 -1.46 32.05
CA ILE E 93 53.96 -2.66 31.40
C ILE E 93 54.61 -2.19 30.11
N PRO E 94 55.91 -2.44 29.88
CA PRO E 94 56.47 -2.18 28.56
C PRO E 94 56.21 -3.35 27.63
N CYS E 95 55.71 -3.06 26.43
CA CYS E 95 55.40 -4.08 25.43
C CYS E 95 56.35 -3.96 24.26
N TYR E 96 56.87 -5.11 23.79
CA TYR E 96 57.64 -5.12 22.57
C TYR E 96 56.82 -4.72 21.35
N GLN E 97 55.50 -4.70 21.46
CA GLN E 97 54.60 -4.30 20.38
C GLN E 97 54.11 -2.87 20.63
N ALA E 98 54.64 -1.91 19.88
CA ALA E 98 54.33 -0.50 20.10
C ALA E 98 52.89 -0.18 19.68
N TYR E 99 52.48 1.05 19.96
CA TYR E 99 51.21 1.61 19.51
C TYR E 99 51.39 3.11 19.33
N CYS E 100 51.14 3.63 18.12
CA CYS E 100 51.24 5.06 17.91
C CYS E 100 49.89 5.75 17.81
N GLY E 101 48.82 5.02 17.50
CA GLY E 101 47.51 5.59 17.29
C GLY E 101 47.21 6.06 15.88
N GLU E 102 48.24 6.34 15.06
CA GLU E 102 48.07 7.05 13.81
C GLU E 102 48.75 6.44 12.59
N CYS E 103 49.24 5.21 12.66
CA CYS E 103 49.77 4.54 11.47
C CYS E 103 48.66 3.72 10.81
N LYS E 104 48.88 3.34 9.55
CA LYS E 104 47.92 2.50 8.83
C LYS E 104 47.47 1.30 9.66
N PHE E 105 48.40 0.78 10.49
CA PHE E 105 48.25 -0.49 11.21
C PHE E 105 47.61 -0.30 12.58
N CYS E 106 47.94 0.79 13.27
CA CYS E 106 47.21 1.11 14.49
C CYS E 106 45.78 1.55 14.21
N LYS E 107 45.57 2.22 13.08
CA LYS E 107 44.22 2.65 12.69
C LYS E 107 43.35 1.45 12.32
N HIS E 108 43.91 0.49 11.59
CA HIS E 108 43.12 -0.61 11.09
C HIS E 108 42.62 -1.47 12.24
N PRO E 109 41.33 -1.82 12.27
CA PRO E 109 40.82 -2.65 13.37
C PRO E 109 41.40 -4.07 13.47
N GLU E 110 41.93 -4.64 12.39
CA GLU E 110 42.33 -6.04 12.36
C GLU E 110 43.85 -6.20 12.32
N SER E 111 44.58 -5.34 13.02
CA SER E 111 46.03 -5.44 13.04
C SER E 111 46.58 -4.59 14.17
N ASN E 112 47.73 -5.02 14.70
CA ASN E 112 48.40 -4.27 15.77
C ASN E 112 49.87 -4.06 15.44
N LEU E 113 50.24 -4.24 14.18
CA LEU E 113 51.63 -4.23 13.73
C LEU E 113 52.13 -2.80 13.52
N CYS E 114 52.17 -2.05 14.61
CA CYS E 114 52.67 -0.68 14.57
C CYS E 114 54.07 -0.61 13.98
N VAL E 115 54.33 0.44 13.22
CA VAL E 115 55.61 0.64 12.55
C VAL E 115 56.16 2.00 12.95
N SER E 116 55.92 2.40 14.19
CA SER E 116 56.36 3.71 14.63
C SER E 116 57.83 3.73 15.02
N VAL E 117 58.33 2.62 15.56
CA VAL E 117 59.67 2.56 16.13
C VAL E 117 60.34 1.23 15.82
N ARG E 118 59.57 0.31 15.22
CA ARG E 118 60.08 -1.04 14.96
C ARG E 118 61.39 -1.02 14.22
N ALA E 119 61.57 -0.05 13.31
CA ALA E 119 62.82 0.11 12.59
C ALA E 119 64.01 0.32 13.53
N PHE E 120 63.76 0.60 14.80
CA PHE E 120 64.81 0.92 15.75
C PHE E 120 64.91 -0.06 16.90
N THR E 121 63.79 -0.46 17.51
CA THR E 121 63.82 -1.52 18.50
C THR E 121 64.47 -2.79 17.96
N GLY E 122 64.26 -3.07 16.67
CA GLY E 122 64.80 -4.28 16.07
C GLY E 122 66.29 -4.25 15.82
N LYS E 123 66.90 -3.06 15.78
CA LYS E 123 68.34 -2.90 15.69
C LYS E 123 68.96 -2.51 17.03
N GLY E 124 68.22 -2.71 18.12
CA GLY E 124 68.74 -2.56 19.45
C GLY E 124 68.87 -1.15 19.95
N VAL E 125 68.57 -0.14 19.13
CA VAL E 125 68.81 1.25 19.50
C VAL E 125 67.49 1.96 19.80
N MET E 126 67.56 3.26 20.04
CA MET E 126 66.39 4.11 20.25
C MET E 126 66.22 5.04 19.05
N LYS E 127 64.97 5.42 18.79
CA LYS E 127 64.63 6.17 17.59
C LYS E 127 65.28 7.54 17.55
N SER E 128 65.48 8.16 18.72
CA SER E 128 65.91 9.56 18.78
C SER E 128 67.28 9.78 18.16
N ASP E 129 68.27 8.91 18.47
CA ASP E 129 69.66 9.15 18.10
C ASP E 129 70.39 7.94 17.53
N GLY E 130 69.75 6.80 17.37
CA GLY E 130 70.42 5.64 16.80
C GLY E 130 71.39 4.95 17.73
N LYS E 131 71.38 5.30 19.02
CA LYS E 131 72.29 4.76 20.03
C LYS E 131 71.49 4.09 21.15
N PRO E 132 72.12 3.22 21.93
CA PRO E 132 71.40 2.62 23.06
C PRO E 132 71.51 3.49 24.32
N ARG E 133 70.92 3.02 25.42
CA ARG E 133 71.03 3.70 26.70
C ARG E 133 71.95 3.00 27.69
N PHE E 134 72.26 1.73 27.46
CA PHE E 134 73.15 0.97 28.35
C PHE E 134 74.61 1.11 27.93
N THR E 135 75.51 1.04 28.93
CA THR E 135 76.95 1.26 28.72
C THR E 135 77.72 0.74 29.94
N VAL E 136 78.60 -0.26 29.74
CA VAL E 136 79.58 -0.68 30.75
C VAL E 136 80.94 -0.04 30.43
N ASP E 137 81.55 0.61 31.42
CA ASP E 137 82.89 1.21 31.29
C ASP E 137 82.99 2.14 30.08
N GLY E 138 81.86 2.71 29.64
CA GLY E 138 81.86 3.69 28.57
C GLY E 138 81.64 3.16 27.16
N LYS E 139 81.41 1.85 26.99
CA LYS E 139 81.19 1.21 25.69
C LYS E 139 79.77 0.65 25.59
N PRO E 140 79.18 0.64 24.38
CA PRO E 140 77.72 0.53 24.26
C PRO E 140 77.17 -0.88 24.52
N ILE E 141 75.95 -0.90 25.06
CA ILE E 141 75.18 -2.13 25.30
C ILE E 141 73.79 -1.98 24.71
N TYR E 142 73.40 -2.91 23.83
CA TYR E 142 72.24 -2.75 22.98
C TYR E 142 70.93 -3.25 23.63
N HIS E 143 69.82 -2.77 23.10
CA HIS E 143 68.50 -3.14 23.60
C HIS E 143 67.98 -4.38 22.89
N PHE E 144 67.00 -5.03 23.52
CA PHE E 144 66.39 -6.25 22.99
C PHE E 144 64.88 -6.07 22.97
N MET E 145 64.29 -6.17 21.77
CA MET E 145 62.84 -5.99 21.56
C MET E 145 62.35 -4.61 21.99
N GLY E 146 63.24 -3.61 22.05
CA GLY E 146 62.89 -2.26 22.46
C GLY E 146 62.50 -2.09 23.91
N THR E 147 62.35 -3.20 24.66
CA THR E 147 62.02 -3.20 26.09
C THR E 147 63.04 -4.11 26.76
N SER E 148 64.06 -3.53 27.38
CA SER E 148 65.12 -4.34 27.99
C SER E 148 64.77 -4.54 29.45
N THR E 149 64.37 -5.75 29.78
CA THR E 149 63.67 -5.98 31.03
C THR E 149 64.56 -6.62 32.10
N PHE E 150 65.73 -7.12 31.70
CA PHE E 150 66.76 -7.59 32.63
C PHE E 150 67.67 -6.42 33.03
N SER E 151 67.09 -5.55 33.88
CA SER E 151 67.76 -4.41 34.51
C SER E 151 66.79 -3.87 35.55
N GLU E 152 67.27 -3.27 36.64
CA GLU E 152 66.30 -2.59 37.51
C GLU E 152 65.71 -1.39 36.80
N TYR E 153 66.50 -0.71 35.97
CA TYR E 153 66.10 0.58 35.42
C TYR E 153 66.51 0.60 33.95
N THR E 154 65.49 0.63 33.06
CA THR E 154 65.64 0.57 31.60
C THR E 154 64.94 1.76 30.96
N VAL E 155 65.18 1.93 29.66
CA VAL E 155 64.52 2.99 28.90
C VAL E 155 63.90 2.40 27.65
N VAL E 156 62.68 2.88 27.33
CA VAL E 156 61.83 2.41 26.24
C VAL E 156 61.37 3.63 25.44
N HIS E 157 60.59 3.39 24.40
CA HIS E 157 59.91 4.47 23.70
C HIS E 157 58.57 4.79 24.36
N GLU E 158 58.09 6.02 24.11
CA GLU E 158 56.77 6.38 24.62
C GLU E 158 55.70 5.43 24.12
N GLN E 159 55.92 4.88 22.92
CA GLN E 159 54.93 4.10 22.20
C GLN E 159 54.77 2.71 22.76
N SER E 160 55.59 2.30 23.75
CA SER E 160 55.58 0.93 24.22
C SER E 160 55.21 0.82 25.70
N VAL E 161 54.66 1.88 26.29
CA VAL E 161 54.43 1.99 27.72
C VAL E 161 52.92 2.01 27.97
N ALA E 162 52.36 0.89 28.39
CA ALA E 162 50.94 0.83 28.74
C ALA E 162 50.76 1.19 30.21
N LYS E 163 50.13 2.32 30.49
CA LYS E 163 49.80 2.66 31.87
C LYS E 163 48.71 1.73 32.38
N ILE E 164 48.79 1.32 33.65
CA ILE E 164 47.88 0.34 34.20
C ILE E 164 47.41 0.75 35.58
N ASP E 165 46.45 -0.02 36.09
CA ASP E 165 45.97 0.13 37.47
C ASP E 165 47.12 0.01 38.46
N VAL E 166 47.20 0.95 39.39
CA VAL E 166 48.30 0.97 40.34
C VAL E 166 48.07 -0.02 41.47
N ASN E 167 46.83 -0.42 41.71
CA ASN E 167 46.51 -1.45 42.73
C ASN E 167 46.82 -2.88 42.28
N ALA E 168 47.30 -3.08 41.05
CA ALA E 168 47.49 -4.43 40.52
C ALA E 168 48.87 -4.97 40.89
N PRO E 169 48.95 -6.22 41.36
CA PRO E 169 50.24 -6.80 41.74
C PRO E 169 51.25 -6.80 40.60
N LEU E 170 52.19 -5.84 40.61
CA LEU E 170 53.21 -5.79 39.58
C LEU E 170 53.94 -7.10 39.36
N ASP E 171 53.89 -8.02 40.32
CA ASP E 171 54.52 -9.33 40.20
C ASP E 171 53.65 -10.34 39.48
N LYS E 172 52.46 -9.96 39.02
CA LYS E 172 51.60 -10.87 38.29
C LYS E 172 51.09 -10.34 36.95
N VAL E 173 51.07 -9.02 36.74
CA VAL E 173 50.65 -8.48 35.44
C VAL E 173 51.80 -8.33 34.45
N CYS E 174 53.01 -8.77 34.81
CA CYS E 174 54.11 -8.77 33.86
C CYS E 174 53.91 -9.83 32.78
N LEU E 175 53.12 -10.85 33.06
CA LEU E 175 52.80 -11.87 32.07
C LEU E 175 52.10 -11.27 30.86
N LEU E 176 51.42 -10.14 31.03
CA LEU E 176 50.62 -9.52 29.99
C LEU E 176 51.46 -8.80 28.96
N GLY E 177 52.75 -8.60 29.24
CA GLY E 177 53.67 -8.10 28.25
C GLY E 177 53.95 -9.06 27.12
N CYS E 178 53.56 -10.34 27.25
CA CYS E 178 53.78 -11.32 26.18
C CYS E 178 52.87 -12.53 26.21
N GLY E 179 53.27 -13.58 26.94
CA GLY E 179 52.78 -14.93 26.65
C GLY E 179 51.28 -15.12 26.87
N VAL E 180 50.76 -14.64 27.99
CA VAL E 180 49.36 -14.96 28.28
C VAL E 180 48.41 -14.09 27.47
N SER E 181 48.78 -12.82 27.19
CA SER E 181 47.97 -11.99 26.31
C SER E 181 47.88 -12.57 24.89
N THR E 182 48.99 -13.07 24.36
CA THR E 182 48.99 -13.63 23.01
C THR E 182 47.96 -14.75 22.88
N GLY E 183 47.97 -15.69 23.81
CA GLY E 183 47.05 -16.81 23.71
C GLY E 183 45.60 -16.41 23.90
N TRP E 184 45.35 -15.48 24.82
CA TRP E 184 44.01 -14.90 24.95
C TRP E 184 43.60 -14.22 23.65
N GLY E 185 44.42 -13.29 23.18
CA GLY E 185 44.10 -12.52 21.99
C GLY E 185 44.03 -13.33 20.71
N ALA E 186 44.65 -14.52 20.68
CA ALA E 186 44.47 -15.42 19.55
C ALA E 186 43.07 -15.98 19.50
N VAL E 187 42.35 -15.93 20.62
CA VAL E 187 40.95 -16.31 20.66
C VAL E 187 40.03 -15.12 20.49
N PHE E 188 40.23 -14.05 21.26
CA PHE E 188 39.27 -12.95 21.29
C PHE E 188 39.40 -11.99 20.11
N ASN E 189 40.57 -11.95 19.43
CA ASN E 189 40.82 -10.99 18.35
C ASN E 189 41.04 -11.62 17.00
N THR E 190 41.76 -12.74 16.92
CA THR E 190 42.15 -13.30 15.63
C THR E 190 41.11 -14.28 15.13
N ALA E 191 40.83 -15.32 15.91
CA ALA E 191 39.77 -16.26 15.57
C ALA E 191 38.39 -15.71 15.90
N LYS E 192 38.29 -14.85 16.93
CA LYS E 192 37.03 -14.35 17.47
C LYS E 192 36.09 -15.51 17.77
N VAL E 193 36.53 -16.39 18.66
CA VAL E 193 35.78 -17.62 18.92
C VAL E 193 34.39 -17.26 19.39
N THR E 194 33.40 -17.97 18.84
CA THR E 194 31.99 -17.81 19.16
C THR E 194 31.55 -18.90 20.14
N ALA E 195 30.54 -18.58 20.93
CA ALA E 195 30.03 -19.55 21.89
C ALA E 195 29.56 -20.81 21.18
N GLY E 196 29.64 -21.93 21.89
CA GLY E 196 29.25 -23.22 21.33
C GLY E 196 30.29 -23.85 20.42
N SER E 197 31.38 -23.14 20.11
CA SER E 197 32.36 -23.61 19.16
C SER E 197 33.06 -24.87 19.67
N THR E 198 33.83 -25.48 18.78
CA THR E 198 34.72 -26.57 19.15
C THR E 198 36.14 -26.16 18.78
N VAL E 199 37.00 -26.13 19.79
CA VAL E 199 38.37 -25.64 19.69
C VAL E 199 39.35 -26.81 19.83
N ALA E 200 40.40 -26.83 19.00
CA ALA E 200 41.56 -27.69 19.21
C ALA E 200 42.79 -26.83 19.47
N VAL E 201 43.62 -27.26 20.43
CA VAL E 201 44.78 -26.50 20.86
C VAL E 201 46.00 -27.42 20.89
N PHE E 202 47.03 -27.03 20.14
CA PHE E 202 48.27 -27.80 19.97
C PHE E 202 49.39 -27.08 20.70
N GLY E 203 50.02 -27.79 21.64
CA GLY E 203 51.03 -27.16 22.46
C GLY E 203 50.46 -26.54 23.72
N LEU E 204 50.58 -27.26 24.84
CA LEU E 204 50.01 -26.83 26.12
C LEU E 204 51.06 -26.18 27.00
N GLY E 205 51.92 -25.34 26.42
CA GLY E 205 52.77 -24.51 27.22
C GLY E 205 51.99 -23.41 27.92
N ALA E 206 52.67 -22.31 28.24
CA ALA E 206 51.96 -21.17 28.82
C ALA E 206 51.04 -20.53 27.79
N VAL E 207 51.46 -20.49 26.53
CA VAL E 207 50.68 -19.80 25.52
C VAL E 207 49.45 -20.61 25.13
N GLY E 208 49.63 -21.88 24.81
CA GLY E 208 48.50 -22.74 24.49
C GLY E 208 47.53 -22.94 25.65
N LEU E 209 47.98 -22.73 26.89
CA LEU E 209 47.06 -22.79 28.02
C LEU E 209 46.18 -21.55 28.08
N ALA E 210 46.67 -20.40 27.61
CA ALA E 210 45.84 -19.20 27.52
C ALA E 210 44.71 -19.38 26.51
N VAL E 211 45.04 -19.95 25.34
CA VAL E 211 44.02 -20.26 24.35
C VAL E 211 42.91 -21.07 24.98
N ILE E 212 43.29 -22.07 25.78
CA ILE E 212 42.30 -22.93 26.42
C ILE E 212 41.49 -22.15 27.45
N GLU E 213 42.13 -21.22 28.16
CA GLU E 213 41.38 -20.35 29.06
C GLU E 213 40.39 -19.51 28.27
N ALA E 214 40.90 -18.72 27.32
CA ALA E 214 40.03 -17.85 26.54
C ALA E 214 38.96 -18.64 25.81
N ALA E 215 39.31 -19.81 25.25
CA ALA E 215 38.32 -20.59 24.54
C ALA E 215 37.15 -20.95 25.45
N LYS E 216 37.45 -21.35 26.70
CA LYS E 216 36.41 -21.64 27.66
C LYS E 216 35.58 -20.40 27.97
N ARG E 217 36.25 -19.26 28.13
CA ARG E 217 35.58 -18.00 28.48
C ARG E 217 34.75 -17.46 27.33
N ALA E 218 35.18 -17.72 26.09
CA ALA E 218 34.41 -17.34 24.91
C ALA E 218 33.17 -18.19 24.70
N GLY E 219 33.04 -19.29 25.42
CA GLY E 219 31.91 -20.16 25.31
C GLY E 219 32.12 -21.48 24.58
N ALA E 220 33.35 -21.93 24.44
CA ALA E 220 33.59 -23.18 23.75
C ALA E 220 32.76 -24.31 24.36
N SER E 221 32.13 -25.09 23.51
CA SER E 221 31.44 -26.28 23.97
C SER E 221 32.40 -27.44 24.19
N ARG E 222 33.58 -27.36 23.61
CA ARG E 222 34.52 -28.47 23.54
C ARG E 222 35.89 -27.86 23.34
N ILE E 223 36.89 -28.43 23.99
CA ILE E 223 38.27 -27.95 23.85
C ILE E 223 39.19 -29.15 23.91
N ILE E 224 39.73 -29.54 22.76
CA ILE E 224 40.57 -30.71 22.64
C ILE E 224 42.03 -30.26 22.64
N ALA E 225 42.78 -30.65 23.66
CA ALA E 225 44.15 -30.20 23.85
C ALA E 225 45.13 -31.29 23.43
N VAL E 226 46.16 -30.89 22.69
CA VAL E 226 47.15 -31.82 22.14
C VAL E 226 48.54 -31.41 22.62
N ASP E 227 49.32 -32.41 23.08
CA ASP E 227 50.72 -32.26 23.49
C ASP E 227 51.36 -33.64 23.62
N ILE E 228 52.66 -33.72 23.27
CA ILE E 228 53.39 -34.99 23.31
C ILE E 228 53.85 -35.31 24.72
N ASP E 229 53.25 -34.68 25.72
CA ASP E 229 53.77 -34.66 27.09
C ASP E 229 52.63 -34.70 28.09
N PRO E 230 52.09 -35.89 28.38
CA PRO E 230 50.93 -35.99 29.30
C PRO E 230 51.18 -35.36 30.68
N THR E 231 52.40 -34.91 30.98
CA THR E 231 52.64 -34.07 32.16
C THR E 231 51.72 -32.87 32.18
N LYS E 232 51.33 -32.38 31.00
CA LYS E 232 50.57 -31.14 30.86
C LYS E 232 49.06 -31.37 30.84
N PHE E 233 48.60 -32.59 30.59
CA PHE E 233 47.17 -32.86 30.56
C PHE E 233 46.46 -32.52 31.86
N PRO E 234 47.01 -32.78 33.05
CA PRO E 234 46.26 -32.44 34.27
C PRO E 234 46.02 -30.95 34.40
N THR E 235 47.02 -30.13 34.06
CA THR E 235 46.87 -28.68 34.22
C THR E 235 46.02 -28.08 33.10
N ALA E 236 45.98 -28.72 31.93
CA ALA E 236 45.12 -28.22 30.86
C ALA E 236 43.67 -28.62 31.06
N LYS E 237 43.44 -29.79 31.68
CA LYS E 237 42.10 -30.14 32.12
C LYS E 237 41.58 -29.12 33.13
N GLU E 238 42.48 -28.53 33.92
CA GLU E 238 42.13 -27.54 34.93
C GLU E 238 41.89 -26.17 34.32
N PHE E 239 42.46 -25.92 33.13
CA PHE E 239 42.27 -24.63 32.49
C PHE E 239 41.06 -24.58 31.57
N GLY E 240 40.50 -25.73 31.19
CA GLY E 240 39.27 -25.74 30.42
C GLY E 240 39.08 -26.91 29.47
N ALA E 241 40.16 -27.66 29.21
CA ALA E 241 40.12 -28.74 28.23
C ALA E 241 39.13 -29.83 28.63
N THR E 242 38.11 -30.04 27.80
CA THR E 242 37.20 -31.18 27.98
C THR E 242 37.82 -32.48 27.53
N ASP E 243 38.92 -32.41 26.78
CA ASP E 243 39.59 -33.58 26.22
C ASP E 243 41.06 -33.26 26.12
N SNC E 244 41.89 -34.25 26.44
CA SNC E 244 43.32 -34.15 26.30
CB SNC E 244 44.16 -34.16 27.59
SG SNC E 244 43.60 -33.02 28.85
ND SNC E 244 42.57 -33.94 29.86
OE SNC E 244 42.58 -35.10 29.93
C SNC E 244 43.70 -35.37 25.47
O SNC E 244 43.18 -36.47 25.65
N ILE E 245 44.61 -35.16 24.52
CA ILE E 245 45.02 -36.24 23.63
C ILE E 245 46.49 -36.13 23.21
N ASN E 246 47.23 -37.22 23.39
CA ASN E 246 48.61 -37.25 22.92
C ASN E 246 48.69 -37.95 21.57
N PRO E 247 49.38 -37.35 20.60
CA PRO E 247 49.67 -38.06 19.34
C PRO E 247 50.13 -39.50 19.48
N LYS E 248 51.19 -39.74 20.24
CA LYS E 248 51.92 -41.00 20.13
C LYS E 248 51.10 -42.23 20.50
N ASP E 249 49.99 -42.06 21.19
CA ASP E 249 49.11 -43.20 21.47
C ASP E 249 48.20 -43.51 20.32
N HIS E 250 48.43 -42.90 19.16
CA HIS E 250 47.52 -43.03 18.03
C HIS E 250 48.28 -43.37 16.76
N GLU E 251 48.08 -44.61 16.30
CA GLU E 251 48.02 -44.88 14.87
C GLU E 251 47.22 -43.76 14.23
N LYS E 252 47.71 -43.25 13.09
CA LYS E 252 47.09 -42.27 12.21
C LYS E 252 47.64 -40.89 12.57
N PRO E 253 47.99 -40.07 11.58
CA PRO E 253 48.37 -38.69 11.87
C PRO E 253 47.33 -38.02 12.77
N ILE E 254 47.77 -37.03 13.53
CA ILE E 254 46.93 -36.46 14.58
C ILE E 254 45.70 -35.78 13.96
N GLN E 255 45.88 -35.08 12.83
CA GLN E 255 44.77 -34.33 12.21
C GLN E 255 43.58 -35.24 11.88
N GLN E 256 43.85 -36.45 11.40
CA GLN E 256 42.73 -37.35 11.18
C GLN E 256 42.12 -37.83 12.49
N VAL E 257 42.94 -37.94 13.56
CA VAL E 257 42.41 -38.33 14.86
C VAL E 257 41.32 -37.37 15.31
N ILE E 258 41.64 -36.07 15.32
CA ILE E 258 40.71 -35.07 15.82
C ILE E 258 39.49 -34.96 14.91
N VAL E 259 39.68 -35.12 13.59
CA VAL E 259 38.55 -35.04 12.66
C VAL E 259 37.55 -36.17 12.93
N GLU E 260 38.04 -37.37 13.23
CA GLU E 260 37.11 -38.47 13.55
C GLU E 260 36.36 -38.20 14.85
N MET E 261 37.01 -37.59 15.85
CA MET E 261 36.30 -37.29 17.09
C MET E 261 35.23 -36.21 16.91
N THR E 262 35.44 -35.30 15.96
CA THR E 262 34.54 -34.19 15.72
C THR E 262 33.72 -34.39 14.46
N GLU E 263 33.90 -35.52 13.77
CA GLU E 263 33.39 -35.79 12.45
C GLU E 263 34.05 -34.88 11.41
N TRP E 264 33.85 -33.57 11.53
CA TRP E 264 34.26 -32.63 10.48
C TRP E 264 35.51 -31.84 10.82
N GLY E 265 35.93 -31.82 12.08
CA GLY E 265 36.99 -30.96 12.53
C GLY E 265 36.48 -29.91 13.49
N CYS E 266 37.43 -29.23 14.11
CA CYS E 266 37.13 -28.22 15.12
C CYS E 266 36.88 -26.87 14.47
N ASP E 267 35.90 -26.13 14.99
CA ASP E 267 35.59 -24.82 14.43
C ASP E 267 36.80 -23.90 14.48
N TYR E 268 37.56 -23.95 15.56
CA TYR E 268 38.80 -23.19 15.65
C TYR E 268 39.90 -24.10 16.14
N THR E 269 41.09 -24.01 15.52
CA THR E 269 42.27 -24.75 15.95
C THR E 269 43.43 -23.78 16.05
N PHE E 270 44.35 -24.05 16.98
CA PHE E 270 45.48 -23.18 17.22
C PHE E 270 46.76 -24.01 17.36
N GLU E 271 47.83 -23.59 16.66
CA GLU E 271 49.16 -24.14 16.86
C GLU E 271 49.96 -23.20 17.75
N CYS E 272 50.40 -23.70 18.91
CA CYS E 272 51.18 -22.89 19.84
C CYS E 272 52.54 -23.52 20.11
N ILE E 273 53.23 -23.98 19.07
CA ILE E 273 54.51 -24.66 19.29
C ILE E 273 55.62 -24.00 18.50
N GLY E 274 55.48 -23.98 17.17
CA GLY E 274 56.52 -23.50 16.28
C GLY E 274 57.02 -24.57 15.33
N ASN E 275 56.24 -25.64 15.16
CA ASN E 275 56.56 -26.73 14.24
C ASN E 275 55.64 -26.64 13.02
N THR E 276 56.23 -26.45 11.84
CA THR E 276 55.45 -26.32 10.62
C THR E 276 54.60 -27.54 10.33
N ALA E 277 54.98 -28.71 10.84
CA ALA E 277 54.22 -29.91 10.49
C ALA E 277 53.00 -30.08 11.40
N VAL E 278 53.11 -29.69 12.67
CA VAL E 278 51.89 -29.69 13.46
C VAL E 278 51.06 -28.45 13.11
N MET E 279 51.71 -27.35 12.73
CA MET E 279 51.00 -26.22 12.14
C MET E 279 50.10 -26.66 10.99
N ARG E 280 50.59 -27.53 10.12
CA ARG E 280 49.75 -28.03 9.03
C ARG E 280 48.64 -28.91 9.59
N ALA E 281 48.98 -29.82 10.49
CA ALA E 281 47.98 -30.66 11.13
C ALA E 281 46.91 -29.85 11.85
N ALA E 282 47.28 -28.69 12.40
CA ALA E 282 46.27 -27.85 13.02
C ALA E 282 45.27 -27.38 11.99
N LEU E 283 45.75 -27.12 10.78
CA LEU E 283 44.85 -26.64 9.73
C LEU E 283 43.98 -27.78 9.20
N GLU E 284 44.61 -28.91 8.87
CA GLU E 284 43.93 -30.00 8.18
C GLU E 284 42.90 -30.67 9.07
N CYS E 285 42.74 -30.19 10.31
CA CYS E 285 41.62 -30.62 11.13
C CYS E 285 40.76 -29.45 11.60
N ALA E 286 40.92 -28.28 11.00
CA ALA E 286 39.88 -27.26 11.12
C ALA E 286 38.62 -27.70 10.36
N HIS E 287 37.47 -27.30 10.90
CA HIS E 287 36.18 -27.76 10.40
C HIS E 287 36.04 -27.54 8.90
N ARG E 288 35.52 -28.55 8.22
CA ARG E 288 35.25 -28.40 6.81
C ARG E 288 34.23 -27.27 6.60
N GLY E 289 34.39 -26.53 5.50
CA GLY E 289 33.44 -25.54 5.12
C GLY E 289 33.64 -24.16 5.74
N TRP E 290 34.17 -24.07 6.98
CA TRP E 290 34.31 -22.76 7.62
C TRP E 290 35.36 -22.68 8.71
N GLY E 291 36.17 -23.73 8.86
CA GLY E 291 37.07 -23.79 9.99
C GLY E 291 38.22 -22.81 9.89
N THR E 292 38.63 -22.30 11.05
CA THR E 292 39.74 -21.35 11.14
C THR E 292 40.86 -21.97 11.97
N SER E 293 42.11 -21.73 11.56
CA SER E 293 43.29 -22.24 12.26
C SER E 293 44.27 -21.09 12.40
N VAL E 294 44.46 -20.63 13.62
CA VAL E 294 45.43 -19.58 13.89
C VAL E 294 46.78 -20.19 14.26
N ILE E 295 47.84 -19.68 13.61
CA ILE E 295 49.21 -20.00 14.01
C ILE E 295 49.63 -19.01 15.09
N VAL E 296 50.07 -19.53 16.23
CA VAL E 296 50.60 -18.68 17.26
C VAL E 296 52.09 -18.89 17.50
N GLY E 297 52.59 -20.12 17.36
CA GLY E 297 54.01 -20.37 17.57
C GLY E 297 54.87 -19.71 16.51
N VAL E 298 56.03 -19.23 16.93
CA VAL E 298 57.04 -18.72 16.01
C VAL E 298 57.84 -19.89 15.46
N ALA E 299 57.83 -20.06 14.14
CA ALA E 299 58.57 -21.19 13.59
C ALA E 299 60.03 -20.84 13.44
N ALA E 300 60.87 -21.87 13.41
CA ALA E 300 62.30 -21.69 13.16
C ALA E 300 62.52 -21.10 11.77
N ALA E 301 63.67 -20.46 11.59
CA ALA E 301 63.95 -19.78 10.33
C ALA E 301 63.87 -20.74 9.14
N GLY E 302 63.45 -20.21 8.01
CA GLY E 302 63.45 -20.96 6.77
C GLY E 302 62.52 -22.18 6.71
N GLN E 303 61.97 -22.56 7.85
CA GLN E 303 60.90 -23.55 7.86
C GLN E 303 59.67 -23.00 7.14
N GLU E 304 58.84 -23.90 6.58
CA GLU E 304 57.73 -23.49 5.72
C GLU E 304 56.49 -24.32 5.99
N ILE E 305 55.33 -23.68 5.89
CA ILE E 305 54.07 -24.41 6.03
C ILE E 305 53.59 -24.84 4.66
N SER E 306 52.91 -25.98 4.64
CA SER E 306 52.45 -26.55 3.40
C SER E 306 51.15 -27.28 3.65
N THR E 307 50.28 -27.28 2.63
CA THR E 307 49.11 -28.14 2.62
C THR E 307 48.59 -28.20 1.19
N ARG E 308 47.61 -29.10 0.96
CA ARG E 308 46.94 -29.15 -0.34
C ARG E 308 45.94 -28.00 -0.43
N PRO E 309 45.90 -27.28 -1.56
CA PRO E 309 44.99 -26.12 -1.66
C PRO E 309 43.54 -26.48 -1.44
N PHE E 310 43.17 -27.73 -1.77
CA PHE E 310 41.82 -28.24 -1.56
C PHE E 310 41.31 -28.00 -0.14
N GLN E 311 42.20 -27.99 0.85
CA GLN E 311 41.78 -27.74 2.24
C GLN E 311 41.22 -26.32 2.41
N LEU E 312 41.80 -25.35 1.70
CA LEU E 312 41.30 -23.98 1.74
C LEU E 312 40.09 -23.78 0.84
N VAL E 313 40.06 -24.50 -0.29
CA VAL E 313 38.91 -24.44 -1.17
C VAL E 313 37.69 -25.01 -0.46
N THR E 314 37.86 -26.03 0.38
CA THR E 314 36.73 -26.57 1.14
C THR E 314 36.52 -25.85 2.48
N GLY E 315 36.84 -24.56 2.56
CA GLY E 315 36.28 -23.70 3.58
C GLY E 315 37.19 -23.31 4.72
N ARG E 316 38.41 -23.83 4.79
CA ARG E 316 39.29 -23.54 5.91
C ARG E 316 40.10 -22.28 5.69
N ARG E 317 40.20 -21.44 6.73
CA ARG E 317 40.97 -20.21 6.71
C ARG E 317 42.25 -20.38 7.52
N TRP E 318 43.38 -20.04 6.92
CA TRP E 318 44.68 -20.07 7.59
C TRP E 318 45.09 -18.65 7.92
N MET E 319 45.27 -18.37 9.20
CA MET E 319 45.73 -17.05 9.59
C MET E 319 46.65 -17.19 10.79
N GLY E 320 47.32 -16.10 11.15
CA GLY E 320 48.19 -16.08 12.29
C GLY E 320 47.95 -14.83 13.11
N THR E 321 48.49 -14.83 14.34
CA THR E 321 48.41 -13.69 15.24
C THR E 321 49.79 -13.32 15.75
N ALA E 322 49.87 -12.09 16.24
CA ALA E 322 51.08 -11.60 16.89
C ALA E 322 50.65 -10.75 18.07
N PHE E 323 51.19 -11.06 19.25
CA PHE E 323 50.71 -10.48 20.50
C PHE E 323 49.19 -10.61 20.60
N GLY E 324 48.67 -11.75 20.17
CA GLY E 324 47.24 -11.98 20.23
C GLY E 324 46.41 -10.94 19.53
N GLY E 325 47.01 -10.21 18.59
CA GLY E 325 46.29 -9.18 17.87
C GLY E 325 45.84 -8.05 18.78
N TYR E 326 46.38 -7.99 20.00
CA TYR E 326 46.04 -6.92 20.93
C TYR E 326 46.80 -5.64 20.59
N LYS E 327 46.10 -4.51 20.62
CA LYS E 327 46.77 -3.21 20.51
C LYS E 327 47.26 -2.82 21.90
N SER E 328 48.58 -2.79 22.07
CA SER E 328 49.20 -2.91 23.38
C SER E 328 48.76 -1.83 24.38
N ARG E 329 49.14 -0.58 24.10
CA ARG E 329 48.93 0.51 25.04
C ARG E 329 47.47 0.68 25.40
N VAL E 330 46.58 0.35 24.46
CA VAL E 330 45.15 0.61 24.65
C VAL E 330 44.48 -0.54 25.40
N GLN E 331 44.87 -1.79 25.12
CA GLN E 331 44.10 -2.92 25.63
C GLN E 331 44.80 -3.72 26.70
N VAL E 332 46.10 -3.55 26.89
CA VAL E 332 46.76 -4.14 28.04
C VAL E 332 46.16 -3.57 29.33
N PRO E 333 46.00 -2.25 29.48
CA PRO E 333 45.23 -1.73 30.63
C PRO E 333 43.92 -2.46 30.88
N ASP E 334 43.14 -2.73 29.84
CA ASP E 334 41.87 -3.43 30.06
C ASP E 334 42.10 -4.88 30.42
N LEU E 335 43.30 -5.39 30.17
CA LEU E 335 43.62 -6.74 30.61
C LEU E 335 43.86 -6.78 32.11
N VAL E 336 44.50 -5.74 32.67
CA VAL E 336 44.77 -5.75 34.11
C VAL E 336 43.48 -5.52 34.89
N THR E 337 42.59 -4.65 34.39
CA THR E 337 41.31 -4.48 35.07
C THR E 337 40.44 -5.71 34.93
N ASP E 338 40.58 -6.46 33.85
CA ASP E 338 39.86 -7.71 33.71
C ASP E 338 40.34 -8.73 34.74
N TYR E 339 41.65 -8.72 35.03
CA TYR E 339 42.17 -9.61 36.07
C TYR E 339 41.75 -9.11 37.44
N MET E 340 41.90 -7.80 37.68
CA MET E 340 41.48 -7.23 38.95
C MET E 340 40.01 -7.53 39.24
N SER E 341 39.18 -7.61 38.20
CA SER E 341 37.78 -8.00 38.39
C SER E 341 37.61 -9.46 38.80
N GLY E 342 38.69 -10.25 38.84
CA GLY E 342 38.60 -11.63 39.29
C GLY E 342 38.09 -12.64 38.28
N ALA E 343 38.14 -12.33 36.98
CA ALA E 343 37.64 -13.25 35.97
C ALA E 343 38.74 -14.07 35.32
N THR E 344 39.98 -13.96 35.84
CA THR E 344 41.19 -14.32 35.12
C THR E 344 42.00 -15.34 35.91
N LEU E 345 42.26 -16.49 35.29
CA LEU E 345 43.18 -17.50 35.84
C LEU E 345 44.65 -17.11 35.71
N LEU E 346 44.98 -15.80 35.73
CA LEU E 346 46.35 -15.39 35.43
C LEU E 346 47.34 -15.90 36.47
N ASP E 347 46.91 -16.07 37.71
CA ASP E 347 47.82 -16.53 38.74
C ASP E 347 48.27 -17.98 38.49
N LYS E 348 47.36 -18.84 38.00
CA LYS E 348 47.72 -20.23 37.76
C LYS E 348 48.96 -20.40 36.90
N TYR E 349 49.36 -19.36 36.17
CA TYR E 349 50.46 -19.51 35.23
C TYR E 349 51.81 -19.55 35.93
N ILE E 350 52.13 -18.52 36.71
CA ILE E 350 53.43 -18.43 37.38
C ILE E 350 53.68 -19.63 38.26
N THR E 351 54.68 -20.45 37.89
CA THR E 351 55.01 -21.66 38.61
C THR E 351 56.11 -21.45 39.64
N HIS E 352 57.01 -20.49 39.40
CA HIS E 352 58.13 -20.21 40.28
C HIS E 352 58.33 -18.71 40.40
N ASN E 353 58.81 -18.26 41.55
CA ASN E 353 59.42 -16.94 41.64
C ASN E 353 60.81 -17.08 42.23
N MET E 354 61.72 -16.23 41.76
CA MET E 354 63.12 -16.27 42.17
C MET E 354 63.63 -14.83 42.29
N LYS E 355 64.91 -14.69 42.63
CA LYS E 355 65.57 -13.40 42.62
C LYS E 355 66.55 -13.35 41.46
N PHE E 356 66.97 -12.12 41.10
CA PHE E 356 67.68 -11.89 39.84
C PHE E 356 68.89 -12.77 39.68
N ASP E 357 69.74 -12.82 40.70
CA ASP E 357 71.03 -13.44 40.51
C ASP E 357 70.89 -14.91 40.13
N GLN E 358 69.77 -15.53 40.52
CA GLN E 358 69.40 -16.86 40.06
C GLN E 358 68.79 -16.81 38.65
N ILE E 359 69.25 -15.89 37.80
CA ILE E 359 68.62 -15.74 36.48
C ILE E 359 68.98 -16.92 35.60
N ASN E 360 70.25 -17.29 35.57
CA ASN E 360 70.63 -18.41 34.73
C ASN E 360 69.97 -19.70 35.21
N GLU E 361 69.74 -19.81 36.53
CA GLU E 361 69.04 -20.99 37.03
C GLU E 361 67.59 -20.99 36.56
N ALA E 362 67.03 -19.83 36.28
CA ALA E 362 65.70 -19.79 35.70
C ALA E 362 65.74 -20.34 34.29
N PHE E 363 66.58 -19.76 33.44
CA PHE E 363 66.83 -20.21 32.06
C PHE E 363 66.91 -21.71 31.93
N GLU E 364 67.56 -22.38 32.89
CA GLU E 364 67.77 -23.81 32.75
C GLU E 364 66.53 -24.61 33.14
N LEU E 365 65.78 -24.16 34.15
CA LEU E 365 64.52 -24.83 34.35
C LEU E 365 63.52 -24.52 33.25
N LEU E 366 63.81 -23.50 32.44
CA LEU E 366 63.02 -23.21 31.25
C LEU E 366 63.49 -24.04 30.05
N HIS E 367 64.80 -24.29 29.93
CA HIS E 367 65.27 -25.22 28.91
C HIS E 367 64.85 -26.66 29.23
N ALA E 368 64.70 -26.99 30.53
CA ALA E 368 64.14 -28.26 30.95
C ALA E 368 62.62 -28.28 30.90
N GLY E 369 61.98 -27.12 30.77
CA GLY E 369 60.59 -27.01 30.33
C GLY E 369 59.52 -27.65 31.18
N GLU E 370 59.86 -28.05 32.42
CA GLU E 370 58.85 -28.34 33.43
C GLU E 370 58.79 -27.16 34.38
N CYS E 371 58.10 -26.12 33.86
CA CYS E 371 57.82 -24.83 34.48
C CYS E 371 56.99 -24.07 33.44
N LEU E 372 56.04 -23.27 33.89
CA LEU E 372 55.24 -22.51 32.93
C LEU E 372 55.88 -21.18 32.62
N ARG E 373 55.58 -20.19 33.46
CA ARG E 373 56.32 -18.93 33.48
C ARG E 373 56.94 -18.77 34.87
N CYS E 374 58.12 -18.16 34.90
CA CYS E 374 58.83 -17.96 36.16
C CYS E 374 59.24 -16.51 36.24
N VAL E 375 58.87 -15.85 37.36
CA VAL E 375 59.07 -14.41 37.53
C VAL E 375 60.27 -14.15 38.44
N LEU E 376 61.09 -13.19 38.06
CA LEU E 376 62.25 -12.79 38.84
C LEU E 376 61.87 -11.56 39.66
N THR E 377 61.64 -11.76 40.96
CA THR E 377 61.26 -10.65 41.86
C THR E 377 62.47 -9.76 42.05
N PHE E 378 62.62 -8.82 41.13
CA PHE E 378 63.89 -8.21 40.86
C PHE E 378 65.02 -9.25 40.76
N SER F 2 -19.68 -62.28 -3.07
CA SER F 2 -20.07 -61.43 -1.95
C SER F 2 -21.44 -61.78 -1.36
N GLU F 3 -21.52 -61.76 -0.03
CA GLU F 3 -22.82 -61.76 0.65
C GLU F 3 -23.65 -60.56 0.20
N THR F 4 -23.01 -59.38 0.08
CA THR F 4 -23.63 -58.08 -0.03
C THR F 4 -23.86 -57.63 -1.47
N ALA F 5 -22.91 -57.91 -2.37
CA ALA F 5 -22.97 -57.34 -3.72
C ALA F 5 -24.35 -57.54 -4.34
N GLY F 6 -24.85 -56.48 -4.97
CA GLY F 6 -26.16 -56.47 -5.59
C GLY F 6 -27.29 -56.19 -4.63
N LYS F 7 -27.12 -56.52 -3.40
CA LYS F 7 -28.17 -56.39 -2.40
C LYS F 7 -28.11 -55.00 -1.75
N PRO F 8 -29.23 -54.44 -1.31
CA PRO F 8 -29.16 -53.32 -0.35
C PRO F 8 -28.37 -53.72 0.88
N ILE F 9 -27.99 -52.72 1.67
CA ILE F 9 -27.17 -52.95 2.86
C ILE F 9 -27.71 -52.07 3.98
N GLU F 10 -27.94 -52.65 5.15
CA GLU F 10 -28.27 -51.87 6.32
C GLU F 10 -26.99 -51.55 7.06
N CYS F 11 -26.89 -50.33 7.58
CA CYS F 11 -25.69 -49.98 8.34
C CYS F 11 -26.01 -48.79 9.23
N LYS F 12 -25.07 -48.49 10.12
CA LYS F 12 -25.19 -47.41 11.08
C LYS F 12 -24.66 -46.13 10.45
N ALA F 13 -25.52 -45.10 10.36
CA ALA F 13 -25.11 -43.78 9.90
C ALA F 13 -25.42 -42.72 10.96
N ALA F 14 -24.89 -41.52 10.73
CA ALA F 14 -25.24 -40.32 11.47
C ALA F 14 -26.05 -39.45 10.53
N ILE F 15 -27.35 -39.38 10.75
CA ILE F 15 -28.25 -38.63 9.87
C ILE F 15 -28.46 -37.25 10.45
N ALA F 16 -28.46 -36.25 9.57
CA ALA F 16 -28.85 -34.90 9.90
C ALA F 16 -30.25 -34.69 9.35
N TRP F 17 -31.21 -34.44 10.24
CA TRP F 17 -32.62 -34.30 9.86
C TRP F 17 -32.96 -32.86 9.46
N GLU F 18 -32.46 -31.88 10.21
CA GLU F 18 -32.56 -30.47 9.90
C GLU F 18 -31.31 -29.80 10.45
N ALA F 19 -31.05 -28.60 9.95
CA ALA F 19 -29.84 -27.89 10.32
C ALA F 19 -29.91 -27.45 11.78
N LYS F 20 -28.77 -26.95 12.28
CA LYS F 20 -28.62 -26.35 13.62
C LYS F 20 -29.04 -27.31 14.73
N LYS F 21 -28.82 -28.60 14.53
CA LYS F 21 -29.40 -29.58 15.42
C LYS F 21 -28.62 -30.90 15.40
N PRO F 22 -28.33 -31.47 16.55
CA PRO F 22 -27.53 -32.70 16.63
C PRO F 22 -27.88 -33.82 15.63
N LEU F 23 -26.92 -34.71 15.45
CA LEU F 23 -26.99 -35.81 14.51
C LEU F 23 -27.56 -37.06 15.19
N GLU F 24 -28.34 -37.83 14.41
CA GLU F 24 -28.99 -39.04 14.89
C GLU F 24 -28.21 -40.26 14.40
N VAL F 25 -27.46 -40.88 15.31
CA VAL F 25 -26.76 -42.14 15.02
C VAL F 25 -27.79 -43.27 15.02
N ARG F 26 -28.45 -43.48 13.89
CA ARG F 26 -29.36 -44.60 13.75
C ARG F 26 -28.98 -45.46 12.55
N THR F 27 -29.92 -46.24 12.02
CA THR F 27 -29.64 -47.19 10.97
C THR F 27 -30.22 -46.72 9.64
N VAL F 28 -29.54 -47.07 8.55
CA VAL F 28 -29.85 -46.60 7.20
C VAL F 28 -29.71 -47.77 6.23
N THR F 29 -30.46 -47.74 5.13
CA THR F 29 -30.27 -48.69 4.05
C THR F 29 -29.61 -48.01 2.85
N VAL F 30 -28.57 -48.66 2.31
CA VAL F 30 -27.73 -48.13 1.25
C VAL F 30 -27.95 -48.98 0.00
N ALA F 31 -28.49 -48.36 -1.05
CA ALA F 31 -28.85 -49.10 -2.26
C ALA F 31 -27.61 -49.72 -2.89
N PRO F 32 -27.79 -50.71 -3.77
CA PRO F 32 -26.65 -51.20 -4.54
C PRO F 32 -26.21 -50.17 -5.55
N PRO F 33 -24.93 -50.17 -5.95
CA PRO F 33 -24.45 -49.17 -6.91
C PRO F 33 -24.96 -49.40 -8.34
N GLY F 34 -25.25 -48.29 -9.03
CA GLY F 34 -25.69 -48.32 -10.42
C GLY F 34 -24.58 -47.99 -11.41
N PRO F 35 -24.94 -47.68 -12.66
CA PRO F 35 -23.91 -47.50 -13.70
C PRO F 35 -22.90 -46.40 -13.38
N GLY F 36 -21.62 -46.77 -13.44
CA GLY F 36 -20.57 -45.85 -13.08
C GLY F 36 -20.54 -45.44 -11.62
N GLU F 37 -20.95 -46.32 -10.70
CA GLU F 37 -20.97 -46.00 -9.29
C GLU F 37 -20.17 -47.02 -8.50
N VAL F 38 -19.81 -46.62 -7.28
CA VAL F 38 -18.96 -47.40 -6.40
C VAL F 38 -19.54 -47.34 -5.02
N ARG F 39 -19.87 -48.49 -4.45
CA ARG F 39 -20.26 -48.56 -3.05
C ARG F 39 -19.01 -48.83 -2.23
N VAL F 40 -18.70 -47.91 -1.32
CA VAL F 40 -17.49 -47.94 -0.53
C VAL F 40 -17.85 -48.25 0.92
N GLN F 41 -17.06 -49.08 1.56
CA GLN F 41 -17.18 -49.32 2.98
C GLN F 41 -16.19 -48.39 3.68
N ILE F 42 -16.70 -47.35 4.33
CA ILE F 42 -15.85 -46.51 5.16
C ILE F 42 -15.33 -47.31 6.34
N LYS F 43 -14.05 -47.14 6.63
CA LYS F 43 -13.42 -47.70 7.81
C LYS F 43 -12.90 -46.64 8.77
N ALA F 44 -12.79 -45.39 8.33
CA ALA F 44 -12.38 -44.29 9.21
C ALA F 44 -12.81 -42.98 8.55
N THR F 45 -13.24 -42.00 9.37
CA THR F 45 -13.74 -40.73 8.86
C THR F 45 -13.56 -39.63 9.89
N ALA F 46 -13.18 -38.45 9.41
CA ALA F 46 -12.81 -37.29 10.22
C ALA F 46 -13.86 -36.19 10.10
N LEU F 47 -13.79 -35.26 11.04
CA LEU F 47 -14.66 -34.09 11.04
C LEU F 47 -13.93 -32.89 10.47
N CYS F 48 -14.65 -32.09 9.68
CA CYS F 48 -14.12 -30.90 9.03
C CYS F 48 -15.05 -29.73 9.32
N GLN F 49 -14.50 -28.50 9.28
CA GLN F 49 -15.36 -27.36 9.58
C GLN F 49 -16.44 -27.14 8.52
N THR F 50 -16.18 -27.53 7.27
CA THR F 50 -17.23 -27.55 6.25
C THR F 50 -18.46 -28.35 6.70
N ASP F 51 -18.25 -29.37 7.54
CA ASP F 51 -19.35 -30.22 7.99
C ASP F 51 -20.22 -29.50 9.02
N ALA F 52 -19.57 -28.89 10.01
CA ALA F 52 -20.29 -28.09 10.99
C ALA F 52 -20.91 -26.86 10.36
N TYR F 53 -20.32 -26.35 9.28
CA TYR F 53 -20.85 -25.17 8.63
C TYR F 53 -22.17 -25.48 7.93
N THR F 54 -22.28 -26.65 7.29
CA THR F 54 -23.54 -27.01 6.66
C THR F 54 -24.57 -27.47 7.70
N LEU F 55 -24.11 -27.98 8.84
CA LEU F 55 -25.03 -28.27 9.93
C LEU F 55 -25.64 -27.00 10.52
N GLY F 56 -24.97 -25.84 10.38
CA GLY F 56 -25.49 -24.59 10.91
C GLY F 56 -26.47 -23.84 10.03
N GLY F 57 -27.01 -24.45 8.99
CA GLY F 57 -27.95 -23.77 8.11
C GLY F 57 -27.35 -22.67 7.26
N LEU F 58 -26.03 -22.63 7.15
CA LEU F 58 -25.31 -21.63 6.37
C LEU F 58 -25.23 -21.96 4.88
N ASP F 59 -25.48 -23.19 4.49
CA ASP F 59 -25.26 -23.48 3.08
C ASP F 59 -26.53 -23.15 2.30
N PRO F 60 -26.43 -22.36 1.23
CA PRO F 60 -27.62 -22.13 0.41
C PRO F 60 -28.08 -23.38 -0.30
N GLU F 61 -27.12 -24.19 -0.77
CA GLU F 61 -27.37 -25.46 -1.44
C GLU F 61 -27.60 -26.61 -0.47
N GLY F 62 -27.60 -26.36 0.84
CA GLY F 62 -27.86 -27.39 1.83
C GLY F 62 -29.13 -28.14 1.53
N ARG F 63 -29.09 -29.47 1.62
CA ARG F 63 -30.26 -30.29 1.32
C ARG F 63 -30.44 -31.31 2.44
N PHE F 64 -31.50 -31.12 3.25
CA PHE F 64 -31.82 -31.99 4.36
C PHE F 64 -33.05 -32.85 4.03
N PRO F 65 -33.12 -34.09 4.56
CA PRO F 65 -32.08 -34.67 5.43
C PRO F 65 -30.86 -35.21 4.63
N CYS F 66 -29.68 -35.17 5.24
CA CYS F 66 -28.45 -35.54 4.55
C CYS F 66 -27.61 -36.44 5.43
N ILE F 67 -26.63 -37.09 4.81
CA ILE F 67 -25.53 -37.69 5.55
C ILE F 67 -24.29 -36.86 5.23
N LEU F 68 -23.83 -36.11 6.23
CA LEU F 68 -22.64 -35.30 6.11
C LEU F 68 -21.41 -36.20 5.98
N GLY F 69 -20.21 -35.61 6.17
CA GLY F 69 -18.97 -36.37 6.09
C GLY F 69 -18.28 -36.36 4.74
N HIS F 70 -17.01 -35.95 4.73
CA HIS F 70 -16.31 -35.93 3.45
C HIS F 70 -14.81 -36.18 3.58
N GLU F 71 -14.25 -36.39 4.77
CA GLU F 71 -12.86 -36.81 4.94
C GLU F 71 -12.86 -38.26 5.42
N ALA F 72 -12.43 -39.19 4.57
CA ALA F 72 -12.59 -40.60 4.90
C ALA F 72 -11.72 -41.49 4.01
N ALA F 73 -11.49 -42.70 4.48
CA ALA F 73 -10.92 -43.75 3.65
C ALA F 73 -11.70 -45.04 3.88
N GLY F 74 -11.77 -45.86 2.85
CA GLY F 74 -12.48 -47.11 2.95
C GLY F 74 -12.05 -48.13 1.93
N VAL F 75 -12.91 -49.14 1.75
CA VAL F 75 -12.62 -50.31 0.93
C VAL F 75 -13.77 -50.53 -0.02
N VAL F 76 -13.47 -50.68 -1.30
CA VAL F 76 -14.54 -50.94 -2.24
C VAL F 76 -15.25 -52.21 -1.84
N GLU F 77 -16.58 -52.16 -1.82
CA GLU F 77 -17.41 -53.32 -1.53
C GLU F 77 -18.08 -53.88 -2.77
N SER F 78 -18.30 -53.06 -3.79
CA SER F 78 -18.99 -53.47 -5.01
C SER F 78 -18.97 -52.25 -5.94
N VAL F 79 -19.11 -52.51 -7.23
CA VAL F 79 -19.14 -51.44 -8.23
C VAL F 79 -20.29 -51.75 -9.19
N GLY F 80 -20.84 -50.69 -9.78
CA GLY F 80 -21.86 -50.82 -10.80
C GLY F 80 -21.26 -51.15 -12.16
N GLU F 81 -22.09 -51.11 -13.19
CA GLU F 81 -21.65 -51.58 -14.50
C GLU F 81 -20.88 -50.50 -15.23
N GLY F 82 -19.80 -50.94 -15.90
CA GLY F 82 -18.87 -50.05 -16.57
C GLY F 82 -17.62 -49.73 -15.77
N VAL F 83 -17.68 -49.86 -14.44
CA VAL F 83 -16.61 -49.41 -13.55
C VAL F 83 -15.39 -50.33 -13.66
N THR F 84 -14.39 -49.88 -14.41
CA THR F 84 -13.13 -50.61 -14.57
C THR F 84 -11.98 -50.02 -13.75
N SER F 85 -12.14 -48.81 -13.20
CA SER F 85 -11.03 -48.13 -12.53
C SER F 85 -10.68 -48.78 -11.20
N VAL F 86 -11.70 -49.20 -10.44
CA VAL F 86 -11.49 -49.88 -9.18
C VAL F 86 -12.25 -51.20 -9.19
N LYS F 87 -11.91 -52.06 -8.25
CA LYS F 87 -12.48 -53.39 -8.16
C LYS F 87 -12.62 -53.73 -6.68
N PRO F 88 -13.61 -54.54 -6.33
CA PRO F 88 -13.84 -54.83 -4.91
C PRO F 88 -12.54 -55.29 -4.26
N GLY F 89 -12.33 -54.86 -3.01
CA GLY F 89 -11.11 -55.06 -2.29
C GLY F 89 -10.19 -53.86 -2.26
N ASP F 90 -10.29 -52.96 -3.25
CA ASP F 90 -9.34 -51.86 -3.37
C ASP F 90 -9.52 -50.84 -2.23
N HIS F 91 -8.43 -50.21 -1.82
CA HIS F 91 -8.47 -49.17 -0.80
C HIS F 91 -8.62 -47.78 -1.43
N VAL F 92 -9.60 -47.01 -0.93
CA VAL F 92 -10.04 -45.79 -1.60
C VAL F 92 -10.11 -44.61 -0.65
N ILE F 93 -10.00 -43.41 -1.21
CA ILE F 93 -10.35 -42.17 -0.52
C ILE F 93 -11.46 -41.50 -1.33
N PRO F 94 -12.66 -41.32 -0.76
CA PRO F 94 -13.74 -40.61 -1.50
C PRO F 94 -13.48 -39.12 -1.50
N CYS F 95 -13.62 -38.53 -2.68
CA CYS F 95 -13.14 -37.19 -2.96
C CYS F 95 -14.34 -36.32 -3.30
N TYR F 96 -14.53 -35.21 -2.57
CA TYR F 96 -15.61 -34.33 -2.98
C TYR F 96 -15.33 -33.68 -4.33
N GLN F 97 -14.06 -33.39 -4.61
CA GLN F 97 -13.62 -32.87 -5.90
C GLN F 97 -13.32 -34.05 -6.84
N ALA F 98 -14.11 -34.20 -7.92
CA ALA F 98 -14.03 -35.35 -8.81
C ALA F 98 -12.93 -35.16 -9.88
N TYR F 99 -12.67 -36.23 -10.63
CA TYR F 99 -11.71 -36.19 -11.74
C TYR F 99 -12.24 -37.03 -12.91
N CYS F 100 -12.44 -36.38 -14.05
CA CYS F 100 -12.91 -37.09 -15.23
C CYS F 100 -11.82 -37.39 -16.25
N GLY F 101 -10.79 -36.56 -16.37
CA GLY F 101 -9.75 -36.73 -17.35
C GLY F 101 -10.04 -36.14 -18.71
N GLU F 102 -11.31 -35.89 -19.04
CA GLU F 102 -11.70 -35.40 -20.35
C GLU F 102 -12.29 -34.00 -20.38
N CYS F 103 -12.80 -33.47 -19.26
CA CYS F 103 -13.42 -32.16 -19.33
C CYS F 103 -12.32 -31.08 -19.41
N LYS F 104 -12.77 -29.85 -19.70
CA LYS F 104 -11.86 -28.73 -19.90
C LYS F 104 -10.93 -28.52 -18.71
N PHE F 105 -11.42 -28.72 -17.51
CA PHE F 105 -10.61 -28.37 -16.35
C PHE F 105 -9.65 -29.51 -15.98
N CYS F 106 -10.04 -30.77 -16.21
CA CYS F 106 -9.12 -31.88 -15.95
C CYS F 106 -7.92 -31.85 -16.88
N LYS F 107 -8.09 -31.29 -18.07
CA LYS F 107 -7.00 -31.20 -19.05
C LYS F 107 -6.09 -30.00 -18.77
N HIS F 108 -6.64 -28.84 -18.45
CA HIS F 108 -5.81 -27.69 -18.13
C HIS F 108 -4.88 -28.01 -16.97
N PRO F 109 -3.58 -27.71 -17.07
CA PRO F 109 -2.66 -28.07 -15.99
C PRO F 109 -2.88 -27.29 -14.72
N GLU F 110 -3.58 -26.16 -14.82
CA GLU F 110 -3.65 -25.19 -13.74
C GLU F 110 -5.01 -25.20 -13.03
N SER F 111 -5.79 -26.28 -13.18
CA SER F 111 -7.07 -26.40 -12.50
C SER F 111 -7.33 -27.84 -12.10
N ASN F 112 -8.41 -28.01 -11.33
CA ASN F 112 -8.86 -29.34 -10.89
C ASN F 112 -10.37 -29.35 -10.67
N LEU F 113 -11.09 -28.39 -11.23
CA LEU F 113 -12.50 -28.17 -10.89
C LEU F 113 -13.38 -28.91 -11.90
N CYS F 114 -13.22 -30.22 -11.86
CA CYS F 114 -14.00 -31.14 -12.67
C CYS F 114 -15.47 -30.78 -12.71
N VAL F 115 -16.04 -30.85 -13.91
CA VAL F 115 -17.47 -30.69 -14.09
C VAL F 115 -18.14 -32.03 -14.38
N SER F 116 -17.49 -33.17 -14.04
CA SER F 116 -18.06 -34.47 -14.37
C SER F 116 -19.41 -34.66 -13.71
N VAL F 117 -19.47 -34.45 -12.40
CA VAL F 117 -20.64 -34.87 -11.65
C VAL F 117 -21.10 -33.80 -10.67
N ARG F 118 -20.47 -32.62 -10.71
CA ARG F 118 -20.76 -31.60 -9.72
C ARG F 118 -22.22 -31.13 -9.76
N ALA F 119 -22.85 -31.20 -10.93
CA ALA F 119 -24.26 -30.85 -11.05
C ALA F 119 -25.13 -31.66 -10.09
N PHE F 120 -24.77 -32.91 -9.82
CA PHE F 120 -25.58 -33.84 -9.03
C PHE F 120 -25.13 -33.96 -7.58
N THR F 121 -23.82 -34.05 -7.31
CA THR F 121 -23.35 -34.12 -5.91
C THR F 121 -23.82 -32.93 -5.10
N GLY F 122 -23.93 -31.75 -5.73
CA GLY F 122 -24.33 -30.54 -5.03
C GLY F 122 -25.82 -30.48 -4.73
N LYS F 123 -26.63 -31.13 -5.56
CA LYS F 123 -28.03 -31.36 -5.24
C LYS F 123 -28.24 -32.62 -4.38
N GLY F 124 -27.17 -33.35 -4.05
CA GLY F 124 -27.24 -34.53 -3.20
C GLY F 124 -27.65 -35.83 -3.88
N VAL F 125 -27.70 -35.89 -5.20
CA VAL F 125 -28.16 -37.12 -5.84
C VAL F 125 -27.04 -37.72 -6.70
N MET F 126 -27.37 -38.71 -7.53
CA MET F 126 -26.40 -39.39 -8.39
C MET F 126 -26.71 -39.13 -9.86
N LYS F 127 -25.70 -39.31 -10.72
CA LYS F 127 -25.84 -38.91 -12.11
C LYS F 127 -26.64 -39.90 -12.94
N SER F 128 -26.57 -41.18 -12.59
CA SER F 128 -27.18 -42.22 -13.41
C SER F 128 -28.71 -42.05 -13.51
N ASP F 129 -29.39 -41.66 -12.41
CA ASP F 129 -30.84 -41.52 -12.44
C ASP F 129 -31.40 -40.32 -11.67
N GLY F 130 -30.57 -39.38 -11.23
CA GLY F 130 -31.04 -38.18 -10.57
C GLY F 130 -31.60 -38.36 -9.17
N LYS F 131 -31.72 -39.60 -8.67
CA LYS F 131 -32.23 -39.86 -7.32
C LYS F 131 -31.09 -40.28 -6.40
N PRO F 132 -31.17 -39.94 -5.09
CA PRO F 132 -30.14 -40.39 -4.12
C PRO F 132 -30.11 -41.90 -3.92
N ARG F 133 -29.26 -42.40 -3.02
CA ARG F 133 -29.17 -43.85 -2.81
C ARG F 133 -29.34 -44.31 -1.37
N PHE F 134 -29.51 -43.41 -0.41
CA PHE F 134 -29.89 -43.79 0.94
C PHE F 134 -31.41 -43.73 1.12
N THR F 135 -31.90 -44.49 2.11
CA THR F 135 -33.31 -44.64 2.40
C THR F 135 -33.45 -44.89 3.89
N VAL F 136 -34.46 -44.28 4.52
CA VAL F 136 -34.86 -44.58 5.89
C VAL F 136 -36.37 -44.75 5.90
N ASP F 137 -36.84 -46.00 6.05
CA ASP F 137 -38.25 -46.35 5.98
C ASP F 137 -38.87 -45.89 4.65
N GLY F 138 -38.18 -46.21 3.54
CA GLY F 138 -38.66 -45.88 2.21
C GLY F 138 -38.57 -44.42 1.81
N LYS F 139 -38.20 -43.52 2.72
CA LYS F 139 -38.08 -42.08 2.48
C LYS F 139 -36.61 -41.71 2.23
N PRO F 140 -36.30 -40.92 1.19
CA PRO F 140 -34.89 -40.78 0.78
C PRO F 140 -34.11 -39.87 1.72
N ILE F 141 -32.87 -40.29 2.02
CA ILE F 141 -31.86 -39.42 2.62
C ILE F 141 -30.94 -38.94 1.50
N TYR F 142 -30.38 -37.74 1.67
CA TYR F 142 -29.64 -37.09 0.61
C TYR F 142 -28.13 -37.09 0.89
N HIS F 143 -27.35 -37.13 -0.20
CA HIS F 143 -25.89 -37.14 -0.15
C HIS F 143 -25.35 -35.73 0.07
N PHE F 144 -24.17 -35.67 0.65
CA PHE F 144 -23.48 -34.40 0.87
C PHE F 144 -22.14 -34.43 0.15
N MET F 145 -21.87 -33.40 -0.65
CA MET F 145 -20.57 -33.18 -1.29
C MET F 145 -20.09 -34.37 -2.15
N GLY F 146 -20.99 -35.24 -2.58
CA GLY F 146 -20.64 -36.42 -3.34
C GLY F 146 -20.05 -37.58 -2.56
N THR F 147 -19.91 -37.48 -1.23
CA THR F 147 -19.26 -38.52 -0.44
C THR F 147 -20.18 -39.14 0.59
N SER F 148 -20.56 -38.41 1.65
CA SER F 148 -21.43 -38.88 2.73
C SER F 148 -20.75 -39.99 3.52
N THR F 149 -19.60 -39.67 4.10
CA THR F 149 -18.78 -40.65 4.78
C THR F 149 -19.19 -40.88 6.22
N PHE F 150 -20.38 -40.42 6.60
CA PHE F 150 -20.89 -40.65 7.94
C PHE F 150 -21.78 -41.88 8.02
N SER F 151 -21.64 -42.81 7.07
CA SER F 151 -22.28 -44.12 7.16
C SER F 151 -21.21 -45.19 7.02
N GLU F 152 -21.49 -46.39 7.55
CA GLU F 152 -20.55 -47.50 7.36
C GLU F 152 -20.33 -47.80 5.90
N TYR F 153 -21.35 -47.61 5.06
CA TYR F 153 -21.25 -47.77 3.62
C TYR F 153 -21.86 -46.54 2.97
N THR F 154 -21.25 -46.11 1.86
CA THR F 154 -21.81 -45.05 1.01
C THR F 154 -21.64 -45.45 -0.45
N VAL F 155 -22.33 -44.74 -1.33
CA VAL F 155 -22.23 -44.96 -2.77
C VAL F 155 -21.81 -43.63 -3.41
N VAL F 156 -20.77 -43.69 -4.25
CA VAL F 156 -20.15 -42.51 -4.84
C VAL F 156 -19.90 -42.73 -6.33
N HIS F 157 -19.75 -41.61 -7.05
CA HIS F 157 -19.44 -41.64 -8.47
C HIS F 157 -18.05 -42.23 -8.73
N GLU F 158 -17.92 -42.95 -9.85
CA GLU F 158 -16.62 -43.51 -10.22
C GLU F 158 -15.56 -42.41 -10.31
N GLN F 159 -15.93 -41.20 -10.74
CA GLN F 159 -14.98 -40.11 -10.85
C GLN F 159 -14.49 -39.59 -9.49
N SER F 160 -14.98 -40.11 -8.37
CA SER F 160 -14.69 -39.50 -7.08
C SER F 160 -13.88 -40.42 -6.17
N VAL F 161 -13.39 -41.55 -6.68
CA VAL F 161 -12.68 -42.54 -5.89
C VAL F 161 -11.23 -42.57 -6.34
N ALA F 162 -10.35 -42.13 -5.45
CA ALA F 162 -8.91 -42.26 -5.60
C ALA F 162 -8.49 -43.61 -5.02
N LYS F 163 -7.81 -44.43 -5.82
CA LYS F 163 -7.31 -45.70 -5.34
C LYS F 163 -5.93 -45.47 -4.73
N ILE F 164 -5.69 -46.05 -3.57
CA ILE F 164 -4.51 -45.73 -2.79
C ILE F 164 -3.75 -47.00 -2.46
N ASP F 165 -2.55 -46.83 -1.92
CA ASP F 165 -1.74 -47.98 -1.52
C ASP F 165 -2.50 -48.82 -0.52
N VAL F 166 -2.59 -50.11 -0.80
CA VAL F 166 -3.34 -51.01 0.05
C VAL F 166 -2.75 -51.12 1.47
N ASN F 167 -1.49 -50.73 1.65
CA ASN F 167 -0.81 -50.85 2.94
C ASN F 167 -0.74 -49.55 3.72
N ALA F 168 -1.50 -48.54 3.32
CA ALA F 168 -1.55 -47.32 4.13
C ALA F 168 -2.59 -47.46 5.25
N PRO F 169 -2.31 -46.92 6.44
CA PRO F 169 -3.32 -46.91 7.51
C PRO F 169 -4.52 -46.01 7.22
N LEU F 170 -5.70 -46.62 7.00
CA LEU F 170 -6.90 -45.86 6.64
C LEU F 170 -7.39 -44.93 7.75
N ASP F 171 -6.89 -45.08 8.97
CA ASP F 171 -7.23 -44.15 10.04
C ASP F 171 -6.26 -42.97 10.12
N LYS F 172 -5.34 -42.87 9.16
CA LYS F 172 -4.44 -41.73 9.05
C LYS F 172 -4.67 -40.96 7.77
N VAL F 173 -4.73 -41.67 6.64
CA VAL F 173 -4.89 -41.02 5.34
C VAL F 173 -6.31 -40.64 5.06
N CYS F 174 -7.23 -40.90 5.97
CA CYS F 174 -8.54 -40.26 5.87
C CYS F 174 -8.40 -38.73 5.89
N LEU F 175 -7.34 -38.21 6.51
CA LEU F 175 -7.06 -36.78 6.49
C LEU F 175 -6.72 -36.25 5.11
N LEU F 176 -6.10 -37.06 4.25
CA LEU F 176 -5.73 -36.61 2.91
C LEU F 176 -6.92 -36.39 2.01
N GLY F 177 -8.15 -36.63 2.48
CA GLY F 177 -9.32 -36.46 1.64
C GLY F 177 -9.86 -35.07 1.53
N CYS F 178 -9.31 -34.11 2.27
CA CYS F 178 -9.74 -32.72 2.15
C CYS F 178 -8.82 -31.76 2.91
N GLY F 179 -9.05 -31.61 4.22
CA GLY F 179 -8.47 -30.49 4.96
C GLY F 179 -6.97 -30.38 4.84
N VAL F 180 -6.25 -31.46 5.12
CA VAL F 180 -4.79 -31.42 5.12
C VAL F 180 -4.25 -31.27 3.70
N SER F 181 -4.85 -32.00 2.75
CA SER F 181 -4.43 -31.85 1.37
C SER F 181 -4.56 -30.41 0.91
N THR F 182 -5.64 -29.74 1.32
CA THR F 182 -5.91 -28.38 0.83
C THR F 182 -4.78 -27.44 1.23
N GLY F 183 -4.38 -27.49 2.49
CA GLY F 183 -3.32 -26.60 2.95
C GLY F 183 -1.98 -26.91 2.32
N TRP F 184 -1.74 -28.19 2.02
CA TRP F 184 -0.53 -28.62 1.33
C TRP F 184 -0.51 -28.08 -0.09
N GLY F 185 -1.56 -28.39 -0.85
CA GLY F 185 -1.61 -27.95 -2.24
C GLY F 185 -1.62 -26.44 -2.36
N ALA F 186 -2.25 -25.74 -1.42
CA ALA F 186 -2.26 -24.29 -1.47
C ALA F 186 -0.86 -23.73 -1.58
N VAL F 187 0.09 -24.35 -0.90
CA VAL F 187 1.48 -23.91 -1.01
C VAL F 187 2.09 -24.46 -2.29
N PHE F 188 1.92 -25.77 -2.54
CA PHE F 188 2.64 -26.41 -3.63
C PHE F 188 2.05 -26.08 -5.01
N ASN F 189 0.72 -26.12 -5.14
CA ASN F 189 0.05 -25.95 -6.42
C ASN F 189 -0.35 -24.51 -6.67
N THR F 190 -1.14 -23.93 -5.75
CA THR F 190 -1.68 -22.60 -5.96
C THR F 190 -0.58 -21.55 -5.87
N ALA F 191 0.00 -21.37 -4.69
CA ALA F 191 1.02 -20.33 -4.57
C ALA F 191 2.35 -20.72 -5.22
N LYS F 192 2.70 -22.01 -5.24
CA LYS F 192 4.03 -22.43 -5.67
C LYS F 192 5.11 -21.69 -4.86
N VAL F 193 5.01 -21.83 -3.54
CA VAL F 193 5.92 -21.11 -2.64
C VAL F 193 7.36 -21.47 -2.96
N THR F 194 8.18 -20.44 -2.99
CA THR F 194 9.56 -20.37 -3.45
C THR F 194 10.52 -20.62 -2.28
N ALA F 195 11.71 -21.14 -2.58
CA ALA F 195 12.71 -21.26 -1.52
C ALA F 195 13.09 -19.88 -0.97
N GLY F 196 13.31 -19.84 0.33
CA GLY F 196 13.67 -18.61 0.98
C GLY F 196 12.54 -17.63 1.22
N SER F 197 11.33 -17.94 0.77
CA SER F 197 10.22 -16.99 0.86
C SER F 197 9.85 -16.71 2.31
N THR F 198 8.98 -15.70 2.48
CA THR F 198 8.32 -15.45 3.75
C THR F 198 6.84 -15.78 3.60
N VAL F 199 6.31 -16.47 4.59
CA VAL F 199 4.92 -16.92 4.62
C VAL F 199 4.26 -16.37 5.88
N ALA F 200 2.99 -16.03 5.75
CA ALA F 200 2.16 -15.69 6.90
C ALA F 200 0.85 -16.44 6.79
N VAL F 201 0.56 -17.28 7.78
CA VAL F 201 -0.67 -18.06 7.76
C VAL F 201 -1.62 -17.52 8.81
N PHE F 202 -2.89 -17.36 8.41
CA PHE F 202 -3.95 -16.81 9.24
C PHE F 202 -4.91 -17.94 9.59
N GLY F 203 -4.80 -18.46 10.82
CA GLY F 203 -5.69 -19.49 11.32
C GLY F 203 -5.07 -20.88 11.47
N LEU F 204 -4.68 -21.25 12.68
CA LEU F 204 -3.85 -22.43 12.85
C LEU F 204 -4.68 -23.66 13.23
N GLY F 205 -5.76 -23.92 12.49
CA GLY F 205 -6.41 -25.21 12.48
C GLY F 205 -5.65 -26.23 11.64
N ALA F 206 -6.34 -27.30 11.26
CA ALA F 206 -5.70 -28.36 10.47
C ALA F 206 -5.13 -27.79 9.19
N VAL F 207 -5.99 -27.23 8.34
CA VAL F 207 -5.57 -26.49 7.16
C VAL F 207 -4.41 -25.54 7.44
N GLY F 208 -4.59 -24.63 8.40
CA GLY F 208 -3.53 -23.67 8.69
C GLY F 208 -2.19 -24.35 8.94
N LEU F 209 -2.19 -25.40 9.76
CA LEU F 209 -0.94 -26.09 10.05
C LEU F 209 -0.41 -26.82 8.81
N ALA F 210 -1.30 -27.40 8.01
CA ALA F 210 -0.89 -27.98 6.72
C ALA F 210 -0.14 -26.95 5.88
N VAL F 211 -0.65 -25.72 5.81
CA VAL F 211 0.06 -24.67 5.11
C VAL F 211 1.45 -24.49 5.70
N ILE F 212 1.52 -24.36 7.04
CA ILE F 212 2.82 -24.16 7.68
C ILE F 212 3.74 -25.33 7.40
N GLU F 213 3.20 -26.55 7.38
CA GLU F 213 4.02 -27.74 7.09
C GLU F 213 4.60 -27.66 5.68
N ALA F 214 3.73 -27.61 4.66
CA ALA F 214 4.18 -27.52 3.28
C ALA F 214 5.12 -26.34 3.07
N ALA F 215 4.92 -25.27 3.84
CA ALA F 215 5.78 -24.11 3.67
C ALA F 215 7.20 -24.39 4.17
N LYS F 216 7.35 -25.18 5.23
CA LYS F 216 8.71 -25.56 5.60
C LYS F 216 9.30 -26.49 4.55
N ARG F 217 8.51 -27.48 4.12
CA ARG F 217 8.96 -28.42 3.11
C ARG F 217 9.30 -27.73 1.80
N ALA F 218 8.80 -26.50 1.59
CA ALA F 218 9.10 -25.70 0.40
C ALA F 218 10.30 -24.80 0.57
N GLY F 219 10.84 -24.69 1.79
CA GLY F 219 11.99 -23.85 2.00
C GLY F 219 11.67 -22.44 2.45
N ALA F 220 10.50 -22.22 3.04
CA ALA F 220 10.20 -20.91 3.62
C ALA F 220 11.26 -20.56 4.66
N SER F 221 11.79 -19.35 4.58
CA SER F 221 12.80 -18.90 5.52
C SER F 221 12.21 -18.15 6.69
N ARG F 222 10.88 -18.04 6.73
CA ARG F 222 10.16 -17.34 7.79
C ARG F 222 8.67 -17.61 7.67
N ILE F 223 8.05 -18.17 8.70
CA ILE F 223 6.61 -18.50 8.66
C ILE F 223 5.94 -17.84 9.86
N ILE F 224 5.08 -16.86 9.60
CA ILE F 224 4.37 -16.14 10.66
C ILE F 224 2.99 -16.75 10.82
N ALA F 225 2.69 -17.22 12.02
CA ALA F 225 1.39 -17.81 12.32
C ALA F 225 0.54 -16.83 13.12
N VAL F 226 -0.76 -16.79 12.83
CA VAL F 226 -1.66 -15.79 13.39
C VAL F 226 -2.97 -16.49 13.80
N ASP F 227 -3.31 -16.42 15.09
CA ASP F 227 -4.60 -16.92 15.55
C ASP F 227 -5.05 -16.12 16.76
N ILE F 228 -6.38 -16.08 16.99
CA ILE F 228 -6.96 -15.50 18.20
C ILE F 228 -7.12 -16.57 19.26
N ASP F 229 -6.17 -17.50 19.30
CA ASP F 229 -6.17 -18.58 20.28
C ASP F 229 -4.71 -18.94 20.54
N PRO F 230 -4.09 -18.31 21.54
CA PRO F 230 -2.65 -18.57 21.79
C PRO F 230 -2.33 -20.01 22.14
N THR F 231 -3.34 -20.84 22.46
CA THR F 231 -3.14 -22.26 22.73
C THR F 231 -2.95 -23.08 21.46
N LYS F 232 -2.99 -22.45 20.29
CA LYS F 232 -2.60 -23.07 19.04
C LYS F 232 -1.16 -22.76 18.65
N PHE F 233 -0.50 -21.86 19.38
CA PHE F 233 0.86 -21.49 19.03
C PHE F 233 1.85 -22.63 19.22
N PRO F 234 1.88 -23.36 20.35
CA PRO F 234 2.97 -24.33 20.55
C PRO F 234 2.94 -25.47 19.55
N THR F 235 1.74 -25.91 19.13
CA THR F 235 1.69 -26.90 18.06
C THR F 235 2.13 -26.28 16.73
N ALA F 236 1.79 -25.01 16.48
CA ALA F 236 2.22 -24.35 15.25
C ALA F 236 3.74 -24.21 15.16
N LYS F 237 4.40 -23.94 16.29
CA LYS F 237 5.86 -23.88 16.28
C LYS F 237 6.49 -25.25 16.01
N GLU F 238 5.81 -26.34 16.41
CA GLU F 238 6.27 -27.68 16.07
C GLU F 238 6.28 -27.87 14.55
N PHE F 239 5.16 -27.54 13.91
CA PHE F 239 5.03 -27.74 12.47
C PHE F 239 5.92 -26.80 11.68
N GLY F 240 6.32 -25.66 12.24
CA GLY F 240 7.41 -24.92 11.62
C GLY F 240 7.39 -23.41 11.73
N ALA F 241 6.37 -22.86 12.38
CA ALA F 241 6.23 -21.40 12.47
C ALA F 241 7.40 -20.79 13.23
N THR F 242 8.07 -19.82 12.61
CA THR F 242 9.12 -19.09 13.29
C THR F 242 8.60 -17.87 14.05
N ASP F 243 7.31 -17.58 13.97
CA ASP F 243 6.71 -16.41 14.59
C ASP F 243 5.25 -16.70 14.94
N SNC F 244 4.76 -16.13 16.03
CA SNC F 244 3.39 -16.34 16.41
CB SNC F 244 3.16 -17.33 17.58
SG SNC F 244 3.51 -19.06 17.25
ND SNC F 244 5.21 -19.15 16.97
OE SNC F 244 6.03 -19.49 17.72
C SNC F 244 2.79 -14.98 16.82
O SNC F 244 3.32 -14.23 17.64
N ILE F 245 1.65 -14.66 16.21
CA ILE F 245 1.00 -13.38 16.44
C ILE F 245 -0.47 -13.54 16.80
N ASN F 246 -0.86 -12.95 17.94
CA ASN F 246 -2.27 -12.76 18.27
C ASN F 246 -2.70 -11.38 17.80
N PRO F 247 -3.74 -11.26 16.98
CA PRO F 247 -4.19 -9.92 16.57
C PRO F 247 -4.76 -9.12 17.72
N LYS F 248 -5.33 -9.78 18.74
CA LYS F 248 -5.88 -9.07 19.88
C LYS F 248 -4.79 -8.43 20.74
N ASP F 249 -3.56 -8.95 20.68
CA ASP F 249 -2.44 -8.36 21.42
C ASP F 249 -1.99 -7.03 20.84
N HIS F 250 -2.61 -6.57 19.74
CA HIS F 250 -2.19 -5.35 19.05
C HIS F 250 -3.38 -4.44 18.78
N GLU F 251 -3.07 -3.15 18.65
CA GLU F 251 -4.02 -2.08 18.40
C GLU F 251 -4.19 -1.85 16.90
N LYS F 252 -3.07 -1.56 16.21
CA LYS F 252 -3.00 -1.49 14.75
C LYS F 252 -3.72 -2.68 14.17
N PRO F 253 -4.35 -2.56 13.00
CA PRO F 253 -4.96 -3.74 12.37
C PRO F 253 -3.88 -4.77 12.02
N ILE F 254 -4.28 -6.04 12.04
CA ILE F 254 -3.30 -7.14 11.94
C ILE F 254 -2.44 -7.01 10.69
N GLN F 255 -2.99 -6.44 9.61
CA GLN F 255 -2.23 -6.27 8.38
C GLN F 255 -1.05 -5.34 8.58
N GLN F 256 -1.31 -4.15 9.11
CA GLN F 256 -0.23 -3.22 9.39
C GLN F 256 0.79 -3.83 10.35
N VAL F 257 0.34 -4.72 11.24
CA VAL F 257 1.28 -5.39 12.14
C VAL F 257 2.26 -6.22 11.32
N ILE F 258 1.72 -7.09 10.45
CA ILE F 258 2.58 -7.96 9.65
C ILE F 258 3.46 -7.14 8.73
N VAL F 259 2.91 -6.13 8.06
CA VAL F 259 3.77 -5.27 7.26
C VAL F 259 4.89 -4.66 8.12
N GLU F 260 4.67 -4.55 9.43
CA GLU F 260 5.70 -3.90 10.25
C GLU F 260 6.82 -4.88 10.61
N MET F 261 6.48 -6.14 10.92
CA MET F 261 7.53 -7.12 11.23
C MET F 261 8.37 -7.46 10.02
N THR F 262 7.84 -7.27 8.81
CA THR F 262 8.47 -7.70 7.56
C THR F 262 8.85 -6.55 6.64
N GLU F 263 8.58 -5.31 7.03
CA GLU F 263 8.80 -4.08 6.25
C GLU F 263 7.79 -3.89 5.11
N TRP F 264 7.68 -4.84 4.20
CA TRP F 264 6.79 -4.65 3.06
C TRP F 264 5.63 -5.62 2.97
N GLY F 265 5.53 -6.59 3.87
CA GLY F 265 4.62 -7.71 3.72
C GLY F 265 5.40 -9.00 3.56
N CYS F 266 4.62 -10.07 3.34
CA CYS F 266 5.14 -11.43 3.22
C CYS F 266 5.03 -11.87 1.76
N ASP F 267 5.97 -12.69 1.29
CA ASP F 267 5.92 -13.21 -0.09
C ASP F 267 4.61 -13.94 -0.37
N TYR F 268 4.11 -14.70 0.61
CA TYR F 268 2.85 -15.44 0.49
C TYR F 268 2.06 -15.29 1.77
N THR F 269 0.75 -15.13 1.64
CA THR F 269 -0.14 -15.12 2.79
C THR F 269 -1.30 -16.04 2.49
N PHE F 270 -1.67 -16.84 3.49
CA PHE F 270 -2.75 -17.81 3.37
C PHE F 270 -3.80 -17.52 4.44
N GLU F 271 -5.07 -17.50 4.04
CA GLU F 271 -6.19 -17.27 4.95
C GLU F 271 -6.94 -18.59 5.13
N CYS F 272 -6.79 -19.21 6.31
CA CYS F 272 -7.48 -20.48 6.54
C CYS F 272 -8.53 -20.36 7.62
N ILE F 273 -9.41 -19.36 7.52
CA ILE F 273 -10.48 -19.17 8.50
C ILE F 273 -11.85 -19.13 7.84
N GLY F 274 -11.99 -18.35 6.78
CA GLY F 274 -13.29 -18.14 6.19
C GLY F 274 -13.95 -16.84 6.56
N ASN F 275 -13.21 -15.92 7.17
CA ASN F 275 -13.67 -14.59 7.61
C ASN F 275 -13.20 -13.54 6.60
N THR F 276 -14.15 -12.79 6.02
CA THR F 276 -13.79 -11.85 4.95
C THR F 276 -12.95 -10.68 5.43
N ALA F 277 -13.02 -10.31 6.70
CA ALA F 277 -12.12 -9.27 7.18
C ALA F 277 -10.68 -9.76 7.15
N VAL F 278 -10.44 -10.99 7.59
CA VAL F 278 -9.09 -11.53 7.61
C VAL F 278 -8.58 -11.72 6.18
N MET F 279 -9.46 -12.15 5.28
CA MET F 279 -9.10 -12.26 3.87
C MET F 279 -8.48 -10.97 3.36
N ARG F 280 -9.24 -9.86 3.43
CA ARG F 280 -8.72 -8.56 3.04
C ARG F 280 -7.41 -8.24 3.76
N ALA F 281 -7.33 -8.63 5.04
CA ALA F 281 -6.13 -8.38 5.80
C ALA F 281 -4.95 -9.14 5.22
N ALA F 282 -5.17 -10.41 4.84
CA ALA F 282 -4.05 -11.23 4.36
C ALA F 282 -3.54 -10.72 3.02
N LEU F 283 -4.47 -10.28 2.16
CA LEU F 283 -4.05 -9.62 0.93
C LEU F 283 -3.18 -8.42 1.22
N GLU F 284 -3.57 -7.60 2.20
CA GLU F 284 -2.89 -6.33 2.41
C GLU F 284 -1.56 -6.44 3.15
N CYS F 285 -1.26 -7.56 3.79
CA CYS F 285 0.08 -7.81 4.27
C CYS F 285 0.86 -8.73 3.34
N ALA F 286 0.31 -9.05 2.16
CA ALA F 286 1.13 -9.62 1.11
C ALA F 286 2.12 -8.57 0.63
N HIS F 287 3.27 -9.06 0.20
CA HIS F 287 4.42 -8.21 0.02
C HIS F 287 4.22 -7.28 -1.18
N ARG F 288 4.57 -6.00 -0.99
CA ARG F 288 4.38 -5.01 -2.05
C ARG F 288 5.13 -5.42 -3.32
N GLY F 289 4.50 -5.22 -4.47
CA GLY F 289 5.15 -5.48 -5.74
C GLY F 289 4.96 -6.88 -6.31
N TRP F 290 4.87 -7.91 -5.47
CA TRP F 290 4.75 -9.28 -5.96
C TRP F 290 4.05 -10.24 -5.01
N GLY F 291 3.54 -9.77 -3.87
CA GLY F 291 3.01 -10.70 -2.90
C GLY F 291 1.79 -11.42 -3.44
N THR F 292 1.67 -12.70 -3.05
CA THR F 292 0.50 -13.51 -3.37
C THR F 292 -0.31 -13.77 -2.09
N SER F 293 -1.62 -13.60 -2.16
CA SER F 293 -2.52 -14.04 -1.11
C SER F 293 -3.44 -15.11 -1.67
N VAL F 294 -3.45 -16.28 -1.04
CA VAL F 294 -4.31 -17.40 -1.43
C VAL F 294 -5.42 -17.51 -0.41
N ILE F 295 -6.66 -17.39 -0.87
CA ILE F 295 -7.84 -17.60 -0.02
C ILE F 295 -8.14 -19.10 0.04
N VAL F 296 -7.95 -19.69 1.22
CA VAL F 296 -8.20 -21.12 1.45
C VAL F 296 -9.59 -21.36 2.04
N GLY F 297 -9.97 -20.54 3.04
CA GLY F 297 -11.21 -20.76 3.76
C GLY F 297 -12.44 -20.38 2.95
N VAL F 298 -13.57 -20.88 3.42
CA VAL F 298 -14.87 -20.71 2.78
C VAL F 298 -15.71 -19.75 3.61
N ALA F 299 -16.18 -18.68 3.00
CA ALA F 299 -16.94 -17.65 3.69
C ALA F 299 -18.45 -17.89 3.58
N ALA F 300 -19.20 -17.10 4.34
CA ALA F 300 -20.65 -17.17 4.31
C ALA F 300 -21.17 -16.74 2.94
N ALA F 301 -22.09 -17.53 2.39
CA ALA F 301 -22.59 -17.25 1.05
C ALA F 301 -23.16 -15.84 0.98
N GLY F 302 -22.77 -15.09 -0.05
CA GLY F 302 -23.17 -13.72 -0.24
C GLY F 302 -22.23 -12.69 0.37
N GLN F 303 -21.50 -13.04 1.41
CA GLN F 303 -20.49 -12.16 1.98
C GLN F 303 -19.42 -11.86 0.93
N GLU F 304 -18.88 -10.64 0.99
CA GLU F 304 -17.96 -10.16 -0.02
C GLU F 304 -16.59 -9.91 0.60
N ILE F 305 -15.55 -10.00 -0.22
CA ILE F 305 -14.23 -9.49 0.11
C ILE F 305 -14.08 -8.15 -0.58
N SER F 306 -13.23 -7.31 0.01
CA SER F 306 -12.97 -5.99 -0.52
C SER F 306 -11.51 -5.61 -0.29
N THR F 307 -11.04 -4.71 -1.15
CA THR F 307 -9.82 -3.97 -0.89
C THR F 307 -9.79 -2.76 -1.83
N ARG F 308 -8.67 -1.99 -1.77
CA ARG F 308 -8.42 -0.87 -2.69
C ARG F 308 -7.66 -1.35 -3.92
N PRO F 309 -8.13 -1.02 -5.13
CA PRO F 309 -7.42 -1.47 -6.35
C PRO F 309 -5.93 -1.14 -6.31
N PHE F 310 -5.58 -0.13 -5.53
CA PHE F 310 -4.17 0.19 -5.32
C PHE F 310 -3.38 -1.03 -4.86
N GLN F 311 -3.98 -1.88 -4.02
CA GLN F 311 -3.22 -3.00 -3.49
C GLN F 311 -2.80 -3.98 -4.58
N LEU F 312 -3.50 -3.98 -5.71
CA LEU F 312 -3.16 -4.88 -6.81
C LEU F 312 -2.44 -4.16 -7.94
N VAL F 313 -2.70 -2.86 -8.09
CA VAL F 313 -1.95 -2.10 -9.08
C VAL F 313 -0.51 -1.96 -8.62
N THR F 314 -0.24 -2.12 -7.33
CA THR F 314 1.15 -2.07 -6.86
C THR F 314 1.67 -3.43 -6.47
N GLY F 315 1.10 -4.49 -7.02
CA GLY F 315 1.84 -5.72 -7.23
C GLY F 315 1.30 -6.95 -6.56
N ARG F 316 0.32 -6.85 -5.69
CA ARG F 316 -0.13 -8.07 -5.06
C ARG F 316 -1.08 -8.81 -5.99
N ARG F 317 -1.34 -10.08 -5.65
CA ARG F 317 -2.14 -10.98 -6.48
C ARG F 317 -3.06 -11.74 -5.55
N TRP F 318 -4.34 -11.69 -5.85
CA TRP F 318 -5.35 -12.35 -5.04
C TRP F 318 -5.81 -13.62 -5.75
N MET F 319 -5.69 -14.76 -5.09
CA MET F 319 -6.21 -15.98 -5.67
C MET F 319 -6.80 -16.87 -4.57
N GLY F 320 -7.36 -18.00 -4.99
CA GLY F 320 -7.95 -18.96 -4.08
C GLY F 320 -7.56 -20.39 -4.40
N THR F 321 -8.22 -21.35 -3.78
CA THR F 321 -7.88 -22.74 -4.03
C THR F 321 -9.08 -23.59 -3.62
N ALA F 322 -9.27 -24.68 -4.35
CA ALA F 322 -10.26 -25.69 -3.99
C ALA F 322 -9.54 -27.02 -3.87
N PHE F 323 -9.59 -27.61 -2.68
CA PHE F 323 -8.92 -28.87 -2.43
C PHE F 323 -7.46 -28.76 -2.86
N GLY F 324 -6.86 -27.61 -2.53
CA GLY F 324 -5.45 -27.37 -2.81
C GLY F 324 -5.04 -27.43 -4.26
N GLY F 325 -5.99 -27.41 -5.19
CA GLY F 325 -5.64 -27.53 -6.59
C GLY F 325 -5.22 -28.92 -7.05
N TYR F 326 -5.28 -29.91 -6.17
CA TYR F 326 -4.93 -31.28 -6.52
C TYR F 326 -5.98 -31.88 -7.45
N LYS F 327 -5.55 -32.51 -8.54
CA LYS F 327 -6.43 -33.31 -9.38
C LYS F 327 -6.65 -34.67 -8.70
N SER F 328 -7.85 -34.86 -8.13
CA SER F 328 -8.02 -35.78 -7.01
C SER F 328 -7.54 -37.19 -7.33
N ARG F 329 -8.13 -37.83 -8.34
CA ARG F 329 -7.89 -39.25 -8.56
C ARG F 329 -6.45 -39.52 -9.00
N VAL F 330 -5.85 -38.60 -9.74
CA VAL F 330 -4.49 -38.88 -10.19
C VAL F 330 -3.50 -38.52 -9.10
N GLN F 331 -3.85 -37.60 -8.21
CA GLN F 331 -2.84 -37.02 -7.32
C GLN F 331 -3.00 -37.41 -5.86
N VAL F 332 -4.21 -37.73 -5.40
CA VAL F 332 -4.37 -38.20 -4.02
C VAL F 332 -3.59 -39.48 -3.82
N PRO F 333 -3.53 -40.43 -4.78
CA PRO F 333 -2.65 -41.58 -4.60
C PRO F 333 -1.21 -41.16 -4.46
N ASP F 334 -0.84 -40.00 -5.01
CA ASP F 334 0.51 -39.50 -4.84
C ASP F 334 0.75 -39.01 -3.42
N LEU F 335 -0.27 -38.38 -2.80
CA LEU F 335 -0.13 -37.92 -1.41
C LEU F 335 0.02 -39.10 -0.45
N VAL F 336 -0.73 -40.18 -0.68
CA VAL F 336 -0.51 -41.40 0.09
C VAL F 336 0.93 -41.86 -0.05
N THR F 337 1.46 -41.82 -1.28
CA THR F 337 2.83 -42.26 -1.51
C THR F 337 3.82 -41.43 -0.70
N ASP F 338 3.66 -40.11 -0.69
N ASP F 338 3.67 -40.10 -0.69
CA ASP F 338 4.56 -39.29 0.11
CA ASP F 338 4.60 -39.31 0.12
C ASP F 338 4.40 -39.61 1.59
C ASP F 338 4.41 -39.58 1.61
N TYR F 339 3.18 -39.90 2.03
CA TYR F 339 2.97 -40.33 3.41
C TYR F 339 3.80 -41.59 3.72
N MET F 340 3.68 -42.61 2.85
CA MET F 340 4.38 -43.87 3.02
C MET F 340 5.90 -43.74 2.86
N SER F 341 6.46 -42.58 2.53
CA SER F 341 7.91 -42.45 2.54
C SER F 341 8.42 -41.71 3.77
N GLY F 342 7.59 -41.56 4.79
CA GLY F 342 8.01 -40.86 6.00
C GLY F 342 8.23 -39.38 5.85
N ALA F 343 7.66 -38.75 4.83
CA ALA F 343 7.99 -37.36 4.51
C ALA F 343 7.02 -36.36 5.13
N THR F 344 5.86 -36.79 5.58
CA THR F 344 4.87 -35.87 6.09
C THR F 344 4.79 -35.96 7.61
N LEU F 345 4.07 -35.01 8.17
CA LEU F 345 3.70 -35.06 9.58
C LEU F 345 2.25 -35.47 9.74
N LEU F 346 1.73 -36.29 8.82
CA LEU F 346 0.31 -36.58 8.80
C LEU F 346 -0.17 -37.10 10.14
N ASP F 347 0.68 -37.83 10.85
CA ASP F 347 0.23 -38.43 12.09
C ASP F 347 -0.06 -37.36 13.15
N LYS F 348 0.76 -36.29 13.20
CA LYS F 348 0.58 -35.26 14.23
C LYS F 348 -0.71 -34.47 14.09
N TYR F 349 -1.39 -34.54 12.93
CA TYR F 349 -2.62 -33.77 12.76
C TYR F 349 -3.77 -34.34 13.60
N ILE F 350 -3.74 -35.63 13.89
CA ILE F 350 -4.83 -36.27 14.62
C ILE F 350 -4.59 -36.13 16.11
N THR F 351 -5.60 -35.60 16.81
CA THR F 351 -5.53 -35.37 18.25
C THR F 351 -6.45 -36.27 19.06
N HIS F 352 -7.46 -36.86 18.43
CA HIS F 352 -8.45 -37.66 19.13
C HIS F 352 -8.94 -38.77 18.21
N ASN F 353 -8.78 -40.02 18.63
CA ASN F 353 -9.50 -41.12 17.98
C ASN F 353 -10.69 -41.46 18.86
N MET F 354 -11.89 -41.49 18.26
CA MET F 354 -13.14 -41.78 18.95
C MET F 354 -13.99 -42.69 18.08
N LYS F 355 -15.01 -43.30 18.68
CA LYS F 355 -15.88 -44.25 18.00
C LYS F 355 -17.08 -43.54 17.38
N PHE F 356 -17.67 -44.16 16.37
CA PHE F 356 -18.66 -43.44 15.57
C PHE F 356 -19.92 -43.11 16.35
N ASP F 357 -20.21 -43.87 17.41
CA ASP F 357 -21.37 -43.55 18.23
C ASP F 357 -21.20 -42.18 18.90
N GLN F 358 -19.96 -41.70 19.04
CA GLN F 358 -19.68 -40.44 19.71
C GLN F 358 -19.62 -39.25 18.75
N ILE F 359 -20.21 -39.34 17.55
CA ILE F 359 -20.01 -38.33 16.53
C ILE F 359 -20.38 -36.94 17.05
N ASN F 360 -21.43 -36.85 17.86
CA ASN F 360 -21.94 -35.55 18.23
C ASN F 360 -21.02 -34.85 19.22
N GLU F 361 -20.31 -35.61 20.05
CA GLU F 361 -19.34 -34.97 20.91
C GLU F 361 -18.06 -34.59 20.17
N ALA F 362 -17.81 -35.20 19.02
CA ALA F 362 -16.71 -34.74 18.19
C ALA F 362 -17.02 -33.35 17.64
N PHE F 363 -18.30 -33.08 17.34
CA PHE F 363 -18.68 -31.76 16.86
C PHE F 363 -18.55 -30.70 17.94
N GLU F 364 -18.81 -31.04 19.20
CA GLU F 364 -18.63 -30.03 20.24
C GLU F 364 -17.16 -29.84 20.59
N LEU F 365 -16.33 -30.89 20.45
CA LEU F 365 -14.90 -30.68 20.59
C LEU F 365 -14.36 -29.81 19.46
N LEU F 366 -15.02 -29.83 18.30
CA LEU F 366 -14.69 -28.95 17.21
C LEU F 366 -15.10 -27.51 17.58
N HIS F 367 -16.41 -27.28 17.73
CA HIS F 367 -16.99 -25.94 17.92
C HIS F 367 -16.24 -25.13 18.97
N ALA F 368 -15.49 -25.81 19.84
CA ALA F 368 -14.65 -25.16 20.85
C ALA F 368 -13.19 -25.08 20.44
N GLY F 369 -12.80 -25.69 19.32
CA GLY F 369 -11.43 -25.65 18.86
C GLY F 369 -10.42 -26.20 19.87
N GLU F 370 -10.68 -27.39 20.41
CA GLU F 370 -9.73 -28.07 21.27
C GLU F 370 -9.02 -29.22 20.56
N CYS F 371 -9.61 -29.74 19.50
CA CYS F 371 -9.00 -30.68 18.58
C CYS F 371 -8.54 -29.97 17.30
N LEU F 372 -7.75 -30.69 16.51
CA LEU F 372 -7.50 -30.33 15.13
C LEU F 372 -8.36 -31.18 14.19
N ARG F 373 -8.29 -32.49 14.37
CA ARG F 373 -8.96 -33.51 13.58
C ARG F 373 -9.20 -34.69 14.51
N CYS F 374 -10.45 -35.16 14.56
CA CYS F 374 -10.77 -36.44 15.22
C CYS F 374 -11.23 -37.47 14.21
N VAL F 375 -10.44 -38.54 14.09
CA VAL F 375 -10.81 -39.70 13.27
C VAL F 375 -11.82 -40.54 14.04
N LEU F 376 -12.92 -40.89 13.38
CA LEU F 376 -13.92 -41.79 13.93
C LEU F 376 -13.83 -43.11 13.20
N THR F 377 -13.86 -44.19 13.97
CA THR F 377 -13.98 -45.54 13.42
C THR F 377 -15.27 -46.15 13.95
N PHE F 378 -15.79 -47.13 13.22
CA PHE F 378 -17.12 -47.66 13.51
C PHE F 378 -17.21 -48.70 14.64
ZN ZN G . 0.24 9.11 -19.05
ZN ZN H . 15.04 0.72 -7.12
PA NAD I . -9.06 6.95 -21.92
O1A NAD I . -9.93 7.74 -20.96
O2A NAD I . -8.65 7.22 -23.34
O5B NAD I . -10.14 5.51 -22.12
C5B NAD I . -11.41 5.73 -21.51
C4B NAD I . -12.40 4.64 -22.08
O4B NAD I . -13.18 4.03 -21.04
C3B NAD I . -13.39 5.36 -23.03
O3B NAD I . -13.22 4.70 -24.24
C2B NAD I . -14.75 5.09 -22.38
O2B NAD I . -15.75 4.85 -23.31
C1B NAD I . -14.45 3.75 -21.62
N9A NAD I . -15.43 3.51 -20.50
C8A NAD I . -15.84 4.37 -19.45
N7A NAD I . -16.74 3.81 -18.63
C5A NAD I . -16.96 2.51 -19.17
C6A NAD I . -17.81 1.41 -18.75
N6A NAD I . -18.59 1.54 -17.65
N1A NAD I . -17.83 0.23 -19.46
C2A NAD I . -17.00 0.19 -20.56
N3A NAD I . -16.14 1.13 -21.07
C4A NAD I . -16.15 2.30 -20.34
O3 NAD I . -7.84 6.55 -20.89
PN NAD I . -6.56 5.67 -21.44
O1N NAD I . -5.29 6.35 -21.93
O2N NAD I . -7.16 4.40 -21.95
O5D NAD I . -5.92 4.99 -19.81
C5D NAD I . -7.03 4.53 -19.09
C4D NAD I . -6.69 4.16 -17.61
O4D NAD I . -5.35 3.58 -17.49
C3D NAD I . -6.76 5.49 -16.72
O3D NAD I . -7.74 5.35 -15.74
C2D NAD I . -5.34 5.59 -16.10
O2D NAD I . -5.34 5.87 -14.72
C1D NAD I . -4.79 4.09 -16.28
N1N NAD I . -3.22 4.09 -16.39
C2N NAD I . -2.51 3.22 -15.58
C3N NAD I . -1.09 3.20 -15.63
C7N NAD I . -0.36 2.22 -14.72
O7N NAD I . 0.85 2.28 -14.52
N7N NAD I . -1.15 1.24 -14.10
C4N NAD I . -0.41 4.07 -16.52
C5N NAD I . -1.15 4.93 -17.33
C6N NAD I . -2.56 4.95 -17.26
ZN ZN J . -35.87 5.85 4.69
ZN ZN K . -47.37 12.82 -10.97
PA NAD L . -30.48 9.65 12.45
O1A NAD L . -31.35 9.74 13.69
O2A NAD L . -29.49 8.60 12.03
O5B NAD L . -29.40 11.05 12.83
C5B NAD L . -29.82 11.74 14.00
C4B NAD L . -28.66 12.70 14.46
O4B NAD L . -29.18 13.94 14.95
C3B NAD L . -27.90 12.00 15.64
O3B NAD L . -26.58 11.74 15.19
C2B NAD L . -28.02 13.04 16.78
O2B NAD L . -26.81 13.27 17.44
C1B NAD L . -28.37 14.34 16.03
N9A NAD L . -29.17 15.22 16.95
C8A NAD L . -30.34 14.90 17.70
N7A NAD L . -30.81 15.94 18.43
C5A NAD L . -29.90 16.99 18.17
C6A NAD L . -29.84 18.31 18.64
N6A NAD L . -30.80 18.74 19.51
N1A NAD L . -28.83 19.14 18.22
C2A NAD L . -27.92 18.61 17.34
N3A NAD L . -27.83 17.37 16.81
C4A NAD L . -28.86 16.57 17.26
O3 NAD L . -31.62 10.11 11.28
PN NAD L . -31.29 10.05 9.65
O1N NAD L . -31.50 8.79 8.83
O2N NAD L . -30.26 11.11 9.43
O5D NAD L . -32.66 11.04 8.95
C5D NAD L . -32.81 12.12 9.80
C4D NAD L . -34.05 12.92 9.42
O4D NAD L . -34.24 12.83 7.98
C3D NAD L . -35.33 12.25 10.13
O3D NAD L . -36.17 13.29 10.62
C2D NAD L . -36.01 11.54 8.97
O2D NAD L . -37.42 11.56 9.07
C1D NAD L . -35.61 12.55 7.80
N1N NAD L . -35.82 11.97 6.39
C2N NAD L . -36.44 12.84 5.52
C3N NAD L . -36.71 12.46 4.18
C7N NAD L . -37.41 13.56 3.32
O7N NAD L . -37.70 13.39 2.11
N7N NAD L . -37.69 14.77 3.97
C4N NAD L . -36.31 11.15 3.76
C5N NAD L . -35.68 10.28 4.68
C6N NAD L . -35.42 10.69 6.01
ZN ZN M . -42.87 54.53 4.36
ZN ZN N . -22.92 49.03 0.92
PA NAD O . -51.34 50.70 5.01
O1A NAD O . -51.76 50.54 6.45
O2A NAD O . -51.74 51.73 3.99
O5B NAD O . -52.15 49.27 4.40
C5B NAD O . -52.66 48.54 5.47
C4B NAD O . -53.69 47.59 4.86
O4B NAD O . -53.75 46.39 5.61
C3B NAD O . -55.09 48.32 4.97
O3B NAD O . -55.68 48.23 3.69
C2B NAD O . -55.81 47.45 6.02
O2B NAD O . -57.17 47.37 5.78
C1B NAD O . -55.12 46.05 5.69
N9A NAD O . -55.27 45.06 6.75
C8A NAD O . -55.07 45.15 8.11
N7A NAD O . -55.30 44.01 8.75
C5A NAD O . -55.68 43.11 7.74
C6A NAD O . -56.08 41.73 7.75
N6A NAD O . -56.14 41.01 8.91
N1A NAD O . -56.40 41.12 6.60
C2A NAD O . -56.34 41.89 5.47
N3A NAD O . -56.00 43.20 5.30
C4A NAD O . -55.67 43.77 6.48
O3 NAD O . -49.75 50.30 5.13
PN NAD O . -48.82 50.44 3.81
O1N NAD O . -48.06 51.72 3.54
O2N NAD O . -49.49 49.52 2.84
O5D NAD O . -47.38 49.35 4.16
C5D NAD O . -47.80 48.21 4.83
C4D NAD O . -46.59 47.51 5.43
O4D NAD O . -45.39 47.57 4.53
C3D NAD O . -46.18 48.28 6.71
O3D NAD O . -46.08 47.35 7.76
C2D NAD O . -44.80 48.90 6.30
O2D NAD O . -43.89 49.02 7.34
C1D NAD O . -44.27 47.76 5.37
N1N NAD O . -42.99 48.24 4.54
C2N NAD O . -41.86 47.34 4.24
C3N NAD O . -40.72 47.83 3.47
C7N NAD O . -39.50 46.86 3.13
O7N NAD O . -38.45 47.11 2.29
N7N NAD O . -39.64 45.64 3.80
C4N NAD O . -40.78 49.17 3.05
C5N NAD O . -41.87 50.00 3.36
C6N NAD O . -42.97 49.53 4.10
ZN ZN P . 33.20 -25.10 -15.55
ZN ZN Q . 22.80 -29.39 2.29
PA NAD R . 41.26 -20.40 -18.32
O1A NAD R . 42.31 -21.41 -18.72
O2A NAD R . 40.29 -19.62 -19.17
O5B NAD R . 42.36 -19.11 -17.67
C5B NAD R . 43.70 -19.53 -17.72
C4B NAD R . 44.58 -18.26 -17.63
O4B NAD R . 45.65 -18.39 -16.66
C3B NAD R . 45.24 -18.05 -19.02
O3B NAD R . 44.99 -16.74 -19.29
C2B NAD R . 46.73 -18.32 -18.74
O2B NAD R . 47.59 -17.53 -19.50
C1B NAD R . 46.81 -17.83 -17.27
N9A NAD R . 47.97 -18.42 -16.65
C8A NAD R . 48.37 -19.77 -16.61
N7A NAD R . 49.52 -19.97 -15.94
C5A NAD R . 49.91 -18.68 -15.51
C6A NAD R . 51.03 -18.22 -14.77
N6A NAD R . 51.97 -19.13 -14.33
N1A NAD R . 51.17 -16.88 -14.48
C2A NAD R . 50.19 -16.04 -14.96
N3A NAD R . 49.07 -16.33 -15.68
C4A NAD R . 48.96 -17.69 -15.95
O3 NAD R . 40.60 -21.20 -17.05
PN NAD R . 39.26 -20.62 -16.35
O1N NAD R . 37.89 -21.05 -16.80
O2N NAD R . 39.73 -19.29 -15.85
O5D NAD R . 39.32 -21.50 -14.71
C5D NAD R . 40.61 -21.34 -14.18
C4D NAD R . 40.75 -22.04 -12.80
O4D NAD R . 39.50 -21.93 -11.98
C3D NAD R . 41.03 -23.58 -13.06
O3D NAD R . 42.02 -23.99 -12.13
C2D NAD R . 39.66 -24.22 -12.75
O2D NAD R . 39.73 -25.54 -12.27
C1D NAD R . 39.23 -23.26 -11.53
N1N NAD R . 37.72 -23.39 -11.13
C2N NAD R . 37.45 -23.31 -9.77
C3N NAD R . 36.12 -23.41 -9.31
C7N NAD R . 35.87 -23.33 -7.77
O7N NAD R . 34.76 -23.58 -7.29
N7N NAD R . 36.95 -22.95 -6.95
C4N NAD R . 35.08 -23.59 -10.26
C5N NAD R . 35.40 -23.66 -11.63
C6N NAD R . 36.72 -23.56 -12.06
CL CL S . 46.32 -26.03 -13.84
ZN ZN T . 57.82 -13.57 25.75
ZN ZN U . 51.31 2.80 14.97
PA NAD V . 56.69 -23.58 25.24
O1A NAD V . 57.82 -24.03 24.33
O2A NAD V . 56.52 -23.66 26.73
O5B NAD V . 55.46 -24.71 24.64
C5B NAD V . 56.08 -25.90 24.30
C4B NAD V . 55.01 -26.94 24.11
O4B NAD V . 55.16 -27.55 22.83
C3B NAD V . 55.25 -28.04 25.17
O3B NAD V . 54.04 -28.13 25.89
C2B NAD V . 55.57 -29.28 24.27
O2B NAD V . 55.06 -30.48 24.77
C1B NAD V . 54.76 -28.89 23.00
N9A NAD V . 55.19 -29.63 21.79
C8A NAD V . 56.43 -29.64 21.13
N7A NAD V . 56.44 -30.44 20.05
C5A NAD V . 55.14 -30.98 19.98
C6A NAD V . 54.54 -31.88 19.06
N6A NAD V . 55.28 -32.36 18.01
N1A NAD V . 53.21 -32.26 19.22
C2A NAD V . 52.55 -31.71 20.30
N3A NAD V . 53.00 -30.84 21.26
C4A NAD V . 54.33 -30.50 21.05
O3 NAD V . 56.41 -22.13 24.56
PN NAD V . 55.24 -21.17 25.16
O1N NAD V . 55.61 -20.03 26.08
O2N NAD V . 54.03 -22.04 25.19
O5D NAD V . 54.76 -20.17 23.67
C5D NAD V . 54.42 -21.05 22.62
C4D NAD V . 54.81 -20.45 21.25
O4D NAD V . 54.33 -19.08 21.15
C3D NAD V . 56.39 -20.40 21.14
O3D NAD V . 56.73 -20.97 19.91
C2D NAD V . 56.69 -18.87 21.19
O2D NAD V . 57.78 -18.43 20.40
C1D NAD V . 55.35 -18.33 20.53
N1N NAD V . 55.10 -16.81 20.82
C2N NAD V . 54.46 -16.09 19.83
C3N NAD V . 54.20 -14.71 20.02
C7N NAD V . 53.48 -13.96 18.88
O7N NAD V . 53.57 -12.73 18.77
N7N NAD V . 52.68 -14.72 18.01
C4N NAD V . 54.61 -14.10 21.22
C5N NAD V . 55.25 -14.86 22.20
C6N NAD V . 55.50 -16.23 22.00
ZN ZN W . -13.47 -30.12 4.31
ZN ZN X . -13.43 -33.52 -15.23
PA NAD Y . -10.63 -24.76 12.00
O1A NAD Y . -11.86 -24.01 12.47
O2A NAD Y . -9.92 -25.92 12.59
O5B NAD Y . -9.45 -23.50 12.29
C5B NAD Y . -10.11 -22.35 12.68
C4B NAD Y . -9.06 -21.41 13.19
O4B NAD Y . -9.39 -20.07 12.83
C3B NAD Y . -9.10 -21.51 14.75
O3B NAD Y . -7.80 -21.86 15.12
C2B NAD Y . -9.50 -20.06 15.15
O2B NAD Y . -8.83 -19.61 16.27
C1B NAD Y . -8.94 -19.27 13.93
N9A NAD Y . -9.58 -17.97 13.79
C8A NAD Y . -10.95 -17.65 13.77
N7A NAD Y . -11.17 -16.35 13.62
C5A NAD Y . -9.89 -15.77 13.55
C6A NAD Y . -9.45 -14.43 13.39
N6A NAD Y . -10.40 -13.45 13.29
N1A NAD Y . -8.10 -14.13 13.34
C2A NAD Y . -7.22 -15.21 13.45
N3A NAD Y . -7.49 -16.53 13.62
C4A NAD Y . -8.87 -16.78 13.66
O3 NAD Y . -10.97 -24.79 10.38
PN NAD Y . -10.17 -25.85 9.43
O1N NAD Y . -10.74 -27.24 9.24
O2N NAD Y . -8.76 -25.43 9.58
O5D NAD Y . -10.42 -25.19 7.75
C5D NAD Y . -10.43 -23.80 7.82
C4D NAD Y . -11.23 -23.25 6.66
O4D NAD Y . -10.80 -23.91 5.42
C3D NAD Y . -12.75 -23.62 6.87
O3D NAD Y . -13.51 -22.45 6.69
C2D NAD Y . -13.01 -24.63 5.75
O2D NAD Y . -14.26 -24.46 5.17
C1D NAD Y . -11.96 -24.15 4.69
N1N NAD Y . -11.62 -25.29 3.73
C2N NAD Y . -11.42 -24.96 2.38
C3N NAD Y . -11.08 -25.99 1.46
C7N NAD Y . -10.84 -25.62 0.03
O7N NAD Y . -10.72 -26.51 -0.84
N7N NAD Y . -10.71 -24.25 -0.27
C4N NAD Y . -10.95 -27.30 1.92
C5N NAD Y . -11.16 -27.57 3.27
C6N NAD Y . -11.50 -26.56 4.18
#